data_5DKN
# 
_entry.id   5DKN 
# 
_audit_conform.dict_name       mmcif_pdbx.dic 
_audit_conform.dict_version    5.379 
_audit_conform.dict_location   http://mmcif.pdb.org/dictionaries/ascii/mmcif_pdbx.dic 
# 
loop_
_database_2.database_id 
_database_2.database_code 
_database_2.pdbx_database_accession 
_database_2.pdbx_DOI 
PDB   5DKN         pdb_00005dkn 10.2210/pdb5dkn/pdb 
WWPDB D_1000213354 ?            ?                   
# 
loop_
_pdbx_database_related.content_type 
_pdbx_database_related.db_id 
_pdbx_database_related.db_name 
_pdbx_database_related.details 
unspecified 5DKQ PDB . 
unspecified 5DKR PDB . 
# 
_pdbx_database_status.status_code                     REL 
_pdbx_database_status.status_code_sf                  REL 
_pdbx_database_status.status_code_mr                  ? 
_pdbx_database_status.entry_id                        5DKN 
_pdbx_database_status.recvd_initial_deposition_date   2015-09-03 
_pdbx_database_status.SG_entry                        N 
_pdbx_database_status.deposit_site                    RCSB 
_pdbx_database_status.process_site                    RCSB 
_pdbx_database_status.status_code_cs                  ? 
_pdbx_database_status.methods_development_category    ? 
_pdbx_database_status.pdb_format_compatible           Y 
_pdbx_database_status.status_code_nmr_data            ? 
# 
loop_
_audit_author.name 
_audit_author.pdbx_ordinal 
'Cavalier, M.C.'      1  
'Ansari, M.I.'        2  
'Pierce, A.D.'        3  
'Wilder, P.T.'        4  
'McKnight, L.E.'      5  
'Raman, E.P.'         6  
'Neau, D.B.'          7  
'Bezawada, P.'        8  
'Alasady, M.J.'       9  
'Varney, K.M.'        10 
'Toth, E.A.'          11 
'MacKerell Jr., A.D.' 12 
'Coop, A.'            13 
'Weber, D.J.'         14 
# 
_citation.abstract                  ? 
_citation.abstract_id_CAS           ? 
_citation.book_id_ISBN              ? 
_citation.book_publisher            ? 
_citation.book_publisher_city       ? 
_citation.book_title                ? 
_citation.coordinate_linkage        ? 
_citation.country                   US 
_citation.database_id_Medline       ? 
_citation.details                   ? 
_citation.id                        primary 
_citation.journal_abbrev            J.Med.Chem. 
_citation.journal_id_ASTM           JMCMAR 
_citation.journal_id_CSD            0151 
_citation.journal_id_ISSN           0022-2623 
_citation.journal_full              ? 
_citation.journal_issue             ? 
_citation.journal_volume            59 
_citation.language                  ? 
_citation.page_first                592 
_citation.page_last                 608 
_citation.title                     'Small Molecule Inhibitors of Ca(2+)-S100B Reveal Two Protein Conformations.' 
_citation.year                      2016 
_citation.database_id_CSD           ? 
_citation.pdbx_database_id_DOI      10.1021/acs.jmedchem.5b01369 
_citation.pdbx_database_id_PubMed   26727270 
_citation.unpublished_flag          ? 
# 
loop_
_citation_author.citation_id 
_citation_author.name 
_citation_author.ordinal 
_citation_author.identifier_ORCID 
primary 'Cavalier, M.C.'    1  ? 
primary 'Ansari, M.I.'      2  ? 
primary 'Pierce, A.D.'      3  ? 
primary 'Wilder, P.T.'      4  ? 
primary 'McKnight, L.E.'    5  ? 
primary 'Raman, E.P.'       6  ? 
primary 'Neau, D.B.'        7  ? 
primary 'Bezawada, P.'      8  ? 
primary 'Alasady, M.J.'     9  ? 
primary 'Charpentier, T.H.' 10 ? 
primary 'Varney, K.M.'      11 ? 
primary 'Toth, E.A.'        12 ? 
primary 'MacKerell, A.D.'   13 ? 
primary 'Coop, A.'          14 ? 
primary 'Weber, D.J.'       15 ? 
# 
_cell.angle_alpha                  90.000 
_cell.angle_alpha_esd              ? 
_cell.angle_beta                   90.000 
_cell.angle_beta_esd               ? 
_cell.angle_gamma                  90.000 
_cell.angle_gamma_esd              ? 
_cell.entry_id                     5DKN 
_cell.details                      ? 
_cell.formula_units_Z              ? 
_cell.length_a                     64.046 
_cell.length_a_esd                 ? 
_cell.length_b                     64.046 
_cell.length_b_esd                 ? 
_cell.length_c                     47.563 
_cell.length_c_esd                 ? 
_cell.volume                       ? 
_cell.volume_esd                   ? 
_cell.Z_PDB                        8 
_cell.reciprocal_angle_alpha       ? 
_cell.reciprocal_angle_beta        ? 
_cell.reciprocal_angle_gamma       ? 
_cell.reciprocal_angle_alpha_esd   ? 
_cell.reciprocal_angle_beta_esd    ? 
_cell.reciprocal_angle_gamma_esd   ? 
_cell.reciprocal_length_a          ? 
_cell.reciprocal_length_b          ? 
_cell.reciprocal_length_c          ? 
_cell.reciprocal_length_a_esd      ? 
_cell.reciprocal_length_b_esd      ? 
_cell.reciprocal_length_c_esd      ? 
_cell.pdbx_unique_axis             ? 
# 
_symmetry.entry_id                         5DKN 
_symmetry.cell_setting                     ? 
_symmetry.Int_Tables_number                92 
_symmetry.space_group_name_Hall            ? 
_symmetry.space_group_name_H-M             'P 41 21 2' 
_symmetry.pdbx_full_space_group_name_H-M   ? 
# 
loop_
_entity.id 
_entity.type 
_entity.src_method 
_entity.pdbx_description 
_entity.formula_weight 
_entity.pdbx_number_of_molecules 
_entity.pdbx_ec 
_entity.pdbx_mutation 
_entity.pdbx_fragment 
_entity.details 
1 polymer     man 'Protein S100-B'                                                   10681.974 1   ? ? ? ? 
2 non-polymer syn 'CALCIUM ION'                                                      40.078    2   ? ? ? ? 
3 non-polymer syn "2,2'-[heptane-1,7-diylbis(oxybenzene-4,1-diyl)]bis(1H-imidazole)" 416.515   1   ? ? ? ? 
4 water       nat water                                                              18.015    132 ? ? ? ? 
# 
_entity_name_com.entity_id   1 
_entity_name_com.name        'S-100 protein beta chain,S-100 protein subunit beta,S100 calcium-binding protein B' 
# 
_entity_poly.entity_id                      1 
_entity_poly.type                           'polypeptide(L)' 
_entity_poly.nstd_linkage                   no 
_entity_poly.nstd_monomer                   no 
_entity_poly.pdbx_seq_one_letter_code       
;MSELEKAVVALIDVFHQYSGREGDKHKLKKSELKELINNELSHFLEEIKEQEVVDKVMETLDSDGDGECDFQEFMAFVAM
ITTACHEFFEHE
;
_entity_poly.pdbx_seq_one_letter_code_can   
;MSELEKAVVALIDVFHQYSGREGDKHKLKKSELKELINNELSHFLEEIKEQEVVDKVMETLDSDGDGECDFQEFMAFVAM
ITTACHEFFEHE
;
_entity_poly.pdbx_strand_id                 A 
_entity_poly.pdbx_target_identifier         ? 
# 
loop_
_entity_poly_seq.entity_id 
_entity_poly_seq.num 
_entity_poly_seq.mon_id 
_entity_poly_seq.hetero 
1 1  MET n 
1 2  SER n 
1 3  GLU n 
1 4  LEU n 
1 5  GLU n 
1 6  LYS n 
1 7  ALA n 
1 8  VAL n 
1 9  VAL n 
1 10 ALA n 
1 11 LEU n 
1 12 ILE n 
1 13 ASP n 
1 14 VAL n 
1 15 PHE n 
1 16 HIS n 
1 17 GLN n 
1 18 TYR n 
1 19 SER n 
1 20 GLY n 
1 21 ARG n 
1 22 GLU n 
1 23 GLY n 
1 24 ASP n 
1 25 LYS n 
1 26 HIS n 
1 27 LYS n 
1 28 LEU n 
1 29 LYS n 
1 30 LYS n 
1 31 SER n 
1 32 GLU n 
1 33 LEU n 
1 34 LYS n 
1 35 GLU n 
1 36 LEU n 
1 37 ILE n 
1 38 ASN n 
1 39 ASN n 
1 40 GLU n 
1 41 LEU n 
1 42 SER n 
1 43 HIS n 
1 44 PHE n 
1 45 LEU n 
1 46 GLU n 
1 47 GLU n 
1 48 ILE n 
1 49 LYS n 
1 50 GLU n 
1 51 GLN n 
1 52 GLU n 
1 53 VAL n 
1 54 VAL n 
1 55 ASP n 
1 56 LYS n 
1 57 VAL n 
1 58 MET n 
1 59 GLU n 
1 60 THR n 
1 61 LEU n 
1 62 ASP n 
1 63 SER n 
1 64 ASP n 
1 65 GLY n 
1 66 ASP n 
1 67 GLY n 
1 68 GLU n 
1 69 CYS n 
1 70 ASP n 
1 71 PHE n 
1 72 GLN n 
1 73 GLU n 
1 74 PHE n 
1 75 MET n 
1 76 ALA n 
1 77 PHE n 
1 78 VAL n 
1 79 ALA n 
1 80 MET n 
1 81 ILE n 
1 82 THR n 
1 83 THR n 
1 84 ALA n 
1 85 CYS n 
1 86 HIS n 
1 87 GLU n 
1 88 PHE n 
1 89 PHE n 
1 90 GLU n 
1 91 HIS n 
1 92 GLU n 
# 
_entity_src_gen.entity_id                          1 
_entity_src_gen.pdbx_src_id                        1 
_entity_src_gen.pdbx_alt_source_flag               sample 
_entity_src_gen.pdbx_seq_type                      'Biological sequence' 
_entity_src_gen.pdbx_beg_seq_num                   1 
_entity_src_gen.pdbx_end_seq_num                   92 
_entity_src_gen.gene_src_common_name               Bovine 
_entity_src_gen.gene_src_genus                     ? 
_entity_src_gen.pdbx_gene_src_gene                 S100B 
_entity_src_gen.gene_src_species                   ? 
_entity_src_gen.gene_src_strain                    ? 
_entity_src_gen.gene_src_tissue                    ? 
_entity_src_gen.gene_src_tissue_fraction           ? 
_entity_src_gen.gene_src_details                   ? 
_entity_src_gen.pdbx_gene_src_fragment             ? 
_entity_src_gen.pdbx_gene_src_scientific_name      'Bos taurus' 
_entity_src_gen.pdbx_gene_src_ncbi_taxonomy_id     9913 
_entity_src_gen.pdbx_gene_src_variant              ? 
_entity_src_gen.pdbx_gene_src_cell_line            ? 
_entity_src_gen.pdbx_gene_src_atcc                 ? 
_entity_src_gen.pdbx_gene_src_organ                ? 
_entity_src_gen.pdbx_gene_src_organelle            ? 
_entity_src_gen.pdbx_gene_src_cell                 ? 
_entity_src_gen.pdbx_gene_src_cellular_location    ? 
_entity_src_gen.host_org_common_name               ? 
_entity_src_gen.pdbx_host_org_scientific_name      'Escherichia coli' 
_entity_src_gen.pdbx_host_org_ncbi_taxonomy_id     562 
_entity_src_gen.host_org_genus                     ? 
_entity_src_gen.pdbx_host_org_gene                 ? 
_entity_src_gen.pdbx_host_org_organ                ? 
_entity_src_gen.host_org_species                   ? 
_entity_src_gen.pdbx_host_org_tissue               ? 
_entity_src_gen.pdbx_host_org_tissue_fraction      ? 
_entity_src_gen.pdbx_host_org_strain               ? 
_entity_src_gen.pdbx_host_org_variant              ? 
_entity_src_gen.pdbx_host_org_cell_line            ? 
_entity_src_gen.pdbx_host_org_atcc                 ? 
_entity_src_gen.pdbx_host_org_culture_collection   ? 
_entity_src_gen.pdbx_host_org_cell                 ? 
_entity_src_gen.pdbx_host_org_organelle            ? 
_entity_src_gen.pdbx_host_org_cellular_location    ? 
_entity_src_gen.pdbx_host_org_vector_type          ? 
_entity_src_gen.pdbx_host_org_vector               ? 
_entity_src_gen.host_org_details                   ? 
_entity_src_gen.expression_system_id               ? 
_entity_src_gen.plasmid_name                       ? 
_entity_src_gen.plasmid_details                    ? 
_entity_src_gen.pdbx_description                   ? 
# 
_struct_ref.id                         1 
_struct_ref.db_name                    UNP 
_struct_ref.db_code                    S100B_BOVIN 
_struct_ref.pdbx_db_accession          P02638 
_struct_ref.pdbx_db_isoform            ? 
_struct_ref.entity_id                  1 
_struct_ref.pdbx_seq_one_letter_code   
;MSELEKAVVALIDVFHQYSGREGDKHKLKKSELKELINNELSHFLEEIKEQEVVDKVMETLDSDGDGECDFQEFMAFVAM
ITTACHEFFEHE
;
_struct_ref.pdbx_align_begin           1 
# 
_struct_ref_seq.align_id                      1 
_struct_ref_seq.ref_id                        1 
_struct_ref_seq.pdbx_PDB_id_code              5DKN 
_struct_ref_seq.pdbx_strand_id                A 
_struct_ref_seq.seq_align_beg                 1 
_struct_ref_seq.pdbx_seq_align_beg_ins_code   ? 
_struct_ref_seq.seq_align_end                 92 
_struct_ref_seq.pdbx_seq_align_end_ins_code   ? 
_struct_ref_seq.pdbx_db_accession             P02638 
_struct_ref_seq.db_align_beg                  1 
_struct_ref_seq.pdbx_db_align_beg_ins_code    ? 
_struct_ref_seq.db_align_end                  92 
_struct_ref_seq.pdbx_db_align_end_ins_code    ? 
_struct_ref_seq.pdbx_auth_seq_align_beg       0 
_struct_ref_seq.pdbx_auth_seq_align_end       91 
# 
loop_
_chem_comp.id 
_chem_comp.type 
_chem_comp.mon_nstd_flag 
_chem_comp.name 
_chem_comp.pdbx_synonyms 
_chem_comp.formula 
_chem_comp.formula_weight 
ALA 'L-peptide linking' y ALANINE                                                            ? 'C3 H7 N O2'     89.093  
ARG 'L-peptide linking' y ARGININE                                                           ? 'C6 H15 N4 O2 1' 175.209 
ASN 'L-peptide linking' y ASPARAGINE                                                         ? 'C4 H8 N2 O3'    132.118 
ASP 'L-peptide linking' y 'ASPARTIC ACID'                                                    ? 'C4 H7 N O4'     133.103 
B7I non-polymer         . "2,2'-[heptane-1,7-diylbis(oxybenzene-4,1-diyl)]bis(1H-imidazole)" ? 'C25 H28 N4 O2'  416.515 
CA  non-polymer         . 'CALCIUM ION'                                                      ? 'Ca 2'           40.078  
CYS 'L-peptide linking' y CYSTEINE                                                           ? 'C3 H7 N O2 S'   121.158 
GLN 'L-peptide linking' y GLUTAMINE                                                          ? 'C5 H10 N2 O3'   146.144 
GLU 'L-peptide linking' y 'GLUTAMIC ACID'                                                    ? 'C5 H9 N O4'     147.129 
GLY 'peptide linking'   y GLYCINE                                                            ? 'C2 H5 N O2'     75.067  
HIS 'L-peptide linking' y HISTIDINE                                                          ? 'C6 H10 N3 O2 1' 156.162 
HOH non-polymer         . WATER                                                              ? 'H2 O'           18.015  
ILE 'L-peptide linking' y ISOLEUCINE                                                         ? 'C6 H13 N O2'    131.173 
LEU 'L-peptide linking' y LEUCINE                                                            ? 'C6 H13 N O2'    131.173 
LYS 'L-peptide linking' y LYSINE                                                             ? 'C6 H15 N2 O2 1' 147.195 
MET 'L-peptide linking' y METHIONINE                                                         ? 'C5 H11 N O2 S'  149.211 
PHE 'L-peptide linking' y PHENYLALANINE                                                      ? 'C9 H11 N O2'    165.189 
SER 'L-peptide linking' y SERINE                                                             ? 'C3 H7 N O3'     105.093 
THR 'L-peptide linking' y THREONINE                                                          ? 'C4 H9 N O3'     119.119 
TYR 'L-peptide linking' y TYROSINE                                                           ? 'C9 H11 N O3'    181.189 
VAL 'L-peptide linking' y VALINE                                                             ? 'C5 H11 N O2'    117.146 
# 
_exptl.absorpt_coefficient_mu     ? 
_exptl.absorpt_correction_T_max   ? 
_exptl.absorpt_correction_T_min   ? 
_exptl.absorpt_correction_type    ? 
_exptl.absorpt_process_details    ? 
_exptl.entry_id                   5DKN 
_exptl.crystals_number            1 
_exptl.details                    ? 
_exptl.method                     'X-RAY DIFFRACTION' 
_exptl.method_details             ? 
# 
_exptl_crystal.colour                      ? 
_exptl_crystal.density_diffrn              ? 
_exptl_crystal.density_Matthews            2.28 
_exptl_crystal.density_method              ? 
_exptl_crystal.density_percent_sol         46.12 
_exptl_crystal.description                 ? 
_exptl_crystal.F_000                       ? 
_exptl_crystal.id                          1 
_exptl_crystal.preparation                 ? 
_exptl_crystal.size_max                    ? 
_exptl_crystal.size_mid                    ? 
_exptl_crystal.size_min                    ? 
_exptl_crystal.size_rad                    ? 
_exptl_crystal.colour_lustre               ? 
_exptl_crystal.colour_modifier             ? 
_exptl_crystal.colour_primary              ? 
_exptl_crystal.density_meas                ? 
_exptl_crystal.density_meas_esd            ? 
_exptl_crystal.density_meas_gt             ? 
_exptl_crystal.density_meas_lt             ? 
_exptl_crystal.density_meas_temp           ? 
_exptl_crystal.density_meas_temp_esd       ? 
_exptl_crystal.density_meas_temp_gt        ? 
_exptl_crystal.density_meas_temp_lt        ? 
_exptl_crystal.pdbx_crystal_image_url      ? 
_exptl_crystal.pdbx_crystal_image_format   ? 
_exptl_crystal.pdbx_mosaicity              ? 
_exptl_crystal.pdbx_mosaicity_esd          ? 
# 
_exptl_crystal_grow.apparatus       ? 
_exptl_crystal_grow.atmosphere      ? 
_exptl_crystal_grow.crystal_id      1 
_exptl_crystal_grow.details         ? 
_exptl_crystal_grow.method          'VAPOR DIFFUSION, SITTING DROP' 
_exptl_crystal_grow.method_ref      ? 
_exptl_crystal_grow.pH              6.4 
_exptl_crystal_grow.pressure        ? 
_exptl_crystal_grow.pressure_esd    ? 
_exptl_crystal_grow.seeding         ? 
_exptl_crystal_grow.seeding_ref     ? 
_exptl_crystal_grow.temp            295 
_exptl_crystal_grow.temp_details    ? 
_exptl_crystal_grow.temp_esd        ? 
_exptl_crystal_grow.time            ? 
_exptl_crystal_grow.pdbx_details    '10% Peg 3,350; 0.1M Cacodylate, pH 6.4; 7.5mM CaCl2' 
_exptl_crystal_grow.pdbx_pH_range   ? 
# 
_diffrn.ambient_environment    ? 
_diffrn.ambient_temp           100 
_diffrn.ambient_temp_details   ? 
_diffrn.ambient_temp_esd       ? 
_diffrn.crystal_id             1 
_diffrn.crystal_support        ? 
_diffrn.crystal_treatment      ? 
_diffrn.details                ? 
_diffrn.id                     1 
_diffrn.ambient_pressure       ? 
_diffrn.ambient_pressure_esd   ? 
_diffrn.ambient_pressure_gt    ? 
_diffrn.ambient_pressure_lt    ? 
_diffrn.ambient_temp_gt        ? 
_diffrn.ambient_temp_lt        ? 
# 
_diffrn_detector.details                      ? 
_diffrn_detector.detector                     CCD 
_diffrn_detector.diffrn_id                    1 
_diffrn_detector.type                         'ADSC QUANTUM 315r' 
_diffrn_detector.area_resol_mean              ? 
_diffrn_detector.dtime                        ? 
_diffrn_detector.pdbx_frames_total            ? 
_diffrn_detector.pdbx_collection_time_total   ? 
_diffrn_detector.pdbx_collection_date         2012-12-01 
# 
_diffrn_radiation.collimation                      ? 
_diffrn_radiation.diffrn_id                        1 
_diffrn_radiation.filter_edge                      ? 
_diffrn_radiation.inhomogeneity                    ? 
_diffrn_radiation.monochromator                    ? 
_diffrn_radiation.polarisn_norm                    ? 
_diffrn_radiation.polarisn_ratio                   ? 
_diffrn_radiation.probe                            ? 
_diffrn_radiation.type                             ? 
_diffrn_radiation.xray_symbol                      ? 
_diffrn_radiation.wavelength_id                    1 
_diffrn_radiation.pdbx_monochromatic_or_laue_m_l   M 
_diffrn_radiation.pdbx_wavelength_list             ? 
_diffrn_radiation.pdbx_wavelength                  ? 
_diffrn_radiation.pdbx_diffrn_protocol             'SINGLE WAVELENGTH' 
_diffrn_radiation.pdbx_analyzer                    ? 
_diffrn_radiation.pdbx_scattering_type             x-ray 
# 
_diffrn_radiation_wavelength.id           1 
_diffrn_radiation_wavelength.wavelength   0.97918 
_diffrn_radiation_wavelength.wt           1.0 
# 
_diffrn_source.current                     ? 
_diffrn_source.details                     ? 
_diffrn_source.diffrn_id                   1 
_diffrn_source.power                       ? 
_diffrn_source.size                        ? 
_diffrn_source.source                      SYNCHROTRON 
_diffrn_source.target                      ? 
_diffrn_source.type                        'APS BEAMLINE 24-ID-E' 
_diffrn_source.voltage                     ? 
_diffrn_source.take-off_angle              ? 
_diffrn_source.pdbx_wavelength_list        0.97918 
_diffrn_source.pdbx_wavelength             ? 
_diffrn_source.pdbx_synchrotron_beamline   24-ID-E 
_diffrn_source.pdbx_synchrotron_site       APS 
# 
_reflns.B_iso_Wilson_estimate            15.870 
_reflns.entry_id                         5DKN 
_reflns.data_reduction_details           ? 
_reflns.data_reduction_method            ? 
_reflns.d_resolution_high                1.528 
_reflns.d_resolution_low                 45.287 
_reflns.details                          ? 
_reflns.limit_h_max                      ? 
_reflns.limit_h_min                      ? 
_reflns.limit_k_max                      ? 
_reflns.limit_k_min                      ? 
_reflns.limit_l_max                      ? 
_reflns.limit_l_min                      ? 
_reflns.number_all                       15494 
_reflns.number_obs                       15494 
_reflns.observed_criterion               ? 
_reflns.observed_criterion_F_max         ? 
_reflns.observed_criterion_F_min         ? 
_reflns.observed_criterion_I_max         ? 
_reflns.observed_criterion_I_min         ? 
_reflns.observed_criterion_sigma_F       ? 
_reflns.observed_criterion_sigma_I       ? 
_reflns.percent_possible_obs             99.800 
_reflns.R_free_details                   ? 
_reflns.Rmerge_F_all                     ? 
_reflns.Rmerge_F_obs                     ? 
_reflns.Friedel_coverage                 ? 
_reflns.number_gt                        ? 
_reflns.threshold_expression             ? 
_reflns.pdbx_redundancy                  4.800 
_reflns.pdbx_Rmerge_I_obs                ? 
_reflns.pdbx_Rmerge_I_all                ? 
_reflns.pdbx_Rsym_value                  0.048 
_reflns.pdbx_netI_over_av_sigmaI         9.194 
_reflns.pdbx_netI_over_sigmaI            26.100 
_reflns.pdbx_res_netI_over_av_sigmaI_2   ? 
_reflns.pdbx_res_netI_over_sigmaI_2      ? 
_reflns.pdbx_chi_squared                 ? 
_reflns.pdbx_scaling_rejects             ? 
_reflns.pdbx_d_res_high_opt              ? 
_reflns.pdbx_d_res_low_opt               ? 
_reflns.pdbx_d_res_opt_method            ? 
_reflns.phase_calculation_details        ? 
_reflns.pdbx_Rrim_I_all                  0.060 
_reflns.pdbx_Rpim_I_all                  0.027 
_reflns.pdbx_d_opt                       ? 
_reflns.pdbx_number_measured_all         74444 
_reflns.pdbx_diffrn_id                   1 
_reflns.pdbx_ordinal                     1 
_reflns.pdbx_CC_half                     ? 
_reflns.pdbx_R_split                     ? 
# 
loop_
_reflns_shell.d_res_high 
_reflns_shell.d_res_low 
_reflns_shell.meanI_over_sigI_all 
_reflns_shell.meanI_over_sigI_obs 
_reflns_shell.number_measured_all 
_reflns_shell.number_measured_obs 
_reflns_shell.number_possible 
_reflns_shell.number_unique_all 
_reflns_shell.number_unique_obs 
_reflns_shell.percent_possible_all 
_reflns_shell.percent_possible_obs 
_reflns_shell.Rmerge_F_all 
_reflns_shell.Rmerge_F_obs 
_reflns_shell.Rmerge_I_all 
_reflns_shell.Rmerge_I_obs 
_reflns_shell.meanI_over_sigI_gt 
_reflns_shell.meanI_over_uI_all 
_reflns_shell.meanI_over_uI_gt 
_reflns_shell.number_measured_gt 
_reflns_shell.number_unique_gt 
_reflns_shell.percent_possible_gt 
_reflns_shell.Rmerge_F_gt 
_reflns_shell.Rmerge_I_gt 
_reflns_shell.pdbx_redundancy 
_reflns_shell.pdbx_Rsym_value 
_reflns_shell.pdbx_chi_squared 
_reflns_shell.pdbx_netI_over_sigmaI_all 
_reflns_shell.pdbx_netI_over_sigmaI_obs 
_reflns_shell.pdbx_Rrim_I_all 
_reflns_shell.pdbx_Rpim_I_all 
_reflns_shell.pdbx_rejects 
_reflns_shell.pdbx_ordinal 
_reflns_shell.pdbx_diffrn_id 
_reflns_shell.pdbx_CC_half 
_reflns_shell.pdbx_R_split 
1.528 1.610  ? 2.300  10810 ? ? 2197 ? 99.500  ? ? ? ? 0.347 ? ? ? ? ? ? ? ? 4.900 0.347 ? ? 3.800  ? 0.197 0 1  1 ? ? 
1.610 1.710  ? 3.500  10405 ? ? 2105 ? 100.000 ? ? ? ? 0.219 ? ? ? ? ? ? ? ? 4.900 0.219 ? ? 6.400  ? 0.124 0 2  1 ? ? 
1.710 1.830  ? 5.500  9767  ? ? 1987 ? 100.000 ? ? ? ? 0.137 ? ? ? ? ? ? ? ? 4.900 0.137 ? ? 10.600 ? 0.078 0 3  1 ? ? 
1.830 1.970  ? 8.600  9050  ? ? 1839 ? 100.000 ? ? ? ? 0.084 ? ? ? ? ? ? ? ? 4.900 0.084 ? ? 18.300 ? 0.047 0 4  1 ? ? 
1.970 2.160  ? 11.400 8439  ? ? 1728 ? 100.000 ? ? ? ? 0.057 ? ? ? ? ? ? ? ? 4.900 0.057 ? ? 29.200 ? 0.032 0 5  1 ? ? 
2.160 2.420  ? 12.400 7529  ? ? 1558 ? 100.000 ? ? ? ? 0.050 ? ? ? ? ? ? ? ? 4.800 0.050 ? ? 38.200 ? 0.028 0 6  1 ? ? 
2.420 2.790  ? 11.700 6607  ? ? 1400 ? 100.000 ? ? ? ? 0.052 ? ? ? ? ? ? ? ? 4.700 0.052 ? ? 45.500 ? 0.031 0 7  1 ? ? 
2.790 3.420  ? 12.200 5322  ? ? 1185 ? 99.700  ? ? ? ? 0.047 ? ? ? ? ? ? ? ? 4.500 0.047 ? ? 52.600 ? 0.028 0 8  1 ? ? 
3.420 4.830  ? 26.700 4204  ? ? 943  ? 99.300  ? ? ? ? 0.022 ? ? ? ? ? ? ? ? 4.500 0.022 ? ? 62.400 ? 0.012 0 9  1 ? ? 
4.830 45.287 ? 11.300 2311  ? ? 552  ? 96.900  ? ? ? ? 0.022 ? ? ? ? ? ? ? ? 4.200 0.022 ? ? 59.000 ? 0.015 0 10 1 ? ? 
# 
_refine.aniso_B[1][1]                            ? 
_refine.aniso_B[1][2]                            ? 
_refine.aniso_B[1][3]                            ? 
_refine.aniso_B[2][2]                            ? 
_refine.aniso_B[2][3]                            ? 
_refine.aniso_B[3][3]                            ? 
_refine.B_iso_max                                47.650 
_refine.B_iso_mean                               18.5200 
_refine.B_iso_min                                7.970 
_refine.correlation_coeff_Fo_to_Fc               ? 
_refine.correlation_coeff_Fo_to_Fc_free          ? 
_refine.details                                  ? 
_refine.diff_density_max                         ? 
_refine.diff_density_max_esd                     ? 
_refine.diff_density_min                         ? 
_refine.diff_density_min_esd                     ? 
_refine.diff_density_rms                         ? 
_refine.diff_density_rms_esd                     ? 
_refine.entry_id                                 5DKN 
_refine.pdbx_refine_id                           'X-RAY DIFFRACTION' 
_refine.ls_abs_structure_details                 ? 
_refine.ls_abs_structure_Flack                   ? 
_refine.ls_abs_structure_Flack_esd               ? 
_refine.ls_abs_structure_Rogers                  ? 
_refine.ls_abs_structure_Rogers_esd              ? 
_refine.ls_d_res_high                            1.5280 
_refine.ls_d_res_low                             32.7980 
_refine.ls_extinction_coef                       ? 
_refine.ls_extinction_coef_esd                   ? 
_refine.ls_extinction_expression                 ? 
_refine.ls_extinction_method                     ? 
_refine.ls_goodness_of_fit_all                   ? 
_refine.ls_goodness_of_fit_all_esd               ? 
_refine.ls_goodness_of_fit_obs                   ? 
_refine.ls_goodness_of_fit_obs_esd               ? 
_refine.ls_hydrogen_treatment                    ? 
_refine.ls_matrix_type                           ? 
_refine.ls_number_constraints                    ? 
_refine.ls_number_parameters                     ? 
_refine.ls_number_reflns_all                     ? 
_refine.ls_number_reflns_obs                     15456 
_refine.ls_number_reflns_R_free                  1546 
_refine.ls_number_reflns_R_work                  13910 
_refine.ls_number_restraints                     ? 
_refine.ls_percent_reflns_obs                    99.6000 
_refine.ls_percent_reflns_R_free                 10.0000 
_refine.ls_R_factor_all                          ? 
_refine.ls_R_factor_obs                          0.1954 
_refine.ls_R_factor_R_free                       0.2184 
_refine.ls_R_factor_R_free_error                 ? 
_refine.ls_R_factor_R_free_error_details         ? 
_refine.ls_R_factor_R_work                       0.1927 
_refine.ls_R_Fsqd_factor_obs                     ? 
_refine.ls_R_I_factor_obs                        ? 
_refine.ls_redundancy_reflns_all                 ? 
_refine.ls_redundancy_reflns_obs                 ? 
_refine.ls_restrained_S_all                      ? 
_refine.ls_restrained_S_obs                      ? 
_refine.ls_shift_over_esd_max                    ? 
_refine.ls_shift_over_esd_mean                   ? 
_refine.ls_structure_factor_coef                 ? 
_refine.ls_weighting_details                     ? 
_refine.ls_weighting_scheme                      ? 
_refine.ls_wR_factor_all                         ? 
_refine.ls_wR_factor_obs                         ? 
_refine.ls_wR_factor_R_free                      ? 
_refine.ls_wR_factor_R_work                      ? 
_refine.occupancy_max                            ? 
_refine.occupancy_min                            ? 
_refine.solvent_model_details                    'FLAT BULK SOLVENT MODEL' 
_refine.solvent_model_param_bsol                 ? 
_refine.solvent_model_param_ksol                 ? 
_refine.ls_R_factor_gt                           ? 
_refine.ls_goodness_of_fit_gt                    ? 
_refine.ls_goodness_of_fit_ref                   ? 
_refine.ls_shift_over_su_max                     ? 
_refine.ls_shift_over_su_max_lt                  ? 
_refine.ls_shift_over_su_mean                    ? 
_refine.ls_shift_over_su_mean_lt                 ? 
_refine.pdbx_ls_sigma_I                          ? 
_refine.pdbx_ls_sigma_F                          1.340 
_refine.pdbx_ls_sigma_Fsqd                       ? 
_refine.pdbx_data_cutoff_high_absF               ? 
_refine.pdbx_data_cutoff_high_rms_absF           ? 
_refine.pdbx_data_cutoff_low_absF                ? 
_refine.pdbx_isotropic_thermal_model             ? 
_refine.pdbx_ls_cross_valid_method               'FREE R-VALUE' 
_refine.pdbx_method_to_determine_struct          'MOLECULAR REPLACEMENT' 
_refine.pdbx_starting_model                      1MHO 
_refine.pdbx_stereochemistry_target_values       ML 
_refine.pdbx_R_Free_selection_details            ? 
_refine.pdbx_stereochem_target_val_spec_case     ? 
_refine.pdbx_overall_ESU_R                       ? 
_refine.pdbx_overall_ESU_R_Free                  ? 
_refine.pdbx_solvent_vdw_probe_radii             1.1100 
_refine.pdbx_solvent_ion_probe_radii             ? 
_refine.pdbx_solvent_shrinkage_radii             0.9000 
_refine.pdbx_real_space_R                        ? 
_refine.pdbx_density_correlation                 ? 
_refine.pdbx_pd_number_of_powder_patterns        ? 
_refine.pdbx_pd_number_of_points                 ? 
_refine.pdbx_pd_meas_number_of_points            ? 
_refine.pdbx_pd_proc_ls_prof_R_factor            ? 
_refine.pdbx_pd_proc_ls_prof_wR_factor           ? 
_refine.pdbx_pd_Marquardt_correlation_coeff      ? 
_refine.pdbx_pd_Fsqrd_R_factor                   ? 
_refine.pdbx_pd_ls_matrix_band_width             ? 
_refine.pdbx_overall_phase_error                 22.1400 
_refine.pdbx_overall_SU_R_free_Cruickshank_DPI   ? 
_refine.pdbx_overall_SU_R_free_Blow_DPI          ? 
_refine.pdbx_overall_SU_R_Blow_DPI               ? 
_refine.pdbx_TLS_residual_ADP_flag               ? 
_refine.pdbx_diffrn_id                           1 
_refine.overall_SU_B                             ? 
_refine.overall_SU_ML                            0.1400 
_refine.overall_SU_R_Cruickshank_DPI             ? 
_refine.overall_SU_R_free                        ? 
_refine.overall_FOM_free_R_set                   ? 
_refine.overall_FOM_work_R_set                   0.8406 
_refine.pdbx_average_fsc_overall                 ? 
_refine.pdbx_average_fsc_work                    ? 
_refine.pdbx_average_fsc_free                    ? 
# 
_refine_hist.cycle_id                         final 
_refine_hist.pdbx_refine_id                   'X-RAY DIFFRACTION' 
_refine_hist.d_res_high                       1.5280 
_refine_hist.d_res_low                        32.7980 
_refine_hist.pdbx_number_atoms_ligand         33 
_refine_hist.number_atoms_solvent             132 
_refine_hist.number_atoms_total               902 
_refine_hist.pdbx_number_residues_total       91 
_refine_hist.pdbx_B_iso_mean_ligand           21.04 
_refine_hist.pdbx_B_iso_mean_solvent          26.08 
_refine_hist.pdbx_number_atoms_protein        737 
_refine_hist.pdbx_number_atoms_nucleic_acid   0 
# 
loop_
_refine_ls_restr.pdbx_refine_id 
_refine_ls_restr.criterion 
_refine_ls_restr.dev_ideal 
_refine_ls_restr.dev_ideal_target 
_refine_ls_restr.number 
_refine_ls_restr.rejects 
_refine_ls_restr.type 
_refine_ls_restr.weight 
_refine_ls_restr.pdbx_restraint_function 
'X-RAY DIFFRACTION' ? 0.012  ? 797  ? f_bond_d           ? ? 
'X-RAY DIFFRACTION' ? 0.920  ? 1087 ? f_angle_d          ? ? 
'X-RAY DIFFRACTION' ? 0.069  ? 109  ? f_chiral_restr     ? ? 
'X-RAY DIFFRACTION' ? 0.003  ? 135  ? f_plane_restr      ? ? 
'X-RAY DIFFRACTION' ? 20.927 ? 299  ? f_dihedral_angle_d ? ? 
# 
loop_
_refine_ls_shell.pdbx_refine_id 
_refine_ls_shell.d_res_high 
_refine_ls_shell.d_res_low 
_refine_ls_shell.number_reflns_all 
_refine_ls_shell.number_reflns_obs 
_refine_ls_shell.number_reflns_R_free 
_refine_ls_shell.number_reflns_R_work 
_refine_ls_shell.percent_reflns_obs 
_refine_ls_shell.percent_reflns_R_free 
_refine_ls_shell.R_factor_all 
_refine_ls_shell.R_factor_obs 
_refine_ls_shell.R_factor_R_free 
_refine_ls_shell.R_factor_R_free_error 
_refine_ls_shell.R_factor_R_work 
_refine_ls_shell.redundancy_reflns_all 
_refine_ls_shell.redundancy_reflns_obs 
_refine_ls_shell.wR_factor_all 
_refine_ls_shell.wR_factor_obs 
_refine_ls_shell.wR_factor_R_free 
_refine_ls_shell.wR_factor_R_work 
_refine_ls_shell.pdbx_total_number_of_bins_used 
_refine_ls_shell.pdbx_phase_error 
_refine_ls_shell.pdbx_fsc_work 
_refine_ls_shell.pdbx_fsc_free 
'X-RAY DIFFRACTION' 1.5278 1.5771  1357 . 136 1221 99.0000  . . . 0.2553 . 0.2112 . . . . . . 11 . . . 
'X-RAY DIFFRACTION' 1.5771 1.6334  1372 . 137 1235 100.0000 . . . 0.2327 . 0.2003 . . . . . . 11 . . . 
'X-RAY DIFFRACTION' 1.6334 1.6988  1398 . 139 1259 100.0000 . . . 0.2002 . 0.1925 . . . . . . 11 . . . 
'X-RAY DIFFRACTION' 1.6988 1.7762  1385 . 139 1246 100.0000 . . . 0.2470 . 0.1988 . . . . . . 11 . . . 
'X-RAY DIFFRACTION' 1.7762 1.8698  1367 . 137 1230 100.0000 . . . 0.2623 . 0.2033 . . . . . . 11 . . . 
'X-RAY DIFFRACTION' 1.8698 1.9869  1412 . 141 1271 100.0000 . . . 0.2481 . 0.2018 . . . . . . 11 . . . 
'X-RAY DIFFRACTION' 1.9869 2.1403  1388 . 139 1249 100.0000 . . . 0.2429 . 0.1885 . . . . . . 11 . . . 
'X-RAY DIFFRACTION' 2.1403 2.3556  1420 . 142 1278 100.0000 . . . 0.2256 . 0.1888 . . . . . . 11 . . . 
'X-RAY DIFFRACTION' 2.3556 2.6964  1416 . 142 1274 100.0000 . . . 0.2100 . 0.1894 . . . . . . 11 . . . 
'X-RAY DIFFRACTION' 2.6964 3.3966  1437 . 144 1293 100.0000 . . . 0.2197 . 0.1956 . . . . . . 11 . . . 
'X-RAY DIFFRACTION' 3.3966 32.8055 1504 . 150 1354 98.0000  . . . 0.1907 . 0.1873 . . . . . . 11 . . . 
# 
_struct.entry_id                     5DKN 
_struct.title                        'Crystal Structure of Calcium-loaded S100B bound to SBi4225' 
_struct.pdbx_model_details           ? 
_struct.pdbx_formula_weight          ? 
_struct.pdbx_formula_weight_method   ? 
_struct.pdbx_model_type_details      ? 
_struct.pdbx_CASP_flag               ? 
# 
_struct_keywords.entry_id        5DKN 
_struct_keywords.text            'malignant melanoma, calcium binding, covalent inhibitor, METAL BINDING PROTEIN-INHIBITOR complex' 
_struct_keywords.pdbx_keywords   'METAL BINDING PROTEIN/INHIBITOR' 
# 
loop_
_struct_asym.id 
_struct_asym.pdbx_blank_PDB_chainid_flag 
_struct_asym.pdbx_modified 
_struct_asym.entity_id 
_struct_asym.details 
A N N 1 ? 
B N N 2 ? 
C N N 2 ? 
D N N 3 ? 
E N N 4 ? 
# 
loop_
_struct_conf.conf_type_id 
_struct_conf.id 
_struct_conf.pdbx_PDB_helix_id 
_struct_conf.beg_label_comp_id 
_struct_conf.beg_label_asym_id 
_struct_conf.beg_label_seq_id 
_struct_conf.pdbx_beg_PDB_ins_code 
_struct_conf.end_label_comp_id 
_struct_conf.end_label_asym_id 
_struct_conf.end_label_seq_id 
_struct_conf.pdbx_end_PDB_ins_code 
_struct_conf.beg_auth_comp_id 
_struct_conf.beg_auth_asym_id 
_struct_conf.beg_auth_seq_id 
_struct_conf.end_auth_comp_id 
_struct_conf.end_auth_asym_id 
_struct_conf.end_auth_seq_id 
_struct_conf.pdbx_PDB_helix_class 
_struct_conf.details 
_struct_conf.pdbx_PDB_helix_length 
HELX_P HELX_P1 AA1 SER A 2  ? GLY A 20 ? SER A 1  GLY A 19 1 ? 19 
HELX_P HELX_P2 AA2 LYS A 29 ? LEU A 41 ? LYS A 28 LEU A 40 1 ? 13 
HELX_P HELX_P3 AA3 GLU A 50 ? ASP A 62 ? GLU A 49 ASP A 61 1 ? 13 
HELX_P HELX_P4 AA4 ASP A 70 ? GLU A 87 ? ASP A 69 GLU A 86 1 ? 18 
# 
_struct_conf_type.id          HELX_P 
_struct_conf_type.criteria    ? 
_struct_conf_type.reference   ? 
# 
loop_
_struct_conn.id 
_struct_conn.conn_type_id 
_struct_conn.pdbx_leaving_atom_flag 
_struct_conn.pdbx_PDB_id 
_struct_conn.ptnr1_label_asym_id 
_struct_conn.ptnr1_label_comp_id 
_struct_conn.ptnr1_label_seq_id 
_struct_conn.ptnr1_label_atom_id 
_struct_conn.pdbx_ptnr1_label_alt_id 
_struct_conn.pdbx_ptnr1_PDB_ins_code 
_struct_conn.pdbx_ptnr1_standard_comp_id 
_struct_conn.ptnr1_symmetry 
_struct_conn.ptnr2_label_asym_id 
_struct_conn.ptnr2_label_comp_id 
_struct_conn.ptnr2_label_seq_id 
_struct_conn.ptnr2_label_atom_id 
_struct_conn.pdbx_ptnr2_label_alt_id 
_struct_conn.pdbx_ptnr2_PDB_ins_code 
_struct_conn.ptnr1_auth_asym_id 
_struct_conn.ptnr1_auth_comp_id 
_struct_conn.ptnr1_auth_seq_id 
_struct_conn.ptnr2_auth_asym_id 
_struct_conn.ptnr2_auth_comp_id 
_struct_conn.ptnr2_auth_seq_id 
_struct_conn.ptnr2_symmetry 
_struct_conn.pdbx_ptnr3_label_atom_id 
_struct_conn.pdbx_ptnr3_label_seq_id 
_struct_conn.pdbx_ptnr3_label_comp_id 
_struct_conn.pdbx_ptnr3_label_asym_id 
_struct_conn.pdbx_ptnr3_label_alt_id 
_struct_conn.pdbx_ptnr3_PDB_ins_code 
_struct_conn.details 
_struct_conn.pdbx_dist_value 
_struct_conn.pdbx_value_order 
_struct_conn.pdbx_role 
metalc1  metalc ? ? A SER 19 O   ? ? ? 1_555 B CA  . CA ? ? A SER 18  A CA  101 1_555 ? ? ? ? ? ? ? 2.334 ? ? 
metalc2  metalc ? ? A GLU 22 O   ? ? ? 1_555 B CA  . CA ? ? A GLU 21  A CA  101 1_555 ? ? ? ? ? ? ? 2.365 ? ? 
metalc3  metalc ? ? A ASP 24 O   ? ? ? 1_555 B CA  . CA ? ? A ASP 23  A CA  101 1_555 ? ? ? ? ? ? ? 2.350 ? ? 
metalc4  metalc ? ? A LYS 27 O   ? ? ? 1_555 B CA  . CA ? ? A LYS 26  A CA  101 1_555 ? ? ? ? ? ? ? 2.382 ? ? 
metalc5  metalc ? ? A GLU 32 OE1 ? ? ? 1_555 B CA  . CA ? ? A GLU 31  A CA  101 1_555 ? ? ? ? ? ? ? 2.437 ? ? 
metalc6  metalc ? ? A GLU 32 OE2 ? ? ? 1_555 B CA  . CA ? ? A GLU 31  A CA  101 1_555 ? ? ? ? ? ? ? 2.568 ? ? 
metalc7  metalc ? ? A ASP 62 OD1 ? ? ? 1_555 C CA  . CA ? ? A ASP 61  A CA  102 1_555 ? ? ? ? ? ? ? 2.296 ? ? 
metalc8  metalc ? ? A ASP 64 OD1 ? ? ? 1_555 C CA  . CA ? ? A ASP 63  A CA  102 1_555 ? ? ? ? ? ? ? 2.316 ? ? 
metalc9  metalc ? ? A ASP 66 OD1 ? ? ? 1_555 C CA  . CA ? ? A ASP 65  A CA  102 1_555 ? ? ? ? ? ? ? 2.343 ? ? 
metalc10 metalc ? ? A GLU 68 O   ? ? ? 1_555 C CA  . CA ? ? A GLU 67  A CA  102 1_555 ? ? ? ? ? ? ? 2.382 ? ? 
metalc11 metalc ? ? A GLU 73 OE1 ? ? ? 1_555 C CA  . CA ? ? A GLU 72  A CA  102 1_555 ? ? ? ? ? ? ? 2.436 ? ? 
metalc12 metalc ? ? A GLU 73 OE2 ? ? ? 1_555 C CA  . CA ? ? A GLU 72  A CA  102 1_555 ? ? ? ? ? ? ? 2.526 ? ? 
metalc13 metalc ? ? B CA  .  CA  ? ? ? 1_555 E HOH . O  ? ? A CA  101 A HOH 240 1_555 ? ? ? ? ? ? ? 2.316 ? ? 
metalc14 metalc ? ? C CA  .  CA  ? ? ? 1_555 E HOH . O  ? ? A CA  102 A HOH 220 1_555 ? ? ? ? ? ? ? 2.385 ? ? 
# 
_struct_conn_type.id          metalc 
_struct_conn_type.criteria    ? 
_struct_conn_type.reference   ? 
# 
loop_
_struct_site.id 
_struct_site.pdbx_evidence_code 
_struct_site.pdbx_auth_asym_id 
_struct_site.pdbx_auth_comp_id 
_struct_site.pdbx_auth_seq_id 
_struct_site.pdbx_auth_ins_code 
_struct_site.pdbx_num_residues 
_struct_site.details 
AC1 Software A CA  101 ? 6 'binding site for residue CA A 101'  
AC2 Software A CA  102 ? 6 'binding site for residue CA A 102'  
AC3 Software A B7I 103 ? 9 'binding site for residue B7I A 103' 
# 
loop_
_struct_site_gen.id 
_struct_site_gen.site_id 
_struct_site_gen.pdbx_num_res 
_struct_site_gen.label_comp_id 
_struct_site_gen.label_asym_id 
_struct_site_gen.label_seq_id 
_struct_site_gen.pdbx_auth_ins_code 
_struct_site_gen.auth_comp_id 
_struct_site_gen.auth_asym_id 
_struct_site_gen.auth_seq_id 
_struct_site_gen.label_atom_id 
_struct_site_gen.label_alt_id 
_struct_site_gen.symmetry 
_struct_site_gen.details 
1  AC1 6 SER A 19 ? SER A 18  . ? 1_555 ? 
2  AC1 6 GLU A 22 ? GLU A 21  . ? 1_555 ? 
3  AC1 6 ASP A 24 ? ASP A 23  . ? 1_555 ? 
4  AC1 6 LYS A 27 ? LYS A 26  . ? 1_555 ? 
5  AC1 6 GLU A 32 ? GLU A 31  . ? 1_555 ? 
6  AC1 6 HOH E .  ? HOH A 240 . ? 1_555 ? 
7  AC2 6 ASP A 62 ? ASP A 61  . ? 1_555 ? 
8  AC2 6 ASP A 64 ? ASP A 63  . ? 1_555 ? 
9  AC2 6 ASP A 66 ? ASP A 65  . ? 1_555 ? 
10 AC2 6 GLU A 68 ? GLU A 67  . ? 1_555 ? 
11 AC2 6 GLU A 73 ? GLU A 72  . ? 1_555 ? 
12 AC2 6 HOH E .  ? HOH A 220 . ? 1_555 ? 
13 AC3 9 VAL A 9  ? VAL A 8   . ? 7_647 ? 
14 AC3 9 ASP A 13 ? ASP A 12  . ? 7_647 ? 
15 AC3 9 HIS A 43 ? HIS A 42  . ? 2_754 ? 
16 AC3 9 HIS A 43 ? HIS A 42  . ? 8_667 ? 
17 AC3 9 CYS A 85 ? CYS A 84  . ? 8_667 ? 
18 AC3 9 HIS A 86 ? HIS A 85  . ? 8_667 ? 
19 AC3 9 PHE A 88 ? PHE A 87  . ? 8_667 ? 
20 AC3 9 PHE A 89 ? PHE A 88  . ? 8_667 ? 
21 AC3 9 HOH E .  ? HOH A 288 . ? 1_555 ? 
# 
_atom_sites.entry_id                    5DKN 
_atom_sites.fract_transf_matrix[1][1]   0.00903432 
_atom_sites.fract_transf_matrix[1][2]   0.00782763 
_atom_sites.fract_transf_matrix[1][3]   -0.01004521 
_atom_sites.fract_transf_matrix[2][1]   -0.00916159 
_atom_sites.fract_transf_matrix[2][2]   -0.00455981 
_atom_sites.fract_transf_matrix[2][3]   -0.01179281 
_atom_sites.fract_transf_matrix[3][1]   -0.01191093 
_atom_sites.fract_transf_matrix[3][2]   0.01712464 
_atom_sites.fract_transf_matrix[3][3]   0.00263194 
_atom_sites.fract_transf_vector[1]      1.223567 
_atom_sites.fract_transf_vector[2]      0.009705 
_atom_sites.fract_transf_vector[3]      1.201252 
# 
loop_
_atom_type.symbol 
C  
CA 
N  
O  
S  
# 
loop_
_atom_site.group_PDB 
_atom_site.id 
_atom_site.type_symbol 
_atom_site.label_atom_id 
_atom_site.label_alt_id 
_atom_site.label_comp_id 
_atom_site.label_asym_id 
_atom_site.label_entity_id 
_atom_site.label_seq_id 
_atom_site.pdbx_PDB_ins_code 
_atom_site.Cartn_x 
_atom_site.Cartn_y 
_atom_site.Cartn_z 
_atom_site.occupancy 
_atom_site.B_iso_or_equiv 
_atom_site.pdbx_formal_charge 
_atom_site.auth_seq_id 
_atom_site.auth_comp_id 
_atom_site.auth_asym_id 
_atom_site.auth_atom_id 
_atom_site.pdbx_PDB_model_num 
ATOM   1   N  N   . MET A 1 1  ? -10.738 -13.861 18.243  1.00 28.35 ? 0   MET A N   1 
ATOM   2   C  CA  . MET A 1 1  ? -9.850  -12.710 18.072  1.00 22.53 ? 0   MET A CA  1 
ATOM   3   C  C   . MET A 1 1  ? -10.646 -11.398 18.062  1.00 18.90 ? 0   MET A C   1 
ATOM   4   O  O   . MET A 1 1  ? -11.767 -11.350 17.549  1.00 22.46 ? 0   MET A O   1 
ATOM   5   C  CB  . MET A 1 1  ? -9.009  -12.857 16.791  1.00 23.17 ? 0   MET A CB  1 
ATOM   6   C  CG  . MET A 1 1  ? -7.938  -13.968 16.849  1.00 22.17 ? 0   MET A CG  1 
ATOM   7   S  SD  . MET A 1 1  ? -7.175  -14.356 15.248  1.00 27.62 ? 0   MET A SD  1 
ATOM   8   C  CE  . MET A 1 1  ? -6.377  -12.799 14.858  1.00 23.37 ? 0   MET A CE  1 
ATOM   9   N  N   . SER A 1 2  ? -10.073 -10.341 18.643  1.00 15.77 ? 1   SER A N   1 
ATOM   10  C  CA  . SER A 1 2  ? -10.710 -9.022  18.653  1.00 15.41 ? 1   SER A CA  1 
ATOM   11  C  C   . SER A 1 2  ? -10.711 -8.403  17.259  1.00 15.40 ? 1   SER A C   1 
ATOM   12  O  O   . SER A 1 2  ? -9.981  -8.862  16.385  1.00 13.51 ? 1   SER A O   1 
ATOM   13  C  CB  . SER A 1 2  ? -9.952  -8.088  19.588  1.00 16.12 ? 1   SER A CB  1 
ATOM   14  O  OG  . SER A 1 2  ? -8.702  -7.732  19.018  1.00 14.54 ? 1   SER A OG  1 
ATOM   15  N  N   . GLU A 1 3  ? -11.507 -7.355  17.058  1.00 12.33 ? 2   GLU A N   1 
ATOM   16  C  CA  . GLU A 1 3  ? -11.491 -6.636  15.780  1.00 12.07 ? 2   GLU A CA  1 
ATOM   17  C  C   . GLU A 1 3  ? -10.108 -6.063  15.473  1.00 12.97 ? 2   GLU A C   1 
ATOM   18  O  O   . GLU A 1 3  ? -9.686  -6.045  14.317  1.00 13.27 ? 2   GLU A O   1 
ATOM   19  C  CB  . GLU A 1 3  ? -12.546 -5.525  15.738  1.00 15.16 ? 2   GLU A CB  1 
ATOM   20  C  CG  . GLU A 1 3  ? -13.977 -6.030  15.667  1.00 19.89 ? 2   GLU A CG  1 
ATOM   21  C  CD  . GLU A 1 3  ? -14.183 -7.052  14.568  1.00 22.03 ? 2   GLU A CD  1 
ATOM   22  O  OE1 . GLU A 1 3  ? -13.932 -6.737  13.384  1.00 23.49 ? 2   GLU A OE1 1 
ATOM   23  O  OE2 . GLU A 1 3  ? -14.609 -8.179  14.886  1.00 29.81 ? 2   GLU A OE2 1 
ATOM   24  N  N   . LEU A 1 4  ? -9.403  -5.597  16.500  1.00 12.91 ? 3   LEU A N   1 
ATOM   25  C  CA  . LEU A 1 4  ? -8.057  -5.064  16.301  1.00 11.01 ? 3   LEU A CA  1 
ATOM   26  C  C   . LEU A 1 4  ? -7.102  -6.164  15.858  1.00 12.33 ? 3   LEU A C   1 
ATOM   27  O  O   . LEU A 1 4  ? -6.320  -5.980  14.917  1.00 11.48 ? 3   LEU A O   1 
ATOM   28  C  CB  . LEU A 1 4  ? -7.548  -4.388  17.584  1.00 11.54 ? 3   LEU A CB  1 
ATOM   29  C  CG  . LEU A 1 4  ? -6.100  -3.878  17.562  1.00 10.28 ? 3   LEU A CG  1 
ATOM   30  C  CD1 . LEU A 1 4  ? -5.854  -2.961  16.363  1.00 10.94 ? 3   LEU A CD1 1 
ATOM   31  C  CD2 . LEU A 1 4  ? -5.737  -3.158  18.861  1.00 11.93 ? 3   LEU A CD2 1 
ATOM   32  N  N   . GLU A 1 5  ? -7.165  -7.316  16.516  1.00 13.98 ? 4   GLU A N   1 
ATOM   33  C  CA  . GLU A 1 5  ? -6.286  -8.419  16.158  1.00 11.88 ? 4   GLU A CA  1 
ATOM   34  C  C   . GLU A 1 5  ? -6.566  -8.890  14.728  1.00 13.07 ? 4   GLU A C   1 
ATOM   35  O  O   . GLU A 1 5  ? -5.638  -9.155  13.962  1.00 12.54 ? 4   GLU A O   1 
ATOM   36  C  CB  . GLU A 1 5  ? -6.402  -9.561  17.174  1.00 12.07 ? 4   GLU A CB  1 
ATOM   37  C  CG  . GLU A 1 5  ? -5.850  -9.200  18.543  1.00 14.43 ? 4   GLU A CG  1 
ATOM   38  C  CD  . GLU A 1 5  ? -6.204  -10.210 19.612  1.00 17.74 ? 4   GLU A CD  1 
ATOM   39  O  OE1 . GLU A 1 5  ? -7.254  -10.879 19.477  1.00 17.52 ? 4   GLU A OE1 1 
ATOM   40  O  OE2 . GLU A 1 5  ? -5.432  -10.319 20.593  1.00 16.39 ? 4   GLU A OE2 1 
ATOM   41  N  N   . LYS A 1 6  ? -7.840  -8.949  14.358  1.00 12.71 ? 5   LYS A N   1 
ATOM   42  C  CA  . LYS A 1 6  ? -8.213  -9.305  12.988  1.00 12.21 ? 5   LYS A CA  1 
ATOM   43  C  C   . LYS A 1 6  ? -7.720  -8.271  11.987  1.00 13.12 ? 5   LYS A C   1 
ATOM   44  O  O   . LYS A 1 6  ? -7.284  -8.623  10.888  1.00 12.83 ? 5   LYS A O   1 
ATOM   45  C  CB  . LYS A 1 6  ? -9.721  -9.485  12.871  1.00 14.23 ? 5   LYS A CB  1 
ATOM   46  C  CG  . LYS A 1 6  ? -10.189 -10.744 13.577  1.00 18.25 ? 5   LYS A CG  1 
ATOM   47  C  CD  . LYS A 1 6  ? -11.641 -11.059 13.286  1.00 21.86 ? 5   LYS A CD  1 
ATOM   48  C  CE  . LYS A 1 6  ? -12.554 -10.356 14.255  1.00 26.90 ? 5   LYS A CE  1 
ATOM   49  N  NZ  . LYS A 1 6  ? -13.960 -10.861 14.117  1.00 28.98 ? 5   LYS A NZ  1 
ATOM   50  N  N   . ALA A 1 7  ? -7.767  -6.996  12.370  1.00 11.31 ? 6   ALA A N   1 
ATOM   51  C  CA  . ALA A 1 7  ? -7.311  -5.920  11.494  1.00 10.29 ? 6   ALA A CA  1 
ATOM   52  C  C   . ALA A 1 7  ? -5.812  -6.033  11.221  1.00 10.05 ? 6   ALA A C   1 
ATOM   53  O  O   . ALA A 1 7  ? -5.361  -5.859  10.080  1.00 9.25  ? 6   ALA A O   1 
ATOM   54  C  CB  . ALA A 1 7  ? -7.638  -4.566  12.115  1.00 10.99 ? 6   ALA A CB  1 
ATOM   55  N  N   . VAL A 1 8  ? -5.043  -6.316  12.264  1.00 8.77  ? 7   VAL A N   1 
ATOM   56  C  CA  . VAL A 1 8  ? -3.603  -6.525  12.143  1.00 10.53 ? 7   VAL A CA  1 
ATOM   57  C  C   . VAL A 1 8  ? -3.310  -7.639  11.141  1.00 9.91  ? 7   VAL A C   1 
ATOM   58  O  O   . VAL A 1 8  ? -2.489  -7.479  10.234  1.00 10.27 ? 7   VAL A O   1 
ATOM   59  C  CB  . VAL A 1 8  ? -3.002  -6.874  13.523  1.00 9.95  ? 7   VAL A CB  1 
ATOM   60  C  CG1 . VAL A 1 8  ? -1.593  -7.429  13.387  1.00 11.32 ? 7   VAL A CG1 1 
ATOM   61  C  CG2 . VAL A 1 8  ? -3.032  -5.644  14.430  1.00 13.24 ? 7   VAL A CG2 1 
ATOM   62  N  N   . VAL A 1 9  ? -4.016  -8.751  11.279  1.00 12.92 ? 8   VAL A N   1 
ATOM   63  C  CA  . VAL A 1 9  ? -3.826  -9.860  10.349  1.00 11.62 ? 8   VAL A CA  1 
ATOM   64  C  C   . VAL A 1 9  ? -4.211  -9.474  8.921   1.00 12.50 ? 8   VAL A C   1 
ATOM   65  O  O   . VAL A 1 9  ? -3.511  -9.851  7.978   1.00 12.71 ? 8   VAL A O   1 
ATOM   66  C  CB  . VAL A 1 9  ? -4.596  -11.106 10.821  1.00 13.38 ? 8   VAL A CB  1 
ATOM   67  C  CG1 . VAL A 1 9  ? -4.599  -12.175 9.741   1.00 16.07 ? 8   VAL A CG1 1 
ATOM   68  C  CG2 . VAL A 1 9  ? -3.973  -11.638 12.110  1.00 17.30 ? 8   VAL A CG2 1 
ATOM   69  N  N   . ALA A 1 10 ? -5.289  -8.699  8.763   1.00 11.44 ? 9   ALA A N   1 
ATOM   70  C  CA  . ALA A 1 10 ? -5.714  -8.242  7.436   1.00 9.94  ? 9   ALA A CA  1 
ATOM   71  C  C   . ALA A 1 10 ? -4.631  -7.410  6.750   1.00 9.98  ? 9   ALA A C   1 
ATOM   72  O  O   . ALA A 1 10 ? -4.473  -7.483  5.526   1.00 10.61 ? 9   ALA A O   1 
ATOM   73  C  CB  . ALA A 1 10 ? -7.005  -7.457  7.524   1.00 10.33 ? 9   ALA A CB  1 
ATOM   74  N  N   . LEU A 1 11 ? -3.917  -6.593  7.517   1.00 10.86 ? 10  LEU A N   1 
ATOM   75  C  CA  . LEU A 1 11 ? -2.840  -5.779  6.940   1.00 10.50 ? 10  LEU A CA  1 
ATOM   76  C  C   . LEU A 1 11 ? -1.736  -6.666  6.371   1.00 10.89 ? 10  LEU A C   1 
ATOM   77  O  O   . LEU A 1 11 ? -1.234  -6.433  5.261   1.00 10.48 ? 10  LEU A O   1 
ATOM   78  C  CB  . LEU A 1 11 ? -2.253  -4.829  7.990   1.00 10.25 ? 10  LEU A CB  1 
ATOM   79  C  CG  . LEU A 1 11 ? -3.204  -3.817  8.629   1.00 9.58  ? 10  LEU A CG  1 
ATOM   80  C  CD1 . LEU A 1 11 ? -2.423  -2.928  9.599   1.00 10.16 ? 10  LEU A CD1 1 
ATOM   81  C  CD2 . LEU A 1 11 ? -3.897  -2.962  7.588   1.00 10.38 ? 10  LEU A CD2 1 
ATOM   82  N  N   . ILE A 1 12 ? -1.359  -7.689  7.129   1.00 10.67 ? 11  ILE A N   1 
ATOM   83  C  CA  . ILE A 1 12 ? -0.370  -8.658  6.679   1.00 10.59 ? 11  ILE A CA  1 
ATOM   84  C  C   . ILE A 1 12 ? -0.871  -9.428  5.460   1.00 12.02 ? 11  ILE A C   1 
ATOM   85  O  O   . ILE A 1 12 ? -0.136  -9.611  4.476   1.00 13.07 ? 11  ILE A O   1 
ATOM   86  C  CB  . ILE A 1 12 ? -0.070  -9.644  7.812   1.00 11.52 ? 11  ILE A CB  1 
ATOM   87  C  CG1 . ILE A 1 12 ? 0.591   -8.896  8.967   1.00 10.58 ? 11  ILE A CG1 1 
ATOM   88  C  CG2 . ILE A 1 12 ? 0.809   -10.795 7.318   1.00 13.51 ? 11  ILE A CG2 1 
ATOM   89  C  CD1 . ILE A 1 12 ? 0.523   -9.641  10.291  1.00 11.36 ? 11  ILE A CD1 1 
ATOM   90  N  N   . ASP A 1 13 ? -2.119  -9.871  5.514   1.00 12.55 ? 12  ASP A N   1 
ATOM   91  C  CA  . ASP A 1 13 ? -2.679  -10.655 4.422   1.00 12.00 ? 12  ASP A CA  1 
ATOM   92  C  C   . ASP A 1 13 ? -2.691  -9.879  3.107   1.00 13.67 ? 12  ASP A C   1 
ATOM   93  O  O   . ASP A 1 13 ? -2.297  -10.413 2.063   1.00 12.97 ? 12  ASP A O   1 
ATOM   94  C  CB  . ASP A 1 13 ? -4.096  -11.125 4.758   1.00 13.36 ? 12  ASP A CB  1 
ATOM   95  C  CG  . ASP A 1 13 ? -4.128  -12.214 5.832   1.00 17.05 ? 12  ASP A CG  1 
ATOM   96  O  OD1 . ASP A 1 13 ? -3.089  -12.854 6.107   1.00 20.72 ? 12  ASP A OD1 1 
ATOM   97  O  OD2 . ASP A 1 13 ? -5.219  -12.427 6.388   1.00 24.41 ? 12  ASP A OD2 1 
ATOM   98  N  N   . VAL A 1 14 ? -3.122  -8.619  3.148   1.00 10.46 ? 13  VAL A N   1 
ATOM   99  C  CA  . VAL A 1 14 ? -3.220  -7.853  1.897   1.00 11.15 ? 13  VAL A CA  1 
ATOM   100 C  C   . VAL A 1 14 ? -1.840  -7.558  1.307   1.00 11.61 ? 13  VAL A C   1 
ATOM   101 O  O   . VAL A 1 14 ? -1.672  -7.589  0.085   1.00 10.89 ? 13  VAL A O   1 
ATOM   102 C  CB  . VAL A 1 14 ? -4.072  -6.549  2.030   1.00 9.39  ? 13  VAL A CB  1 
ATOM   103 C  CG1 . VAL A 1 14 ? -3.337  -5.480  2.833   1.00 11.13 ? 13  VAL A CG1 1 
ATOM   104 C  CG2 . VAL A 1 14 ? -4.466  -6.003  0.649   1.00 10.63 ? 13  VAL A CG2 1 
ATOM   105 N  N   . PHE A 1 15 ? -0.850  -7.292  2.158   1.00 10.93 ? 14  PHE A N   1 
ATOM   106 C  CA  . PHE A 1 15 ? 0.513   -7.097  1.675   1.00 11.52 ? 14  PHE A CA  1 
ATOM   107 C  C   . PHE A 1 15 ? 0.988   -8.308  0.877   1.00 11.68 ? 14  PHE A C   1 
ATOM   108 O  O   . PHE A 1 15 ? 1.461   -8.166  -0.250  1.00 12.07 ? 14  PHE A O   1 
ATOM   109 C  CB  . PHE A 1 15 ? 1.483   -6.833  2.831   1.00 10.01 ? 14  PHE A CB  1 
ATOM   110 C  CG  . PHE A 1 15 ? 2.917   -6.604  2.382   1.00 10.21 ? 14  PHE A CG  1 
ATOM   111 C  CD1 . PHE A 1 15 ? 3.310   -5.370  1.883   1.00 10.69 ? 14  PHE A CD1 1 
ATOM   112 C  CD2 . PHE A 1 15 ? 3.858   -7.627  2.446   1.00 11.80 ? 14  PHE A CD2 1 
ATOM   113 C  CE1 . PHE A 1 15 ? 4.626   -5.151  1.474   1.00 11.55 ? 14  PHE A CE1 1 
ATOM   114 C  CE2 . PHE A 1 15 ? 5.176   -7.418  2.031   1.00 12.47 ? 14  PHE A CE2 1 
ATOM   115 C  CZ  . PHE A 1 15 ? 5.556   -6.172  1.543   1.00 12.62 ? 14  PHE A CZ  1 
ATOM   116 N  N   . HIS A 1 16 ? 0.836   -9.495  1.456   1.00 13.88 ? 15  HIS A N   1 
ATOM   117 C  CA  . HIS A 1 16 ? 1.351   -10.703 0.814   1.00 14.70 ? 15  HIS A CA  1 
ATOM   118 C  C   . HIS A 1 16 ? 0.501   -11.197 -0.343  1.00 15.33 ? 15  HIS A C   1 
ATOM   119 O  O   . HIS A 1 16 ? 0.975   -11.983 -1.158  1.00 19.21 ? 15  HIS A O   1 
ATOM   120 C  CB  . HIS A 1 16 ? 1.580   -11.798 1.840   1.00 16.68 ? 15  HIS A CB  1 
ATOM   121 C  CG  . HIS A 1 16 ? 2.814   -11.584 2.646   1.00 14.67 ? 15  HIS A CG  1 
ATOM   122 N  ND1 . HIS A 1 16 ? 4.070   -11.885 2.167   1.00 18.10 ? 15  HIS A ND1 1 
ATOM   123 C  CD2 . HIS A 1 16 ? 2.994   -11.069 3.885   1.00 15.75 ? 15  HIS A CD2 1 
ATOM   124 C  CE1 . HIS A 1 16 ? 4.970   -11.575 3.080   1.00 17.95 ? 15  HIS A CE1 1 
ATOM   125 N  NE2 . HIS A 1 16 ? 4.343   -11.079 4.132   1.00 17.94 ? 15  HIS A NE2 1 
ATOM   126 N  N   . GLN A 1 17 ? -0.736  -10.729 -0.420  1.00 12.39 ? 16  GLN A N   1 
ATOM   127 C  CA  . GLN A 1 17 ? -1.577  -11.024 -1.573  1.00 12.62 ? 16  GLN A CA  1 
ATOM   128 C  C   . GLN A 1 17 ? -1.077  -10.306 -2.823  1.00 11.83 ? 16  GLN A C   1 
ATOM   129 O  O   . GLN A 1 17 ? -1.371  -10.730 -3.948  1.00 14.47 ? 16  GLN A O   1 
ATOM   130 C  CB  . GLN A 1 17 ? -3.020  -10.658 -1.266  1.00 12.48 ? 16  GLN A CB  1 
ATOM   131 C  CG  . GLN A 1 17 ? -3.691  -11.702 -0.388  1.00 15.53 ? 16  GLN A CG  1 
ATOM   132 C  CD  . GLN A 1 17 ? -4.930  -11.180 0.298   1.00 18.38 ? 16  GLN A CD  1 
ATOM   133 O  OE1 . GLN A 1 17 ? -5.445  -10.117 -0.049  1.00 19.04 ? 16  GLN A OE1 1 
ATOM   134 N  NE2 . GLN A 1 17 ? -5.425  -11.932 1.280   1.00 16.09 ? 16  GLN A NE2 1 
ATOM   135 N  N   . TYR A 1 18 ? -0.301  -9.242  -2.628  1.00 12.39 ? 17  TYR A N   1 
ATOM   136 C  CA  . TYR A 1 18 ? 0.252   -8.504  -3.764  1.00 12.77 ? 17  TYR A CA  1 
ATOM   137 C  C   . TYR A 1 18 ? 1.764   -8.626  -3.928  1.00 14.01 ? 17  TYR A C   1 
ATOM   138 O  O   . TYR A 1 18 ? 2.251   -8.676  -5.055  1.00 15.37 ? 17  TYR A O   1 
ATOM   139 C  CB  . TYR A 1 18 ? -0.219  -7.040  -3.745  1.00 11.06 ? 17  TYR A CB  1 
ATOM   140 C  CG  . TYR A 1 18 ? -1.680  -6.967  -4.079  1.00 12.76 ? 17  TYR A CG  1 
ATOM   141 C  CD1 . TYR A 1 18 ? -2.650  -7.109  -3.093  1.00 12.65 ? 17  TYR A CD1 1 
ATOM   142 C  CD2 . TYR A 1 18 ? -2.101  -6.827  -5.393  1.00 14.44 ? 17  TYR A CD2 1 
ATOM   143 C  CE1 . TYR A 1 18 ? -3.992  -7.085  -3.398  1.00 14.16 ? 17  TYR A CE1 1 
ATOM   144 C  CE2 . TYR A 1 18 ? -3.445  -6.801  -5.714  1.00 15.36 ? 17  TYR A CE2 1 
ATOM   145 C  CZ  . TYR A 1 18 ? -4.393  -6.929  -4.713  1.00 14.31 ? 17  TYR A CZ  1 
ATOM   146 O  OH  . TYR A 1 18 ? -5.730  -6.901  -5.023  1.00 16.56 ? 17  TYR A OH  1 
ATOM   147 N  N   . SER A 1 19 ? 2.499   -8.689  -2.821  1.00 14.06 ? 18  SER A N   1 
ATOM   148 C  CA  . SER A 1 19 ? 3.967   -8.704  -2.861  1.00 12.63 ? 18  SER A CA  1 
ATOM   149 C  C   . SER A 1 19 ? 4.533   -9.966  -3.502  1.00 15.81 ? 18  SER A C   1 
ATOM   150 O  O   . SER A 1 19 ? 5.640   -9.952  -4.047  1.00 14.15 ? 18  SER A O   1 
ATOM   151 C  CB  . SER A 1 19 ? 4.555   -8.531  -1.459  1.00 14.10 ? 18  SER A CB  1 
ATOM   152 O  OG  . SER A 1 19 ? 4.282   -9.663  -0.642  1.00 14.90 ? 18  SER A OG  1 
ATOM   153 N  N   . GLY A 1 20 ? 3.769   -11.053 -3.440  1.00 16.47 ? 19  GLY A N   1 
ATOM   154 C  CA  . GLY A 1 20 ? 4.259   -12.333 -3.923  1.00 17.71 ? 19  GLY A CA  1 
ATOM   155 C  C   . GLY A 1 20 ? 4.077   -12.598 -5.407  1.00 19.23 ? 19  GLY A C   1 
ATOM   156 O  O   . GLY A 1 20 ? 4.598   -13.591 -5.923  1.00 20.84 ? 19  GLY A O   1 
ATOM   157 N  N   . ARG A 1 21 ? 3.354   -11.719 -6.093  1.00 16.08 ? 20  ARG A N   1 
ATOM   158 C  CA  . ARG A 1 21 ? 2.977   -11.939 -7.494  1.00 14.87 ? 20  ARG A CA  1 
ATOM   159 C  C   . ARG A 1 21 ? 4.155   -11.880 -8.450  1.00 17.29 ? 20  ARG A C   1 
ATOM   160 O  O   . ARG A 1 21 ? 4.215   -12.647 -9.414  1.00 20.40 ? 20  ARG A O   1 
ATOM   161 C  CB  . ARG A 1 21 ? 1.936   -10.906 -7.922  1.00 16.51 ? 20  ARG A CB  1 
ATOM   162 C  CG  . ARG A 1 21 ? 0.655   -11.026 -7.133  1.00 16.79 ? 20  ARG A CG  1 
ATOM   163 C  CD  . ARG A 1 21 ? -0.337  -9.940  -7.422  1.00 20.27 ? 20  ARG A CD  1 
ATOM   164 N  NE  . ARG A 1 21 ? -1.602  -10.290 -6.786  1.00 22.04 ? 20  ARG A NE  1 
ATOM   165 C  CZ  . ARG A 1 21 ? -2.802  -10.083 -7.312  1.00 24.87 ? 20  ARG A CZ  1 
ATOM   166 N  NH1 . ARG A 1 21 ? -2.925  -9.497  -8.495  1.00 28.68 ? 20  ARG A NH1 1 
ATOM   167 N  NH2 . ARG A 1 21 ? -3.882  -10.458 -6.649  1.00 27.22 ? 20  ARG A NH2 1 
ATOM   168 N  N   . GLU A 1 22 ? 5.077   -10.964 -8.178  1.00 16.03 ? 21  GLU A N   1 
ATOM   169 C  CA  . GLU A 1 22 ? 6.215   -10.716 -9.056  1.00 16.36 ? 21  GLU A CA  1 
ATOM   170 C  C   . GLU A 1 22 ? 7.499   -10.519 -8.272  1.00 17.92 ? 21  GLU A C   1 
ATOM   171 O  O   . GLU A 1 22 ? 7.484   -9.947  -7.174  1.00 13.69 ? 21  GLU A O   1 
ATOM   172 C  CB  . GLU A 1 22 ? 5.993   -9.431  -9.845  1.00 13.88 ? 21  GLU A CB  1 
ATOM   173 C  CG  . GLU A 1 22 ? 4.709   -9.335  -10.611 1.00 15.43 ? 21  GLU A CG  1 
ATOM   174 C  CD  . GLU A 1 22 ? 4.617   -8.009  -11.315 1.00 16.64 ? 21  GLU A CD  1 
ATOM   175 O  OE1 . GLU A 1 22 ? 5.408   -7.774  -12.260 1.00 20.17 ? 21  GLU A OE1 1 
ATOM   176 O  OE2 . GLU A 1 22 ? 3.784   -7.179  -10.904 1.00 14.49 ? 21  GLU A OE2 1 
ATOM   177 N  N   . GLY A 1 23 ? 8.609   -10.949 -8.869  1.00 15.97 ? 22  GLY A N   1 
ATOM   178 C  CA  . GLY A 1 23 ? 9.941   -10.634 -8.377  1.00 15.61 ? 22  GLY A CA  1 
ATOM   179 C  C   . GLY A 1 23 ? 10.150  -11.018 -6.929  1.00 14.65 ? 22  GLY A C   1 
ATOM   180 O  O   . GLY A 1 23 ? 9.760   -12.111 -6.504  1.00 17.44 ? 22  GLY A O   1 
ATOM   181 N  N   . ASP A 1 24 ? 10.756  -10.103 -6.180  1.00 16.80 ? 23  ASP A N   1 
ATOM   182 C  CA  . ASP A 1 24 ? 10.905  -10.254 -4.743  1.00 17.86 ? 23  ASP A CA  1 
ATOM   183 C  C   . ASP A 1 24 ? 9.543   -10.527 -4.099  1.00 14.65 ? 23  ASP A C   1 
ATOM   184 O  O   . ASP A 1 24 ? 8.629   -9.703  -4.181  1.00 14.85 ? 23  ASP A O   1 
ATOM   185 C  CB  . ASP A 1 24 ? 11.516  -8.974  -4.178  1.00 17.47 ? 23  ASP A CB  1 
ATOM   186 C  CG  . ASP A 1 24 ? 12.001  -9.136  -2.761  1.00 16.11 ? 23  ASP A CG  1 
ATOM   187 O  OD1 . ASP A 1 24 ? 11.314  -9.808  -1.961  1.00 18.66 ? 23  ASP A OD1 1 
ATOM   188 O  OD2 . ASP A 1 24 ? 13.066  -8.578  -2.434  1.00 22.91 ? 23  ASP A OD2 1 
ATOM   189 N  N   . LYS A 1 25 ? 9.408   -11.680 -3.449  1.00 18.24 ? 24  LYS A N   1 
ATOM   190 C  CA  . LYS A 1 25 ? 8.128   -12.059 -2.856  1.00 16.30 ? 24  LYS A CA  1 
ATOM   191 C  C   . LYS A 1 25 ? 7.819   -11.269 -1.587  1.00 15.50 ? 24  LYS A C   1 
ATOM   192 O  O   . LYS A 1 25 ? 6.691   -11.286 -1.101  1.00 15.78 ? 24  LYS A O   1 
ATOM   193 C  CB  . LYS A 1 25 ? 8.081   -13.568 -2.577  1.00 20.20 ? 24  LYS A CB  1 
ATOM   194 C  CG  . LYS A 1 25 ? 8.325   -14.426 -3.808  1.00 26.23 ? 24  LYS A CG  1 
ATOM   195 C  CD  . LYS A 1 25 ? 8.551   -15.879 -3.413  1.00 31.16 ? 24  LYS A CD  1 
ATOM   196 C  CE  . LYS A 1 25 ? 9.220   -16.665 -4.540  1.00 37.26 ? 24  LYS A CE  1 
ATOM   197 N  NZ  . LYS A 1 25 ? 9.800   -17.960 -4.058  1.00 38.29 ? 24  LYS A NZ  1 
ATOM   198 N  N   . HIS A 1 26 ? 8.819   -10.559 -1.070  1.00 15.50 ? 25  HIS A N   1 
ATOM   199 C  CA  . HIS A 1 26 ? 8.679   -9.827  0.186   1.00 17.65 ? 25  HIS A CA  1 
ATOM   200 C  C   . HIS A 1 26 ? 8.499   -8.320  0.007   1.00 15.71 ? 25  HIS A C   1 
ATOM   201 O  O   . HIS A 1 26 ? 8.440   -7.587  0.991   1.00 14.52 ? 25  HIS A O   1 
ATOM   202 C  CB  . HIS A 1 26 ? 9.889   -10.097 1.073   1.00 18.67 ? 25  HIS A CB  1 
ATOM   203 C  CG  . HIS A 1 26 ? 10.138  -11.552 1.309   1.00 23.82 ? 25  HIS A CG  1 
ATOM   204 N  ND1 . HIS A 1 26 ? 9.285   -12.339 2.051   1.00 27.71 ? 25  HIS A ND1 1 
ATOM   205 C  CD2 . HIS A 1 26 ? 11.134  -12.367 0.887   1.00 27.11 ? 25  HIS A CD2 1 
ATOM   206 C  CE1 . HIS A 1 26 ? 9.748   -13.576 2.082   1.00 29.42 ? 25  HIS A CE1 1 
ATOM   207 N  NE2 . HIS A 1 26 ? 10.872  -13.619 1.389   1.00 31.88 ? 25  HIS A NE2 1 
ATOM   208 N  N   . LYS A 1 27 ? 8.440   -7.861  -1.239  1.00 12.71 ? 26  LYS A N   1 
ATOM   209 C  CA  . LYS A 1 27 ? 8.306   -6.439  -1.521  1.00 12.48 ? 26  LYS A CA  1 
ATOM   210 C  C   . LYS A 1 27 ? 7.289   -6.197  -2.622  1.00 10.83 ? 26  LYS A C   1 
ATOM   211 O  O   . LYS A 1 27 ? 7.083   -7.051  -3.492  1.00 12.17 ? 26  LYS A O   1 
ATOM   212 C  CB  . LYS A 1 27 ? 9.658   -5.843  -1.934  1.00 12.45 ? 26  LYS A CB  1 
ATOM   213 C  CG  . LYS A 1 27 ? 10.799  -6.037  -0.948  1.00 13.36 ? 26  LYS A CG  1 
ATOM   214 C  CD  . LYS A 1 27 ? 12.087  -5.410  -1.475  1.00 14.54 ? 26  LYS A CD  1 
ATOM   215 C  CE  . LYS A 1 27 ? 13.247  -5.676  -0.535  1.00 19.21 ? 26  LYS A CE  1 
ATOM   216 N  NZ  . LYS A 1 27 ? 14.537  -5.178  -1.110  1.00 25.21 ? 26  LYS A NZ  1 
ATOM   217 N  N   . LEU A 1 28 ? 6.651   -5.030  -2.580  1.00 11.20 ? 27  LEU A N   1 
ATOM   218 C  CA  . LEU A 1 28 ? 5.789   -4.574  -3.657  1.00 10.71 ? 27  LEU A CA  1 
ATOM   219 C  C   . LEU A 1 28 ? 6.592   -3.737  -4.651  1.00 11.11 ? 27  LEU A C   1 
ATOM   220 O  O   . LEU A 1 28 ? 7.106   -2.670  -4.302  1.00 12.44 ? 27  LEU A O   1 
ATOM   221 C  CB  . LEU A 1 28 ? 4.655   -3.708  -3.112  1.00 12.33 ? 27  LEU A CB  1 
ATOM   222 C  CG  . LEU A 1 28 ? 3.700   -4.296  -2.081  1.00 11.44 ? 27  LEU A CG  1 
ATOM   223 C  CD1 . LEU A 1 28 ? 2.962   -3.151  -1.372  1.00 11.61 ? 27  LEU A CD1 1 
ATOM   224 C  CD2 . LEU A 1 28 ? 2.713   -5.236  -2.758  1.00 13.02 ? 27  LEU A CD2 1 
ATOM   225 N  N   . LYS A 1 29 ? 6.702   -4.212  -5.889  1.00 11.17 ? 28  LYS A N   1 
ATOM   226 C  CA  . LYS A 1 29 ? 7.230   -3.346  -6.943  1.00 11.02 ? 28  LYS A CA  1 
ATOM   227 C  C   . LYS A 1 29 ? 6.079   -2.459  -7.416  1.00 11.30 ? 28  LYS A C   1 
ATOM   228 O  O   . LYS A 1 29 ? 4.934   -2.675  -7.021  1.00 12.51 ? 28  LYS A O   1 
ATOM   229 C  CB  . LYS A 1 29 ? 7.841   -4.158  -8.090  1.00 12.45 ? 28  LYS A CB  1 
ATOM   230 C  CG  . LYS A 1 29 ? 6.882   -5.119  -8.760  1.00 13.34 ? 28  LYS A CG  1 
ATOM   231 C  CD  . LYS A 1 29 ? 7.634   -6.110  -9.659  1.00 15.92 ? 28  LYS A CD  1 
ATOM   232 C  CE  . LYS A 1 29 ? 8.264   -5.433  -10.853 1.00 14.89 ? 28  LYS A CE  1 
ATOM   233 N  NZ  . LYS A 1 29 ? 7.364   -5.346  -12.038 1.00 14.64 ? 28  LYS A NZ  1 
ATOM   234 N  N   . LYS A 1 30 ? 6.374   -1.461  -8.240  1.00 12.07 ? 29  LYS A N   1 
ATOM   235 C  CA  . LYS A 1 30 ? 5.362   -0.489  -8.651  1.00 10.09 ? 29  LYS A CA  1 
ATOM   236 C  C   . LYS A 1 30 ? 4.116   -1.128  -9.265  1.00 12.65 ? 29  LYS A C   1 
ATOM   237 O  O   . LYS A 1 30 ? 2.995   -0.709  -8.983  1.00 10.61 ? 29  LYS A O   1 
ATOM   238 C  CB  . LYS A 1 30 ? 5.958   0.551   -9.608  1.00 11.24 ? 29  LYS A CB  1 
ATOM   239 C  CG  . LYS A 1 30 ? 6.813   1.607   -8.904  1.00 12.32 ? 29  LYS A CG  1 
ATOM   240 C  CD  . LYS A 1 30 ? 7.313   2.656   -9.890  1.00 16.03 ? 29  LYS A CD  1 
ATOM   241 C  CE  . LYS A 1 30 ? 8.219   2.028   -10.937 1.00 18.42 ? 29  LYS A CE  1 
ATOM   242 N  NZ  . LYS A 1 30 ? 9.506   1.558   -10.365 1.00 24.31 ? 29  LYS A NZ  1 
ATOM   243 N  N   . SER A 1 31 ? 4.307   -2.156  -10.088 1.00 11.69 ? 30  SER A N   1 
ATOM   244 C  CA  . SER A 1 31 ? 3.161   -2.821  -10.700 1.00 12.00 ? 30  SER A CA  1 
ATOM   245 C  C   . SER A 1 31 ? 2.238   -3.471  -9.668  1.00 12.73 ? 30  SER A C   1 
ATOM   246 O  O   . SER A 1 31 ? 1.020   -3.382  -9.797  1.00 13.81 ? 30  SER A O   1 
ATOM   247 C  CB  . SER A 1 31 ? 3.608   -3.832  -11.763 1.00 12.63 ? 30  SER A CB  1 
ATOM   248 O  OG  . SER A 1 31 ? 4.608   -4.713  -11.285 1.00 13.13 ? 30  SER A OG  1 
ATOM   249 N  N   . GLU A 1 32 ? 2.824   -4.088  -8.643  1.00 11.60 ? 31  GLU A N   1 
ATOM   250 C  CA  . GLU A 1 32 ? 2.066   -4.703  -7.553  1.00 12.10 ? 31  GLU A CA  1 
ATOM   251 C  C   . GLU A 1 32 ? 1.361   -3.648  -6.702  1.00 11.28 ? 31  GLU A C   1 
ATOM   252 O  O   . GLU A 1 32 ? 0.191   -3.794  -6.342  1.00 12.23 ? 31  GLU A O   1 
ATOM   253 C  CB  . GLU A 1 32 ? 3.000   -5.549  -6.691  1.00 13.17 ? 31  GLU A CB  1 
ATOM   254 C  CG  . GLU A 1 32 ? 3.587   -6.744  -7.434  1.00 11.61 ? 31  GLU A CG  1 
ATOM   255 C  CD  . GLU A 1 32 ? 4.683   -7.422  -6.657  1.00 14.33 ? 31  GLU A CD  1 
ATOM   256 O  OE1 . GLU A 1 32 ? 5.448   -6.721  -5.958  1.00 12.82 ? 31  GLU A OE1 1 
ATOM   257 O  OE2 . GLU A 1 32 ? 4.801   -8.661  -6.739  1.00 13.06 ? 31  GLU A OE2 1 
ATOM   258 N  N   . LEU A 1 33 ? 2.082   -2.576  -6.397  1.00 10.81 ? 32  LEU A N   1 
ATOM   259 C  CA  . LEU A 1 33 ? 1.510   -1.471  -5.635  1.00 11.64 ? 32  LEU A CA  1 
ATOM   260 C  C   . LEU A 1 33 ? 0.315   -0.839  -6.346  1.00 12.53 ? 32  LEU A C   1 
ATOM   261 O  O   . LEU A 1 33 ? -0.699  -0.524  -5.724  1.00 11.80 ? 32  LEU A O   1 
ATOM   262 C  CB  . LEU A 1 33 ? 2.587   -0.420  -5.352  1.00 12.61 ? 32  LEU A CB  1 
ATOM   263 C  CG  . LEU A 1 33 ? 2.114   0.843   -4.627  1.00 11.26 ? 32  LEU A CG  1 
ATOM   264 C  CD1 . LEU A 1 33 ? 1.684   0.495   -3.215  1.00 12.13 ? 32  LEU A CD1 1 
ATOM   265 C  CD2 . LEU A 1 33 ? 3.238   1.871   -4.602  1.00 11.32 ? 32  LEU A CD2 1 
ATOM   266 N  N   . LYS A 1 34 ? 0.431   -0.664  -7.659  1.00 10.48 ? 33  LYS A N   1 
ATOM   267 C  CA  . LYS A 1 34 ? -0.687  -0.156  -8.442  1.00 11.50 ? 33  LYS A CA  1 
ATOM   268 C  C   . LYS A 1 34 ? -1.924  -1.060  -8.330  1.00 12.37 ? 33  LYS A C   1 
ATOM   269 O  O   . LYS A 1 34 ? -3.047  -0.574  -8.140  1.00 12.73 ? 33  LYS A O   1 
ATOM   270 C  CB  . LYS A 1 34 ? -0.279  -0.007  -9.914  1.00 12.71 ? 33  LYS A CB  1 
ATOM   271 C  CG  . LYS A 1 34 ? -1.430  0.392   -10.834 1.00 15.31 ? 33  LYS A CG  1 
ATOM   272 C  CD  . LYS A 1 34 ? -0.954  0.578   -12.276 1.00 16.44 ? 33  LYS A CD  1 
ATOM   273 C  CE  . LYS A 1 34 ? -2.124  0.820   -13.219 1.00 19.88 ? 33  LYS A CE  1 
ATOM   274 N  NZ  . LYS A 1 34 ? -1.681  0.810   -14.650 1.00 22.23 ? 33  LYS A NZ  1 
ATOM   275 N  N   . GLU A 1 35 ? -1.709  -2.369  -8.442  1.00 12.29 ? 34  GLU A N   1 
ATOM   276 C  CA  . GLU A 1 35 ? -2.795  -3.332  -8.319  1.00 13.90 ? 34  GLU A CA  1 
ATOM   277 C  C   . GLU A 1 35 ? -3.450  -3.267  -6.938  1.00 13.91 ? 34  GLU A C   1 
ATOM   278 O  O   . GLU A 1 35 ? -4.677  -3.263  -6.812  1.00 12.53 ? 34  GLU A O   1 
ATOM   279 C  CB  . GLU A 1 35 ? -2.284  -4.743  -8.606  1.00 13.01 ? 34  GLU A CB  1 
ATOM   280 C  CG  . GLU A 1 35 ? -1.881  -4.965  -10.067 1.00 16.53 ? 34  GLU A CG  1 
ATOM   281 C  CD  . GLU A 1 35 ? -2.951  -4.513  -11.029 1.00 23.62 ? 34  GLU A CD  1 
ATOM   282 O  OE1 . GLU A 1 35 ? -4.036  -5.134  -11.046 1.00 28.18 ? 34  GLU A OE1 1 
ATOM   283 O  OE2 . GLU A 1 35 ? -2.714  -3.528  -11.765 1.00 27.68 ? 34  GLU A OE2 1 
ATOM   284 N  N   . LEU A 1 36 ? -2.632  -3.209  -5.896  1.00 11.97 ? 35  LEU A N   1 
ATOM   285 C  CA  . LEU A 1 36 ? -3.160  -3.156  -4.539  1.00 11.67 ? 35  LEU A CA  1 
ATOM   286 C  C   . LEU A 1 36 ? -4.031  -1.915  -4.341  1.00 12.49 ? 35  LEU A C   1 
ATOM   287 O  O   . LEU A 1 36 ? -5.127  -1.997  -3.789  1.00 12.00 ? 35  LEU A O   1 
ATOM   288 C  CB  . LEU A 1 36 ? -2.002  -3.167  -3.538  1.00 9.57  ? 35  LEU A CB  1 
ATOM   289 C  CG  . LEU A 1 36 ? -2.320  -3.206  -2.031  1.00 11.80 ? 35  LEU A CG  1 
ATOM   290 C  CD1 . LEU A 1 36 ? -1.169  -3.834  -1.258  1.00 13.24 ? 35  LEU A CD1 1 
ATOM   291 C  CD2 . LEU A 1 36 ? -2.633  -1.805  -1.472  1.00 11.59 ? 35  LEU A CD2 1 
ATOM   292 N  N   . ILE A 1 37 ? -3.516  -0.759  -4.748  1.00 11.14 ? 36  ILE A N   1 
ATOM   293 C  CA  . ILE A 1 37 ? -4.253  0.493   -4.617  1.00 11.76 ? 36  ILE A CA  1 
ATOM   294 C  C   . ILE A 1 37 ? -5.577  0.464   -5.407  1.00 12.06 ? 36  ILE A C   1 
ATOM   295 O  O   . ILE A 1 37 ? -6.639  0.812   -4.875  1.00 12.94 ? 36  ILE A O   1 
ATOM   296 C  CB  . ILE A 1 37 ? -3.368  1.706   -5.039  1.00 10.37 ? 36  ILE A CB  1 
ATOM   297 C  CG1 . ILE A 1 37 ? -2.262  1.949   -3.996  1.00 12.81 ? 36  ILE A CG1 1 
ATOM   298 C  CG2 . ILE A 1 37 ? -4.221  2.946   -5.258  1.00 11.77 ? 36  ILE A CG2 1 
ATOM   299 C  CD1 . ILE A 1 37 ? -1.194  2.944   -4.439  1.00 11.30 ? 36  ILE A CD1 1 
ATOM   300 N  N   . ASN A 1 38 ? -5.523  0.024   -6.662  1.00 12.79 ? 37  ASN A N   1 
ATOM   301 C  CA  . ASN A 1 38 ? -6.715  -0.018  -7.507  1.00 16.16 ? 37  ASN A CA  1 
ATOM   302 C  C   . ASN A 1 38 ? -7.742  -1.057  -7.065  1.00 15.48 ? 37  ASN A C   1 
ATOM   303 O  O   . ASN A 1 38 ? -8.942  -0.839  -7.212  1.00 16.79 ? 37  ASN A O   1 
ATOM   304 C  CB  . ASN A 1 38 ? -6.327  -0.231  -8.977  1.00 15.95 ? 37  ASN A CB  1 
ATOM   305 C  CG  . ASN A 1 38 ? -5.682  0.988   -9.585  1.00 15.91 ? 37  ASN A CG  1 
ATOM   306 O  OD1 . ASN A 1 38 ? -5.665  2.062   -8.979  1.00 16.16 ? 37  ASN A OD1 1 
ATOM   307 N  ND2 . ASN A 1 38 ? -5.138  0.831   -10.796 1.00 16.37 ? 37  ASN A ND2 1 
ATOM   308 N  N   . ASN A 1 39 ? -7.278  -2.174  -6.510  1.00 12.69 ? 38  ASN A N   1 
ATOM   309 C  CA  . ASN A 1 39 ? -8.187  -3.258  -6.128  1.00 14.66 ? 38  ASN A CA  1 
ATOM   310 C  C   . ASN A 1 39 ? -8.673  -3.194  -4.691  1.00 14.44 ? 38  ASN A C   1 
ATOM   311 O  O   . ASN A 1 39 ? -9.776  -3.642  -4.390  1.00 16.69 ? 38  ASN A O   1 
ATOM   312 C  CB  . ASN A 1 39 ? -7.527  -4.618  -6.326  1.00 16.88 ? 38  ASN A CB  1 
ATOM   313 C  CG  . ASN A 1 39 ? -7.317  -4.965  -7.772  1.00 20.08 ? 38  ASN A CG  1 
ATOM   314 O  OD1 . ASN A 1 39 ? -7.841  -4.301  -8.668  1.00 22.64 ? 38  ASN A OD1 1 
ATOM   315 N  ND2 . ASN A 1 39 ? -6.551  -6.022  -8.011  1.00 23.98 ? 38  ASN A ND2 1 
ATOM   316 N  N   . GLU A 1 40 ? -7.840  -2.666  -3.799  1.00 11.92 ? 39  GLU A N   1 
ATOM   317 C  CA  . GLU A 1 40 ? -8.126  -2.757  -2.366  1.00 14.00 ? 39  GLU A CA  1 
ATOM   318 C  C   . GLU A 1 40 ? -8.355  -1.415  -1.692  1.00 12.22 ? 39  GLU A C   1 
ATOM   319 O  O   . GLU A 1 40 ? -8.754  -1.373  -0.519  1.00 13.90 ? 39  GLU A O   1 
ATOM   320 C  CB  . GLU A 1 40 ? -6.997  -3.499  -1.640  1.00 13.41 ? 39  GLU A CB  1 
ATOM   321 C  CG  . GLU A 1 40 ? -6.530  -4.797  -2.311  1.00 12.80 ? 39  GLU A CG  1 
ATOM   322 C  CD  . GLU A 1 40 ? -7.613  -5.870  -2.394  1.00 15.61 ? 39  GLU A CD  1 
ATOM   323 O  OE1 . GLU A 1 40 ? -8.644  -5.781  -1.682  1.00 14.47 ? 39  GLU A OE1 1 
ATOM   324 O  OE2 . GLU A 1 40 ? -7.427  -6.826  -3.180  1.00 18.07 ? 39  GLU A OE2 1 
ATOM   325 N  N   . LEU A 1 41 ? -8.083  -0.327  -2.407  1.00 13.08 ? 40  LEU A N   1 
ATOM   326 C  CA  . LEU A 1 41 ? -8.281  1.011   -1.858  1.00 12.46 ? 40  LEU A CA  1 
ATOM   327 C  C   . LEU A 1 41 ? -9.156  1.865   -2.764  1.00 13.76 ? 40  LEU A C   1 
ATOM   328 O  O   . LEU A 1 41 ? -9.042  3.093   -2.765  1.00 16.52 ? 40  LEU A O   1 
ATOM   329 C  CB  . LEU A 1 41 ? -6.934  1.695   -1.602  1.00 12.61 ? 40  LEU A CB  1 
ATOM   330 C  CG  . LEU A 1 41 ? -6.136  1.074   -0.458  1.00 11.45 ? 40  LEU A CG  1 
ATOM   331 C  CD1 . LEU A 1 41 ? -4.710  1.598   -0.489  1.00 12.35 ? 40  LEU A CD1 1 
ATOM   332 C  CD2 . LEU A 1 41 ? -6.773  1.375   0.895   1.00 14.17 ? 40  LEU A CD2 1 
ATOM   333 N  N   . SER A 1 42 ? -10.048 1.214   -3.508  1.00 15.99 ? 41  SER A N   1 
ATOM   334 C  CA  . SER A 1 42 ? -10.863 1.910   -4.499  1.00 17.32 ? 41  SER A CA  1 
ATOM   335 C  C   . SER A 1 42 ? -11.872 2.899   -3.907  1.00 18.37 ? 41  SER A C   1 
ATOM   336 O  O   . SER A 1 42 ? -12.347 3.788   -4.612  1.00 20.24 ? 41  SER A O   1 
ATOM   337 C  CB  . SER A 1 42 ? -11.591 0.907   -5.401  1.00 18.70 ? 41  SER A CB  1 
ATOM   338 O  OG  . SER A 1 42 ? -12.565 0.196   -4.666  1.00 20.15 ? 41  SER A OG  1 
ATOM   339 N  N   . HIS A 1 43 ? -12.203 2.755   -2.627  1.00 17.94 ? 42  HIS A N   1 
ATOM   340 C  CA  . HIS A 1 43 ? -13.138 3.686   -1.994  1.00 18.63 ? 42  HIS A CA  1 
ATOM   341 C  C   . HIS A 1 43 ? -12.438 4.780   -1.184  1.00 19.04 ? 42  HIS A C   1 
ATOM   342 O  O   . HIS A 1 43 ? -13.102 5.689   -0.674  1.00 22.47 ? 42  HIS A O   1 
ATOM   343 C  CB  . HIS A 1 43 ? -14.128 2.933   -1.102  1.00 20.49 ? 42  HIS A CB  1 
ATOM   344 C  CG  . HIS A 1 43 ? -14.777 1.769   -1.779  1.00 18.74 ? 42  HIS A CG  1 
ATOM   345 N  ND1 . HIS A 1 43 ? -14.437 0.463   -1.503  1.00 19.64 ? 42  HIS A ND1 1 
ATOM   346 C  CD2 . HIS A 1 43 ? -15.726 1.715   -2.745  1.00 19.87 ? 42  HIS A CD2 1 
ATOM   347 C  CE1 . HIS A 1 43 ? -15.160 -0.347  -2.256  1.00 21.76 ? 42  HIS A CE1 1 
ATOM   348 N  NE2 . HIS A 1 43 ? -15.945 0.389   -3.023  1.00 21.05 ? 42  HIS A NE2 1 
ATOM   349 N  N   . PHE A 1 44 ? -11.109 4.695   -1.072  1.00 17.25 ? 43  PHE A N   1 
ATOM   350 C  CA  . PHE A 1 44 ? -10.328 5.677   -0.312  1.00 17.67 ? 43  PHE A CA  1 
ATOM   351 C  C   . PHE A 1 44 ? -9.445  6.541   -1.201  1.00 20.38 ? 43  PHE A C   1 
ATOM   352 O  O   . PHE A 1 44 ? -9.253  7.730   -0.931  1.00 23.35 ? 43  PHE A O   1 
ATOM   353 C  CB  . PHE A 1 44 ? -9.424  4.987   0.723   1.00 17.12 ? 43  PHE A CB  1 
ATOM   354 C  CG  . PHE A 1 44 ? -10.150 4.413   1.906   1.00 16.02 ? 43  PHE A CG  1 
ATOM   355 C  CD1 . PHE A 1 44 ? -11.535 4.450   2.002   1.00 17.11 ? 43  PHE A CD1 1 
ATOM   356 C  CD2 . PHE A 1 44 ? -9.425  3.821   2.934   1.00 16.65 ? 43  PHE A CD2 1 
ATOM   357 C  CE1 . PHE A 1 44 ? -12.181 3.907   3.094   1.00 17.56 ? 43  PHE A CE1 1 
ATOM   358 C  CE2 . PHE A 1 44 ? -10.065 3.282   4.032   1.00 16.02 ? 43  PHE A CE2 1 
ATOM   359 C  CZ  . PHE A 1 44 ? -11.445 3.323   4.116   1.00 17.08 ? 43  PHE A CZ  1 
ATOM   360 N  N   . LEU A 1 45 ? -8.886  5.932   -2.244  1.00 18.09 ? 44  LEU A N   1 
ATOM   361 C  CA  . LEU A 1 45 ? -7.963  6.621   -3.144  1.00 19.19 ? 44  LEU A CA  1 
ATOM   362 C  C   . LEU A 1 45 ? -8.462  6.561   -4.572  1.00 21.91 ? 44  LEU A C   1 
ATOM   363 O  O   . LEU A 1 45 ? -9.147  5.613   -4.968  1.00 21.47 ? 44  LEU A O   1 
ATOM   364 C  CB  . LEU A 1 45 ? -6.573  5.983   -3.103  1.00 21.09 ? 44  LEU A CB  1 
ATOM   365 C  CG  . LEU A 1 45 ? -5.854  5.925   -1.757  1.00 19.35 ? 44  LEU A CG  1 
ATOM   366 C  CD1 . LEU A 1 45 ? -4.540  5.186   -1.916  1.00 20.37 ? 44  LEU A CD1 1 
ATOM   367 C  CD2 . LEU A 1 45 ? -5.624  7.321   -1.183  1.00 25.46 ? 44  LEU A CD2 1 
ATOM   368 N  N   . GLU A 1 46 ? -8.086  7.571   -5.349  1.00 21.90 ? 45  GLU A N   1 
ATOM   369 C  CA  . GLU A 1 46 ? -8.410  7.595   -6.765  1.00 23.34 ? 45  GLU A CA  1 
ATOM   370 C  C   . GLU A 1 46 ? -7.709  6.443   -7.469  1.00 23.86 ? 45  GLU A C   1 
ATOM   371 O  O   . GLU A 1 46 ? -6.573  6.102   -7.137  1.00 22.36 ? 45  GLU A O   1 
ATOM   372 C  CB  . GLU A 1 46 ? -7.962  8.918   -7.381  1.00 26.50 ? 45  GLU A CB  1 
ATOM   373 C  CG  . GLU A 1 46 ? -8.500  10.157  -6.673  1.00 34.42 ? 45  GLU A CG  1 
ATOM   374 C  CD  . GLU A 1 46 ? -9.821  10.642  -7.239  1.00 42.01 ? 45  GLU A CD  1 
ATOM   375 O  OE1 . GLU A 1 46 ? -9.870  11.803  -7.699  1.00 47.46 ? 45  GLU A OE1 1 
ATOM   376 O  OE2 . GLU A 1 46 ? -10.809 9.872   -7.220  1.00 45.27 ? 45  GLU A OE2 1 
ATOM   377 N  N   . GLU A 1 47 ? -8.393  5.840   -8.434  1.00 19.95 ? 46  GLU A N   1 
ATOM   378 C  CA  . GLU A 1 47 ? -7.798  4.818   -9.278  1.00 18.70 ? 46  GLU A CA  1 
ATOM   379 C  C   . GLU A 1 47 ? -6.547  5.371   -9.962  1.00 20.63 ? 46  GLU A C   1 
ATOM   380 O  O   . GLU A 1 47 ? -6.530  6.518   -10.416 1.00 21.55 ? 46  GLU A O   1 
ATOM   381 C  CB  . GLU A 1 47 ? -8.822  4.371   -10.322 1.00 20.79 ? 46  GLU A CB  1 
ATOM   382 C  CG  . GLU A 1 47 ? -8.365  3.248   -11.230 1.00 20.23 ? 46  GLU A CG  1 
ATOM   383 C  CD  . GLU A 1 47 ? -9.408  2.928   -12.285 1.00 27.63 ? 46  GLU A CD  1 
ATOM   384 O  OE1 . GLU A 1 47 ? -10.523 3.485   -12.193 1.00 32.20 ? 46  GLU A OE1 1 
ATOM   385 O  OE2 . GLU A 1 47 ? -9.115  2.130   -13.198 1.00 29.31 ? 46  GLU A OE2 1 
ATOM   386 N  N   . ILE A 1 48 ? -5.486  4.571   -9.997  1.00 19.06 ? 47  ILE A N   1 
ATOM   387 C  CA  . ILE A 1 48 ? -4.262  4.956   -10.684 1.00 19.43 ? 47  ILE A CA  1 
ATOM   388 C  C   . ILE A 1 48 ? -4.352  4.472   -12.120 1.00 21.01 ? 47  ILE A C   1 
ATOM   389 O  O   . ILE A 1 48 ? -4.501  3.273   -12.360 1.00 18.84 ? 47  ILE A O   1 
ATOM   390 C  CB  . ILE A 1 48 ? -3.032  4.325   -10.030 1.00 19.27 ? 47  ILE A CB  1 
ATOM   391 C  CG1 . ILE A 1 48 ? -2.887  4.843   -8.598  1.00 18.18 ? 47  ILE A CG1 1 
ATOM   392 C  CG2 . ILE A 1 48 ? -1.781  4.627   -10.849 1.00 19.84 ? 47  ILE A CG2 1 
ATOM   393 C  CD1 . ILE A 1 48 ? -1.712  4.250   -7.843  1.00 16.59 ? 47  ILE A CD1 1 
ATOM   394 N  N   . LYS A 1 49 ? -4.253  5.406   -13.066 1.00 22.66 ? 48  LYS A N   1 
ATOM   395 C  CA  . LYS A 1 49 ? -4.373  5.094   -14.491 1.00 22.20 ? 48  LYS A CA  1 
ATOM   396 C  C   . LYS A 1 49 ? -3.139  5.519   -15.288 1.00 25.88 ? 48  LYS A C   1 
ATOM   397 O  O   . LYS A 1 49 ? -3.041  5.238   -16.483 1.00 25.79 ? 48  LYS A O   1 
ATOM   398 C  CB  . LYS A 1 49 ? -5.602  5.786   -15.082 1.00 25.99 ? 48  LYS A CB  1 
ATOM   399 C  CG  . LYS A 1 49 ? -6.938  5.156   -14.728 1.00 27.34 ? 48  LYS A CG  1 
ATOM   400 C  CD  . LYS A 1 49 ? -8.076  6.028   -15.249 1.00 31.57 ? 48  LYS A CD  1 
ATOM   401 C  CE  . LYS A 1 49 ? -9.366  5.243   -15.424 1.00 38.77 ? 48  LYS A CE  1 
ATOM   402 N  NZ  . LYS A 1 49 ? -10.041 5.621   -16.701 1.00 42.52 ? 48  LYS A NZ  1 
ATOM   403 N  N   . GLU A 1 50 ? -2.213  6.207   -14.630 1.00 21.43 ? 49  GLU A N   1 
ATOM   404 C  CA  . GLU A 1 50 ? -0.998  6.690   -15.284 1.00 23.55 ? 49  GLU A CA  1 
ATOM   405 C  C   . GLU A 1 50 ? 0.254   6.197   -14.570 1.00 22.47 ? 49  GLU A C   1 
ATOM   406 O  O   . GLU A 1 50 ? 0.292   6.148   -13.337 1.00 21.62 ? 49  GLU A O   1 
ATOM   407 C  CB  . GLU A 1 50 ? -0.976  8.215   -15.294 1.00 26.89 ? 49  GLU A CB  1 
ATOM   408 C  CG  . GLU A 1 50 ? -2.028  8.869   -16.150 1.00 31.85 ? 49  GLU A CG  1 
ATOM   409 C  CD  . GLU A 1 50 ? -1.997  10.370  -16.010 1.00 38.95 ? 49  GLU A CD  1 
ATOM   410 O  OE1 . GLU A 1 50 ? -2.616  10.886  -15.057 1.00 43.77 ? 49  GLU A OE1 1 
ATOM   411 O  OE2 . GLU A 1 50 ? -1.340  11.033  -16.839 1.00 42.39 ? 49  GLU A OE2 1 
ATOM   412 N  N   . GLN A 1 51 ? 1.283   5.851   -15.335 1.00 20.94 ? 50  GLN A N   1 
ATOM   413 C  CA  . GLN A 1 51 ? 2.519   5.343   -14.752 1.00 19.85 ? 50  GLN A CA  1 
ATOM   414 C  C   . GLN A 1 51 ? 3.179   6.395   -13.860 1.00 22.11 ? 50  GLN A C   1 
ATOM   415 O  O   . GLN A 1 51 ? 3.735   6.066   -12.812 1.00 20.61 ? 50  GLN A O   1 
ATOM   416 C  CB  . GLN A 1 51 ? 3.477   4.873   -15.847 1.00 22.57 ? 50  GLN A CB  1 
ATOM   417 C  CG  . GLN A 1 51 ? 4.751   4.233   -15.317 1.00 21.03 ? 50  GLN A CG  1 
ATOM   418 C  CD  . GLN A 1 51 ? 4.484   2.975   -14.506 1.00 22.92 ? 50  GLN A CD  1 
ATOM   419 O  OE1 . GLN A 1 51 ? 3.639   2.154   -14.870 1.00 25.12 ? 50  GLN A OE1 1 
ATOM   420 N  NE2 . GLN A 1 51 ? 5.198   2.824   -13.397 1.00 21.71 ? 50  GLN A NE2 1 
ATOM   421 N  N   . GLU A 1 52 ? 3.092   7.659   -14.269 1.00 22.25 ? 51  GLU A N   1 
ATOM   422 C  CA  . GLU A 1 52 ? 3.661   8.760   -13.495 1.00 24.47 ? 51  GLU A CA  1 
ATOM   423 C  C   . GLU A 1 52 ? 3.033   8.856   -12.104 1.00 20.32 ? 51  GLU A C   1 
ATOM   424 O  O   . GLU A 1 52 ? 3.712   9.202   -11.133 1.00 21.27 ? 51  GLU A O   1 
ATOM   425 C  CB  . GLU A 1 52 ? 3.498   10.086  -14.244 1.00 25.62 ? 51  GLU A CB  1 
ATOM   426 C  CG  . GLU A 1 52 ? 3.999   11.305  -13.480 1.00 31.26 ? 51  GLU A CG  1 
ATOM   427 C  CD  . GLU A 1 52 ? 4.089   12.541  -14.354 1.00 40.65 ? 51  GLU A CD  1 
ATOM   428 O  OE1 . GLU A 1 52 ? 3.179   13.396  -14.276 1.00 44.55 ? 51  GLU A OE1 1 
ATOM   429 O  OE2 . GLU A 1 52 ? 5.067   12.655  -15.123 1.00 42.46 ? 51  GLU A OE2 1 
ATOM   430 N  N   . VAL A 1 53 ? 1.746   8.533   -11.999 1.00 19.43 ? 52  VAL A N   1 
ATOM   431 C  CA  . VAL A 1 53 ? 1.063   8.570   -10.710 1.00 21.00 ? 52  VAL A CA  1 
ATOM   432 C  C   . VAL A 1 53 ? 1.601   7.504   -9.741  1.00 20.57 ? 52  VAL A C   1 
ATOM   433 O  O   . VAL A 1 53 ? 1.883   7.806   -8.577  1.00 18.50 ? 52  VAL A O   1 
ATOM   434 C  CB  . VAL A 1 53 ? -0.469  8.474   -10.871 1.00 21.20 ? 52  VAL A CB  1 
ATOM   435 C  CG1 . VAL A 1 53 ? -1.153  8.322   -9.523  1.00 18.41 ? 52  VAL A CG1 1 
ATOM   436 C  CG2 . VAL A 1 53 ? -0.990  9.709   -11.586 1.00 22.59 ? 52  VAL A CG2 1 
ATOM   437 N  N   . VAL A 1 54 ? 1.773   6.271   -10.209 1.00 17.34 ? 53  VAL A N   1 
ATOM   438 C  CA  . VAL A 1 54 ? 2.337   5.245   -9.323  1.00 16.43 ? 53  VAL A CA  1 
ATOM   439 C  C   . VAL A 1 54 ? 3.829   5.490   -9.077  1.00 16.15 ? 53  VAL A C   1 
ATOM   440 O  O   . VAL A 1 54 ? 4.341   5.156   -8.004  1.00 15.92 ? 53  VAL A O   1 
ATOM   441 C  CB  . VAL A 1 54 ? 2.062   3.791   -9.805  1.00 18.36 ? 53  VAL A CB  1 
ATOM   442 C  CG1 . VAL A 1 54 ? 2.898   3.463   -11.020 1.00 19.41 ? 53  VAL A CG1 1 
ATOM   443 C  CG2 . VAL A 1 54 ? 2.317   2.796   -8.680  1.00 21.28 ? 53  VAL A CG2 1 
ATOM   444 N  N   . ASP A 1 55 ? 4.520   6.096   -10.042 1.00 16.98 ? 54  ASP A N   1 
ATOM   445 C  CA  . ASP A 1 55 ? 5.907   6.501   -9.820  1.00 17.52 ? 54  ASP A CA  1 
ATOM   446 C  C   . ASP A 1 55 ? 5.978   7.439   -8.626  1.00 18.40 ? 54  ASP A C   1 
ATOM   447 O  O   . ASP A 1 55 ? 6.862   7.315   -7.773  1.00 14.48 ? 54  ASP A O   1 
ATOM   448 C  CB  . ASP A 1 55 ? 6.495   7.213   -11.041 1.00 19.58 ? 54  ASP A CB  1 
ATOM   449 C  CG  . ASP A 1 55 ? 6.691   6.295   -12.231 1.00 20.74 ? 54  ASP A CG  1 
ATOM   450 O  OD1 . ASP A 1 55 ? 6.631   5.058   -12.067 1.00 19.78 ? 54  ASP A OD1 1 
ATOM   451 O  OD2 . ASP A 1 55 ? 6.915   6.826   -13.341 1.00 23.49 ? 54  ASP A OD2 1 
ATOM   452 N  N   . LYS A 1 56 ? 5.039   8.378   -8.557  1.00 16.62 ? 55  LYS A N   1 
ATOM   453 C  CA  . LYS A 1 56 ? 5.054   9.360   -7.476  1.00 18.83 ? 55  LYS A CA  1 
ATOM   454 C  C   . LYS A 1 56 ? 4.723   8.747   -6.120  1.00 15.78 ? 55  LYS A C   1 
ATOM   455 O  O   . LYS A 1 56 ? 5.332   9.106   -5.110  1.00 17.02 ? 55  LYS A O   1 
ATOM   456 C  CB  . LYS A 1 56 ? 4.095   10.509  -7.766  1.00 17.44 ? 55  LYS A CB  1 
ATOM   457 C  CG  . LYS A 1 56 ? 4.611   11.482  -8.800  1.00 26.06 ? 55  LYS A CG  1 
ATOM   458 C  CD  . LYS A 1 56 ? 3.635   12.632  -8.950  1.00 32.99 ? 55  LYS A CD  1 
ATOM   459 C  CE  . LYS A 1 56 ? 3.932   13.460  -10.184 1.00 34.93 ? 55  LYS A CE  1 
ATOM   460 N  NZ  . LYS A 1 56 ? 2.768   14.324  -10.530 1.00 39.03 ? 55  LYS A NZ  1 
ATOM   461 N  N   . VAL A 1 57 ? 3.758   7.829   -6.088  1.00 15.44 ? 56  VAL A N   1 
ATOM   462 C  CA  . VAL A 1 57 ? 3.438   7.153   -4.838  1.00 15.52 ? 56  VAL A CA  1 
ATOM   463 C  C   . VAL A 1 57 ? 4.631   6.349   -4.347  1.00 13.49 ? 56  VAL A C   1 
ATOM   464 O  O   . VAL A 1 57 ? 4.991   6.445   -3.175  1.00 13.06 ? 56  VAL A O   1 
ATOM   465 C  CB  . VAL A 1 57 ? 2.202   6.248   -4.954  1.00 17.57 ? 56  VAL A CB  1 
ATOM   466 C  CG1 . VAL A 1 57 ? 1.917   5.565   -3.622  1.00 14.19 ? 56  VAL A CG1 1 
ATOM   467 C  CG2 . VAL A 1 57 ? 1.003   7.064   -5.387  1.00 18.11 ? 56  VAL A CG2 1 
ATOM   468 N  N   . MET A 1 58 ? 5.266   5.585   -5.236  1.00 14.09 ? 57  MET A N   1 
ATOM   469 C  CA  . MET A 1 58 ? 6.449   4.821   -4.846  1.00 13.17 ? 57  MET A CA  1 
ATOM   470 C  C   . MET A 1 58 ? 7.584   5.734   -4.371  1.00 12.63 ? 57  MET A C   1 
ATOM   471 O  O   . MET A 1 58 ? 8.306   5.395   -3.434  1.00 12.93 ? 57  MET A O   1 
ATOM   472 C  CB  . MET A 1 58 ? 6.935   3.904   -5.980  1.00 12.60 ? 57  MET A CB  1 
ATOM   473 C  CG  . MET A 1 58 ? 8.058   2.958   -5.560  1.00 13.12 ? 57  MET A CG  1 
ATOM   474 S  SD  . MET A 1 58 ? 7.586   1.787   -4.256  1.00 13.19 ? 57  MET A SD  1 
ATOM   475 C  CE  . MET A 1 58 ? 6.737   0.555   -5.246  1.00 12.79 ? 57  MET A CE  1 
ATOM   476 N  N   . GLU A 1 59 ? 7.745   6.890   -5.010  1.00 14.58 ? 58  GLU A N   1 
ATOM   477 C  CA  . GLU A 1 59 ? 8.800   7.809   -4.593  1.00 13.24 ? 58  GLU A CA  1 
ATOM   478 C  C   . GLU A 1 59 ? 8.573   8.227   -3.149  1.00 13.10 ? 58  GLU A C   1 
ATOM   479 O  O   . GLU A 1 59 ? 9.523   8.339   -2.368  1.00 13.13 ? 58  GLU A O   1 
ATOM   480 C  CB  . GLU A 1 59 ? 8.863   9.035   -5.514  1.00 13.79 ? 58  GLU A CB  1 
ATOM   481 C  CG  . GLU A 1 59 ? 10.125  9.907   -5.327  1.00 14.90 ? 58  GLU A CG  1 
ATOM   482 C  CD  . GLU A 1 59 ? 10.061  10.887  -4.148  1.00 16.79 ? 58  GLU A CD  1 
ATOM   483 O  OE1 . GLU A 1 59 ? 8.960   11.250  -3.681  1.00 15.59 ? 58  GLU A OE1 1 
ATOM   484 O  OE2 . GLU A 1 59 ? 11.136  11.321  -3.687  1.00 16.51 ? 58  GLU A OE2 1 
ATOM   485 N  N   . THR A 1 60 ? 7.306   8.446   -2.798  1.00 11.93 ? 59  THR A N   1 
ATOM   486 C  CA  . THR A 1 60 ? 6.956   8.828   -1.437  1.00 12.04 ? 59  THR A CA  1 
ATOM   487 C  C   . THR A 1 60 ? 7.217   7.679   -0.471  1.00 13.71 ? 59  THR A C   1 
ATOM   488 O  O   . THR A 1 60 ? 7.809   7.882   0.593   1.00 14.50 ? 59  THR A O   1 
ATOM   489 C  CB  . THR A 1 60 ? 5.470   9.256   -1.323  1.00 12.84 ? 59  THR A CB  1 
ATOM   490 O  OG1 . THR A 1 60 ? 5.238   10.420  -2.133  1.00 16.98 ? 59  THR A OG1 1 
ATOM   491 C  CG2 . THR A 1 60 ? 5.102   9.567   0.121   1.00 15.20 ? 59  THR A CG2 1 
ATOM   492 N  N   . LEU A 1 61 ? 6.782   6.471   -0.845  1.00 14.91 ? 60  LEU A N   1 
ATOM   493 C  CA  . LEU A 1 61 ? 6.832   5.323   0.068   1.00 13.37 ? 60  LEU A CA  1 
ATOM   494 C  C   . LEU A 1 61 ? 8.202   4.669   0.211   1.00 11.95 ? 60  LEU A C   1 
ATOM   495 O  O   . LEU A 1 61 ? 8.482   4.028   1.236   1.00 13.38 ? 60  LEU A O   1 
ATOM   496 C  CB  . LEU A 1 61 ? 5.818   4.253   -0.355  1.00 12.14 ? 60  LEU A CB  1 
ATOM   497 C  CG  . LEU A 1 61 ? 4.357   4.675   -0.399  1.00 13.85 ? 60  LEU A CG  1 
ATOM   498 C  CD1 . LEU A 1 61 ? 3.472   3.473   -0.702  1.00 12.78 ? 60  LEU A CD1 1 
ATOM   499 C  CD2 . LEU A 1 61 ? 3.968   5.318   0.927   1.00 17.69 ? 60  LEU A CD2 1 
ATOM   500 N  N   . ASP A 1 62 ? 9.051   4.815   -0.803  1.00 12.32 ? 61  ASP A N   1 
ATOM   501 C  CA  . ASP A 1 62 ? 10.319  4.088   -0.840  1.00 13.71 ? 61  ASP A CA  1 
ATOM   502 C  C   . ASP A 1 62 ? 11.417  4.833   -0.087  1.00 15.10 ? 61  ASP A C   1 
ATOM   503 O  O   . ASP A 1 62 ? 12.088  5.702   -0.646  1.00 19.45 ? 61  ASP A O   1 
ATOM   504 C  CB  . ASP A 1 62 ? 10.739  3.822   -2.294  1.00 13.80 ? 61  ASP A CB  1 
ATOM   505 C  CG  . ASP A 1 62 ? 12.065  3.105   -2.399  1.00 14.84 ? 61  ASP A CG  1 
ATOM   506 O  OD1 . ASP A 1 62 ? 12.420  2.349   -1.478  1.00 13.81 ? 61  ASP A OD1 1 
ATOM   507 O  OD2 . ASP A 1 62 ? 12.772  3.305   -3.410  1.00 15.46 ? 61  ASP A OD2 1 
ATOM   508 N  N   . SER A 1 63 ? 11.610  4.480   1.177   1.00 13.02 ? 62  SER A N   1 
ATOM   509 C  CA  . SER A 1 63 ? 12.570  5.183   2.023   1.00 12.25 ? 62  SER A CA  1 
ATOM   510 C  C   . SER A 1 63 ? 14.005  4.668   1.938   1.00 17.42 ? 62  SER A C   1 
ATOM   511 O  O   . SER A 1 63 ? 14.914  5.327   2.443   1.00 18.96 ? 62  SER A O   1 
ATOM   512 C  CB  . SER A 1 63 ? 12.102  5.161   3.479   1.00 14.18 ? 62  SER A CB  1 
ATOM   513 O  OG  . SER A 1 63 ? 10.850  5.803   3.616   1.00 17.26 ? 62  SER A OG  1 
ATOM   514 N  N   . ASP A 1 64 ? 14.226  3.501   1.335   1.00 16.20 ? 63  ASP A N   1 
ATOM   515 C  CA  . ASP A 1 64 ? 15.599  2.994   1.225   1.00 16.62 ? 63  ASP A CA  1 
ATOM   516 C  C   . ASP A 1 64 ? 16.124  2.932   -0.207  1.00 19.05 ? 63  ASP A C   1 
ATOM   517 O  O   . ASP A 1 64 ? 17.175  2.343   -0.461  1.00 19.23 ? 63  ASP A O   1 
ATOM   518 C  CB  . ASP A 1 64 ? 15.800  1.647   1.954   1.00 15.50 ? 63  ASP A CB  1 
ATOM   519 C  CG  . ASP A 1 64 ? 14.999  0.503   1.341   1.00 18.20 ? 63  ASP A CG  1 
ATOM   520 O  OD1 . ASP A 1 64 ? 14.226  0.728   0.389   1.00 14.46 ? 63  ASP A OD1 1 
ATOM   521 O  OD2 . ASP A 1 64 ? 15.150  -0.636  1.834   1.00 19.97 ? 63  ASP A OD2 1 
ATOM   522 N  N   . GLY A 1 65 ? 15.382  3.533   -1.133  1.00 18.08 ? 64  GLY A N   1 
ATOM   523 C  CA  . GLY A 1 65 ? 15.863  3.744   -2.486  1.00 19.29 ? 64  GLY A CA  1 
ATOM   524 C  C   . GLY A 1 65 ? 16.000  2.513   -3.357  1.00 20.95 ? 64  GLY A C   1 
ATOM   525 O  O   . GLY A 1 65 ? 16.691  2.554   -4.375  1.00 21.65 ? 64  GLY A O   1 
ATOM   526 N  N   . ASP A 1 66 ? 15.337  1.421   -2.990  1.00 18.82 ? 65  ASP A N   1 
ATOM   527 C  CA  . ASP A 1 66 ? 15.434  0.211   -3.806  1.00 17.12 ? 65  ASP A CA  1 
ATOM   528 C  C   . ASP A 1 66 ? 14.346  0.114   -4.880  1.00 16.10 ? 65  ASP A C   1 
ATOM   529 O  O   . ASP A 1 66 ? 14.317  -0.845  -5.655  1.00 19.27 ? 65  ASP A O   1 
ATOM   530 C  CB  . ASP A 1 66 ? 15.489  -1.057  -2.942  1.00 18.23 ? 65  ASP A CB  1 
ATOM   531 C  CG  . ASP A 1 66 ? 14.160  -1.392  -2.276  1.00 17.02 ? 65  ASP A CG  1 
ATOM   532 O  OD1 . ASP A 1 66 ? 13.241  -0.549  -2.261  1.00 14.73 ? 65  ASP A OD1 1 
ATOM   533 O  OD2 . ASP A 1 66 ? 14.050  -2.514  -1.742  1.00 21.59 ? 65  ASP A OD2 1 
ATOM   534 N  N   . GLY A 1 67 ? 13.471  1.117   -4.926  1.00 14.68 ? 66  GLY A N   1 
ATOM   535 C  CA  . GLY A 1 67 ? 12.447  1.212   -5.953  1.00 14.83 ? 66  GLY A CA  1 
ATOM   536 C  C   . GLY A 1 67 ? 11.200  0.395   -5.666  1.00 14.76 ? 66  GLY A C   1 
ATOM   537 O  O   . GLY A 1 67 ? 10.281  0.336   -6.495  1.00 15.97 ? 66  GLY A O   1 
ATOM   538 N  N   . GLU A 1 68 ? 11.174  -0.223  -4.488  1.00 13.60 ? 67  GLU A N   1 
ATOM   539 C  CA  . GLU A 1 68 ? 10.078  -1.087  -4.074  1.00 12.99 ? 67  GLU A CA  1 
ATOM   540 C  C   . GLU A 1 68 ? 9.615   -0.720  -2.676  1.00 12.46 ? 67  GLU A C   1 
ATOM   541 O  O   . GLU A 1 68 ? 10.294  -0.008  -1.947  1.00 14.38 ? 67  GLU A O   1 
ATOM   542 C  CB  . GLU A 1 68 ? 10.499  -2.559  -4.120  1.00 13.71 ? 67  GLU A CB  1 
ATOM   543 C  CG  . GLU A 1 68 ? 11.003  -2.998  -5.499  1.00 14.73 ? 67  GLU A CG  1 
ATOM   544 C  CD  . GLU A 1 68 ? 10.831  -4.479  -5.748  1.00 16.82 ? 67  GLU A CD  1 
ATOM   545 O  OE1 . GLU A 1 68 ? 9.942   -5.091  -5.117  1.00 15.09 ? 67  GLU A OE1 1 
ATOM   546 O  OE2 . GLU A 1 68 ? 11.578  -5.032  -6.590  1.00 17.93 ? 67  GLU A OE2 1 
ATOM   547 N  N   . CYS A 1 69 ? 8.430   -1.205  -2.326  1.00 10.74 ? 68  CYS A N   1 
ATOM   548 C  CA  . CYS A 1 69 ? 7.866   -0.975  -1.016  1.00 10.76 ? 68  CYS A CA  1 
ATOM   549 C  C   . CYS A 1 69 ? 7.906   -2.263  -0.185  1.00 11.08 ? 68  CYS A C   1 
ATOM   550 O  O   . CYS A 1 69 ? 7.158   -3.212  -0.454  1.00 10.41 ? 68  CYS A O   1 
ATOM   551 C  CB  . CYS A 1 69 ? 6.429   -0.459  -1.163  1.00 9.84  ? 68  CYS A CB  1 
ATOM   552 S  SG  . CYS A 1 69 ? 5.570   -0.131  0.385   1.00 11.40 ? 68  CYS A SG  1 
ATOM   553 N  N   . ASP A 1 70 ? 8.774   -2.290  0.827   1.00 11.27 ? 69  ASP A N   1 
ATOM   554 C  CA  . ASP A 1 70 ? 8.870   -3.454  1.709   1.00 10.49 ? 69  ASP A CA  1 
ATOM   555 C  C   . ASP A 1 70 ? 7.790   -3.424  2.805   1.00 10.40 ? 69  ASP A C   1 
ATOM   556 O  O   . ASP A 1 70 ? 6.922   -2.547  2.783   1.00 10.11 ? 69  ASP A O   1 
ATOM   557 C  CB  . ASP A 1 70 ? 10.292  -3.658  2.266   1.00 10.96 ? 69  ASP A CB  1 
ATOM   558 C  CG  . ASP A 1 70 ? 10.741  -2.551  3.221   1.00 13.74 ? 69  ASP A CG  1 
ATOM   559 O  OD1 . ASP A 1 70 ? 9.887   -1.804  3.744   1.00 13.00 ? 69  ASP A OD1 1 
ATOM   560 O  OD2 . ASP A 1 70 ? 11.965  -2.460  3.492   1.00 16.33 ? 69  ASP A OD2 1 
ATOM   561 N  N   . PHE A 1 71 ? 7.821   -4.368  3.741   1.00 10.99 ? 70  PHE A N   1 
ATOM   562 C  CA  . PHE A 1 71 ? 6.755   -4.413  4.739   1.00 11.31 ? 70  PHE A CA  1 
ATOM   563 C  C   . PHE A 1 71 ? 6.734   -3.170  5.634   1.00 11.62 ? 70  PHE A C   1 
ATOM   564 O  O   . PHE A 1 71 ? 5.664   -2.624  5.891   1.00 10.17 ? 70  PHE A O   1 
ATOM   565 C  CB  . PHE A 1 71 ? 6.808   -5.685  5.585   1.00 11.24 ? 70  PHE A CB  1 
ATOM   566 C  CG  . PHE A 1 71 ? 5.593   -5.878  6.444   1.00 13.53 ? 70  PHE A CG  1 
ATOM   567 C  CD1 . PHE A 1 71 ? 4.425   -6.379  5.903   1.00 13.67 ? 70  PHE A CD1 1 
ATOM   568 C  CD2 . PHE A 1 71 ? 5.609   -5.537  7.792   1.00 15.38 ? 70  PHE A CD2 1 
ATOM   569 C  CE1 . PHE A 1 71 ? 3.292   -6.552  6.691   1.00 16.51 ? 70  PHE A CE1 1 
ATOM   570 C  CE2 . PHE A 1 71 ? 4.482   -5.708  8.576   1.00 14.15 ? 70  PHE A CE2 1 
ATOM   571 C  CZ  . PHE A 1 71 ? 3.328   -6.213  8.029   1.00 16.01 ? 70  PHE A CZ  1 
ATOM   572 N  N   . GLN A 1 72 ? 7.908   -2.733  6.085   1.00 11.66 ? 71  GLN A N   1 
ATOM   573 C  CA  . GLN A 1 72 ? 8.029   -1.537  6.925   1.00 12.87 ? 71  GLN A CA  1 
ATOM   574 C  C   . GLN A 1 72 ? 7.483   -0.311  6.204   1.00 11.68 ? 71  GLN A C   1 
ATOM   575 O  O   . GLN A 1 72 ? 6.717   0.486   6.769   1.00 12.06 ? 71  GLN A O   1 
ATOM   576 C  CB  . GLN A 1 72 ? 9.496   -1.331  7.291   1.00 13.98 ? 71  GLN A CB  1 
ATOM   577 C  CG  . GLN A 1 72 ? 9.790   -0.175  8.211   1.00 16.23 ? 71  GLN A CG  1 
ATOM   578 C  CD  . GLN A 1 72 ? 11.252  -0.166  8.634   1.00 20.91 ? 71  GLN A CD  1 
ATOM   579 O  OE1 . GLN A 1 72 ? 12.156  -0.056  7.796   1.00 24.61 ? 71  GLN A OE1 1 
ATOM   580 N  NE2 . GLN A 1 72 ? 11.493  -0.292  9.933   1.00 30.56 ? 71  GLN A NE2 1 
ATOM   581 N  N   . GLU A 1 73 ? 7.846   -0.181  4.934   1.00 10.16 ? 72  GLU A N   1 
ATOM   582 C  CA  . GLU A 1 73 ? 7.353   0.925   4.127   1.00 10.38 ? 72  GLU A CA  1 
ATOM   583 C  C   . GLU A 1 73 ? 5.841   0.828   3.899   1.00 9.05  ? 72  GLU A C   1 
ATOM   584 O  O   . GLU A 1 73 ? 5.133   1.842   3.845   1.00 9.78  ? 72  GLU A O   1 
ATOM   585 C  CB  . GLU A 1 73 ? 8.132   0.996   2.812   1.00 7.97  ? 72  GLU A CB  1 
ATOM   586 C  CG  . GLU A 1 73 ? 9.616   1.335   3.024   1.00 9.87  ? 72  GLU A CG  1 
ATOM   587 C  CD  . GLU A 1 73 ? 10.497  1.022   1.823   1.00 10.97 ? 72  GLU A CD  1 
ATOM   588 O  OE1 . GLU A 1 73 ? 10.112  0.187   0.990   1.00 11.14 ? 72  GLU A OE1 1 
ATOM   589 O  OE2 . GLU A 1 73 ? 11.595  1.614   1.700   1.00 11.73 ? 72  GLU A OE2 1 
ATOM   590 N  N   . PHE A 1 74 ? 5.333   -0.391  3.785   1.00 9.19  ? 73  PHE A N   1 
ATOM   591 C  CA  . PHE A 1 74 ? 3.900   -0.583  3.662   1.00 10.51 ? 73  PHE A CA  1 
ATOM   592 C  C   . PHE A 1 74 ? 3.157   -0.163  4.926   1.00 10.45 ? 73  PHE A C   1 
ATOM   593 O  O   . PHE A 1 74 ? 2.076   0.427   4.856   1.00 10.58 ? 73  PHE A O   1 
ATOM   594 C  CB  . PHE A 1 74 ? 3.580   -2.039  3.319   1.00 10.99 ? 73  PHE A CB  1 
ATOM   595 C  CG  . PHE A 1 74 ? 2.117   -2.294  3.105   1.00 10.27 ? 73  PHE A CG  1 
ATOM   596 C  CD1 . PHE A 1 74 ? 1.452   -1.721  2.025   1.00 10.47 ? 73  PHE A CD1 1 
ATOM   597 C  CD2 . PHE A 1 74 ? 1.404   -3.097  3.984   1.00 11.13 ? 73  PHE A CD2 1 
ATOM   598 C  CE1 . PHE A 1 74 ? 0.097   -1.949  1.832   1.00 12.21 ? 73  PHE A CE1 1 
ATOM   599 C  CE2 . PHE A 1 74 ? 0.044   -3.324  3.790   1.00 12.22 ? 73  PHE A CE2 1 
ATOM   600 C  CZ  . PHE A 1 74 ? -0.598  -2.748  2.717   1.00 11.52 ? 73  PHE A CZ  1 
ATOM   601 N  N   . MET A 1 75 ? 3.724   -0.484  6.082   1.00 11.46 ? 74  MET A N   1 
ATOM   602 C  CA  . MET A 1 75 ? 3.160   -0.011  7.339   1.00 11.58 ? 74  MET A CA  1 
ATOM   603 C  C   . MET A 1 75 ? 3.046   1.507   7.384   1.00 11.03 ? 74  MET A C   1 
ATOM   604 O  O   . MET A 1 75 ? 2.047   2.048   7.861   1.00 11.23 ? 74  MET A O   1 
ATOM   605 C  CB  . MET A 1 75 ? 3.986   -0.517  8.519   1.00 16.32 ? 74  MET A CB  1 
ATOM   606 C  CG  . MET A 1 75 ? 3.945   -2.024  8.688   1.00 16.57 ? 74  MET A CG  1 
ATOM   607 S  SD  . MET A 1 75 ? 2.386   -2.607  9.367   1.00 20.12 ? 74  MET A SD  1 
ATOM   608 C  CE  . MET A 1 75 ? 1.351   -2.795  7.949   1.00 14.44 ? 74  MET A CE  1 
ATOM   609 N  N   . ALA A 1 76 ? 4.068   2.194   6.894   1.00 10.00 ? 75  ALA A N   1 
ATOM   610 C  CA  . ALA A 1 76 ? 4.010   3.646   6.828   1.00 10.50 ? 75  ALA A CA  1 
ATOM   611 C  C   . ALA A 1 76 ? 2.904   4.123   5.875   1.00 10.86 ? 75  ALA A C   1 
ATOM   612 O  O   . ALA A 1 76 ? 2.202   5.099   6.157   1.00 11.16 ? 75  ALA A O   1 
ATOM   613 C  CB  . ALA A 1 76 ? 5.359   4.209   6.436   1.00 11.23 ? 75  ALA A CB  1 
ATOM   614 N  N   . PHE A 1 77 ? 2.727   3.423   4.757   1.00 10.95 ? 76  PHE A N   1 
ATOM   615 C  CA  . PHE A 1 77 ? 1.626   3.713   3.842   1.00 10.15 ? 76  PHE A CA  1 
ATOM   616 C  C   . PHE A 1 77 ? 0.282   3.530   4.552   1.00 11.34 ? 76  PHE A C   1 
ATOM   617 O  O   . PHE A 1 77 ? -0.590  4.402   4.478   1.00 11.16 ? 76  PHE A O   1 
ATOM   618 C  CB  . PHE A 1 77 ? 1.736   2.791   2.620   1.00 10.68 ? 76  PHE A CB  1 
ATOM   619 C  CG  . PHE A 1 77 ? 0.720   3.051   1.537   1.00 11.37 ? 76  PHE A CG  1 
ATOM   620 C  CD1 . PHE A 1 77 ? 0.392   4.342   1.151   1.00 14.72 ? 76  PHE A CD1 1 
ATOM   621 C  CD2 . PHE A 1 77 ? 0.138   1.985   0.860   1.00 14.10 ? 76  PHE A CD2 1 
ATOM   622 C  CE1 . PHE A 1 77 ? -0.531  4.565   0.136   1.00 13.71 ? 76  PHE A CE1 1 
ATOM   623 C  CE2 . PHE A 1 77 ? -0.776  2.202   -0.167  1.00 13.91 ? 76  PHE A CE2 1 
ATOM   624 C  CZ  . PHE A 1 77 ? -1.103  3.497   -0.528  1.00 12.87 ? 76  PHE A CZ  1 
ATOM   625 N  N   . VAL A 1 78 ? 0.125   2.418   5.264   1.00 10.47 ? 77  VAL A N   1 
ATOM   626 C  CA  . VAL A 1 78 ? -1.097  2.184   6.045   1.00 10.54 ? 77  VAL A CA  1 
ATOM   627 C  C   . VAL A 1 78 ? -1.358  3.317   7.039   1.00 10.29 ? 77  VAL A C   1 
ATOM   628 O  O   . VAL A 1 78 ? -2.486  3.794   7.163   1.00 11.29 ? 77  VAL A O   1 
ATOM   629 C  CB  . VAL A 1 78 ? -1.052  0.820   6.763   1.00 9.16  ? 77  VAL A CB  1 
ATOM   630 C  CG1 . VAL A 1 78 ? -2.223  0.684   7.728   1.00 12.50 ? 77  VAL A CG1 1 
ATOM   631 C  CG2 . VAL A 1 78 ? -1.079  -0.303  5.736   1.00 12.66 ? 77  VAL A CG2 1 
ATOM   632 N  N   . ALA A 1 79 ? -0.319  3.760   7.739   1.00 9.82  ? 78  ALA A N   1 
ATOM   633 C  CA  . ALA A 1 79 ? -0.507  4.859   8.678   1.00 10.63 ? 78  ALA A CA  1 
ATOM   634 C  C   . ALA A 1 79 ? -0.986  6.127   7.962   1.00 11.67 ? 78  ALA A C   1 
ATOM   635 O  O   . ALA A 1 79 ? -1.862  6.824   8.470   1.00 11.83 ? 78  ALA A O   1 
ATOM   636 C  CB  . ALA A 1 79 ? 0.763   5.127   9.457   1.00 12.46 ? 78  ALA A CB  1 
ATOM   637 N  N   . MET A 1 80 ? -0.412  6.429   6.795   1.00 10.73 ? 79  MET A N   1 
ATOM   638 C  CA  . MET A 1 80 ? -0.847  7.581   6.000   1.00 13.01 ? 79  MET A CA  1 
ATOM   639 C  C   . MET A 1 80 ? -2.333  7.480   5.639   1.00 13.49 ? 79  MET A C   1 
ATOM   640 O  O   . MET A 1 80 ? -3.102  8.422   5.844   1.00 13.35 ? 79  MET A O   1 
ATOM   641 C  CB  . MET A 1 80 ? -0.040  7.678   4.701   1.00 14.12 ? 79  MET A CB  1 
ATOM   642 C  CG  . MET A 1 80 ? 1.420   8.011   4.894   1.00 18.07 ? 79  MET A CG  1 
ATOM   643 S  SD  . MET A 1 80 ? 2.350   7.737   3.366   1.00 23.81 ? 79  MET A SD  1 
ATOM   644 C  CE  . MET A 1 80 ? 1.356   8.664   2.195   1.00 27.35 ? 79  MET A CE  1 
ATOM   645 N  N   . ILE A 1 81 ? -2.729  6.330   5.104   1.00 11.52 ? 80  ILE A N   1 
ATOM   646 C  CA  . ILE A 1 81 ? -4.102  6.114   4.668   1.00 12.39 ? 80  ILE A CA  1 
ATOM   647 C  C   . ILE A 1 81 ? -5.052  6.203   5.859   1.00 11.89 ? 80  ILE A C   1 
ATOM   648 O  O   . ILE A 1 81 ? -6.117  6.831   5.777   1.00 13.66 ? 80  ILE A O   1 
ATOM   649 C  CB  . ILE A 1 81 ? -4.254  4.736   4.002   1.00 13.97 ? 80  ILE A CB  1 
ATOM   650 C  CG1 . ILE A 1 81 ? -3.436  4.669   2.716   1.00 14.87 ? 80  ILE A CG1 1 
ATOM   651 C  CG2 . ILE A 1 81 ? -5.710  4.418   3.725   1.00 17.18 ? 80  ILE A CG2 1 
ATOM   652 C  CD1 . ILE A 1 81 ? -3.190  3.241   2.292   1.00 17.62 ? 80  ILE A CD1 1 
ATOM   653 N  N   . THR A 1 82 ? -4.658  5.590   6.973   1.00 11.67 ? 81  THR A N   1 
ATOM   654 C  CA  . THR A 1 82 ? -5.511  5.572   8.150   1.00 13.12 ? 81  THR A CA  1 
ATOM   655 C  C   . THR A 1 82 ? -5.666  6.980   8.729   1.00 13.83 ? 81  THR A C   1 
ATOM   656 O  O   . THR A 1 82 ? -6.754  7.353   9.184   1.00 14.16 ? 81  THR A O   1 
ATOM   657 C  CB  . THR A 1 82 ? -4.965  4.597   9.218   1.00 12.04 ? 81  THR A CB  1 
ATOM   658 O  OG1 . THR A 1 82 ? -4.836  3.285   8.652   1.00 11.77 ? 81  THR A OG1 1 
ATOM   659 C  CG2 . THR A 1 82 ? -5.903  4.522   10.410  1.00 11.94 ? 81  THR A CG2 1 
ATOM   660 N  N   . THR A 1 83 ? -4.583  7.751   8.727   1.00 12.38 ? 82  THR A N   1 
ATOM   661 C  CA  . THR A 1 83 ? -4.628  9.120   9.225   1.00 13.49 ? 82  THR A CA  1 
ATOM   662 C  C   . THR A 1 83 ? -5.545  9.958   8.346   1.00 15.46 ? 82  THR A C   1 
ATOM   663 O  O   . THR A 1 83 ? -6.318  10.766  8.847   1.00 16.10 ? 82  THR A O   1 
ATOM   664 C  CB  . THR A 1 83 ? -3.217  9.728   9.290   1.00 15.46 ? 82  THR A CB  1 
ATOM   665 O  OG1 . THR A 1 83 ? -2.428  8.975   10.222  1.00 15.92 ? 82  THR A OG1 1 
ATOM   666 C  CG2 . THR A 1 83 ? -3.262  11.183  9.758   1.00 16.70 ? 82  THR A CG2 1 
ATOM   667 N  N   . ALA A 1 84 ? -5.463  9.755   7.033   1.00 14.46 ? 83  ALA A N   1 
ATOM   668 C  CA  . ALA A 1 84 ? -6.355  10.452  6.103   1.00 15.51 ? 83  ALA A CA  1 
ATOM   669 C  C   . ALA A 1 84 ? -7.823  10.124  6.375   1.00 17.81 ? 83  ALA A C   1 
ATOM   670 O  O   . ALA A 1 84 ? -8.667  11.023  6.428   1.00 18.52 ? 83  ALA A O   1 
ATOM   671 C  CB  . ALA A 1 84 ? -5.986  10.121  4.660   1.00 15.52 ? 83  ALA A CB  1 
ATOM   672 N  N   . CYS A 1 85 ? -8.116  8.837   6.553   1.00 15.09 ? 84  CYS A N   1 
ATOM   673 C  CA  . CYS A 1 85 ? -9.464  8.371   6.848   1.00 14.01 ? 84  CYS A CA  1 
ATOM   674 C  C   . CYS A 1 85 ? -9.947  8.929   8.186   1.00 17.60 ? 84  CYS A C   1 
ATOM   675 O  O   . CYS A 1 85 ? -11.090 9.371   8.320   1.00 18.20 ? 84  CYS A O   1 
ATOM   676 C  CB  . CYS A 1 85 ? -9.477  6.837   6.898   1.00 15.56 ? 84  CYS A CB  1 
ATOM   677 S  SG  . CYS A 1 85 ? -11.097 6.081   7.121   1.00 19.68 ? 84  CYS A SG  1 
ATOM   678 N  N   . HIS A 1 86 ? -9.061  8.906   9.173   1.00 16.32 ? 85  HIS A N   1 
ATOM   679 C  CA  . HIS A 1 86 ? -9.365  9.414   10.507  1.00 16.83 ? 85  HIS A CA  1 
ATOM   680 C  C   . HIS A 1 86 ? -9.818  10.874  10.470  1.00 18.14 ? 85  HIS A C   1 
ATOM   681 O  O   . HIS A 1 86 ? -10.699 11.278  11.242  1.00 19.16 ? 85  HIS A O   1 
ATOM   682 C  CB  . HIS A 1 86 ? -8.127  9.288   11.395  1.00 13.83 ? 85  HIS A CB  1 
ATOM   683 C  CG  . HIS A 1 86 ? -8.358  9.665   12.825  1.00 15.49 ? 85  HIS A CG  1 
ATOM   684 N  ND1 . HIS A 1 86 ? -7.544  10.551  13.500  1.00 15.98 ? 85  HIS A ND1 1 
ATOM   685 C  CD2 . HIS A 1 86 ? -9.303  9.273   13.709  1.00 17.72 ? 85  HIS A CD2 1 
ATOM   686 C  CE1 . HIS A 1 86 ? -7.975  10.682  14.742  1.00 16.26 ? 85  HIS A CE1 1 
ATOM   687 N  NE2 . HIS A 1 86 ? -9.041  9.918   14.894  1.00 15.49 ? 85  HIS A NE2 1 
ATOM   688 N  N   . GLU A 1 87 ? -9.206  11.651  9.585   1.00 17.36 ? 86  GLU A N   1 
ATOM   689 C  CA  . GLU A 1 87 ? -9.516  13.071  9.431   1.00 21.23 ? 86  GLU A CA  1 
ATOM   690 C  C   . GLU A 1 87 ? -10.556 13.285  8.326   1.00 23.23 ? 86  GLU A C   1 
ATOM   691 O  O   . GLU A 1 87 ? -10.659 14.369  7.754   1.00 22.00 ? 86  GLU A O   1 
ATOM   692 C  CB  . GLU A 1 87 ? -8.226  13.864  9.188   1.00 22.99 ? 86  GLU A CB  1 
ATOM   693 C  CG  . GLU A 1 87 ? -7.229  13.687  10.339  1.00 21.74 ? 86  GLU A CG  1 
ATOM   694 C  CD  . GLU A 1 87 ? -5.907  14.402  10.136  1.00 27.39 ? 86  GLU A CD  1 
ATOM   695 O  OE1 . GLU A 1 87 ? -5.096  14.414  11.087  1.00 31.38 ? 86  GLU A OE1 1 
ATOM   696 O  OE2 . GLU A 1 87 ? -5.668  14.938  9.035   1.00 33.08 ? 86  GLU A OE2 1 
ATOM   697 N  N   . PHE A 1 88 ? -11.319 12.229  8.043   1.00 21.85 ? 87  PHE A N   1 
ATOM   698 C  CA  . PHE A 1 88 ? -12.470 12.289  7.141   1.00 23.26 ? 87  PHE A CA  1 
ATOM   699 C  C   . PHE A 1 88 ? -12.091 12.675  5.717   1.00 21.49 ? 87  PHE A C   1 
ATOM   700 O  O   . PHE A 1 88 ? -12.913 13.219  4.973   1.00 21.58 ? 87  PHE A O   1 
ATOM   701 C  CB  . PHE A 1 88 ? -13.543 13.234  7.697   1.00 22.38 ? 87  PHE A CB  1 
ATOM   702 C  CG  . PHE A 1 88 ? -13.989 12.889  9.093   1.00 23.52 ? 87  PHE A CG  1 
ATOM   703 C  CD1 . PHE A 1 88 ? -13.502 13.592  10.184  1.00 26.67 ? 87  PHE A CD1 1 
ATOM   704 C  CD2 . PHE A 1 88 ? -14.894 11.859  9.312   1.00 24.99 ? 87  PHE A CD2 1 
ATOM   705 C  CE1 . PHE A 1 88 ? -13.915 13.281  11.474  1.00 25.09 ? 87  PHE A CE1 1 
ATOM   706 C  CE2 . PHE A 1 88 ? -15.314 11.543  10.603  1.00 24.60 ? 87  PHE A CE2 1 
ATOM   707 C  CZ  . PHE A 1 88 ? -14.818 12.253  11.682  1.00 22.81 ? 87  PHE A CZ  1 
ATOM   708 N  N   . PHE A 1 89 ? -10.847 12.377  5.350   1.00 21.59 ? 88  PHE A N   1 
ATOM   709 C  CA  . PHE A 1 89 ? -10.294 12.655  4.024   1.00 23.40 ? 88  PHE A CA  1 
ATOM   710 C  C   . PHE A 1 89 ? -10.296 14.145  3.655   1.00 26.82 ? 88  PHE A C   1 
ATOM   711 O  O   . PHE A 1 89 ? -10.245 14.499  2.477   1.00 30.98 ? 88  PHE A O   1 
ATOM   712 C  CB  . PHE A 1 89 ? -11.004 11.819  2.951   1.00 23.02 ? 88  PHE A CB  1 
ATOM   713 C  CG  . PHE A 1 89 ? -10.940 10.338  3.202   1.00 20.31 ? 88  PHE A CG  1 
ATOM   714 C  CD1 . PHE A 1 89 ? -11.997 9.678   3.813   1.00 20.06 ? 88  PHE A CD1 1 
ATOM   715 C  CD2 . PHE A 1 89 ? -9.814  9.612   2.845   1.00 22.91 ? 88  PHE A CD2 1 
ATOM   716 C  CE1 . PHE A 1 89 ? -11.937 8.311   4.057   1.00 20.30 ? 88  PHE A CE1 1 
ATOM   717 C  CE2 . PHE A 1 89 ? -9.747  8.248   3.085   1.00 20.94 ? 88  PHE A CE2 1 
ATOM   718 C  CZ  . PHE A 1 89 ? -10.810 7.596   3.689   1.00 19.57 ? 88  PHE A CZ  1 
ATOM   719 N  N   . GLU A 1 90 ? -10.330 15.010  4.664   1.00 26.04 ? 89  GLU A N   1 
ATOM   720 C  CA  . GLU A 1 90 ? -10.435 16.453  4.438   1.00 30.50 ? 89  GLU A CA  1 
ATOM   721 C  C   . GLU A 1 90 ? -9.221  17.039  3.713   1.00 32.96 ? 89  GLU A C   1 
ATOM   722 O  O   . GLU A 1 90 ? -9.327  18.067  3.039   1.00 33.14 ? 89  GLU A O   1 
ATOM   723 C  CB  . GLU A 1 90 ? -10.643 17.193  5.761   1.00 32.94 ? 89  GLU A CB  1 
ATOM   724 C  CG  . GLU A 1 90 ? -10.982 18.674  5.593   1.00 39.71 ? 89  GLU A CG  1 
ATOM   725 C  CD  . GLU A 1 90 ? -10.544 19.523  6.774   1.00 44.88 ? 89  GLU A CD  1 
ATOM   726 O  OE1 . GLU A 1 90 ? -9.943  20.594  6.542   1.00 47.65 ? 89  GLU A OE1 1 
ATOM   727 O  OE2 . GLU A 1 90 ? -10.802 19.125  7.930   1.00 46.10 ? 89  GLU A OE2 1 
ATOM   728 N  N   . HIS A 1 91 ? -8.071  16.386  3.852   1.00 33.04 ? 90  HIS A N   1 
ATOM   729 C  CA  . HIS A 1 91 ? -6.833  16.904  3.271   1.00 32.24 ? 90  HIS A CA  1 
ATOM   730 C  C   . HIS A 1 91 ? -6.318  16.030  2.129   1.00 33.92 ? 90  HIS A C   1 
ATOM   731 O  O   . HIS A 1 91 ? -5.214  16.242  1.624   1.00 34.99 ? 90  HIS A O   1 
ATOM   732 C  CB  . HIS A 1 91 ? -5.756  17.059  4.352   1.00 32.19 ? 90  HIS A CB  1 
ATOM   733 C  CG  . HIS A 1 91 ? -6.149  17.975  5.471   1.00 34.26 ? 90  HIS A CG  1 
ATOM   734 N  ND1 . HIS A 1 91 ? -6.163  19.347  5.342   1.00 32.74 ? 90  HIS A ND1 1 
ATOM   735 C  CD2 . HIS A 1 91 ? -6.543  17.712  6.741   1.00 33.27 ? 90  HIS A CD2 1 
ATOM   736 C  CE1 . HIS A 1 91 ? -6.549  19.891  6.484   1.00 36.38 ? 90  HIS A CE1 1 
ATOM   737 N  NE2 . HIS A 1 91 ? -6.786  18.920  7.348   1.00 36.12 ? 90  HIS A NE2 1 
HETATM 738 CA CA  . CA  B 2 .  ? 6.958   -8.535  -5.350  1.00 12.73 ? 101 CA  A CA  1 
HETATM 739 CA CA  . CA  C 2 .  ? 12.092  0.337   -0.422  1.00 11.25 ? 102 CA  A CA  1 
HETATM 740 C  C01 . B7I D 3 .  ? 2.477   -14.402 21.739  0.50 24.32 ? 103 B7I A C01 1 
HETATM 741 C  C02 . B7I D 3 .  ? 3.756   -14.937 21.719  0.50 25.18 ? 103 B7I A C02 1 
HETATM 742 C  C03 . B7I D 3 .  ? 4.103   -15.893 20.776  0.50 23.80 ? 103 B7I A C03 1 
HETATM 743 C  C04 . B7I D 3 .  ? 3.166   -16.313 19.843  0.50 22.45 ? 103 B7I A C04 1 
HETATM 744 C  C05 . B7I D 3 .  ? 1.885   -15.777 19.860  0.50 21.90 ? 103 B7I A C05 1 
HETATM 745 C  C06 . B7I D 3 .  ? 1.539   -14.822 20.804  0.50 23.06 ? 103 B7I A C06 1 
HETATM 746 C  C07 . B7I D 3 .  ? -0.203  -14.274 11.226  0.50 18.51 ? 103 B7I A C07 1 
HETATM 747 C  C08 . B7I D 3 .  ? 1.161   -14.273 11.476  0.50 16.59 ? 103 B7I A C08 1 
HETATM 748 C  C09 . B7I D 3 .  ? 2.051   -14.224 10.412  0.50 19.54 ? 103 B7I A C09 1 
HETATM 749 C  C10 . B7I D 3 .  ? 1.570   -14.186 9.109   0.50 15.31 ? 103 B7I A C10 1 
HETATM 750 C  C11 . B7I D 3 .  ? 0.208   -14.196 8.867   0.50 17.33 ? 103 B7I A C11 1 
HETATM 751 C  C12 . B7I D 3 .  ? -0.678  -14.239 9.927   0.50 18.77 ? 103 B7I A C12 1 
HETATM 752 O  O13 . B7I D 3 .  ? 0.952   -16.194 18.947  0.50 21.21 ? 103 B7I A O13 1 
HETATM 753 C  C14 . B7I D 3 .  ? -0.245  -15.518 18.861  0.50 24.02 ? 103 B7I A C14 1 
HETATM 754 C  C15 . B7I D 3 .  ? -1.358  -16.169 18.108  0.50 24.26 ? 103 B7I A C15 1 
HETATM 755 C  C16 . B7I D 3 .  ? -1.342  -16.068 16.616  0.50 25.16 ? 103 B7I A C16 1 
HETATM 756 C  C17 . B7I D 3 .  ? -2.675  -15.937 15.942  0.50 26.00 ? 103 B7I A C17 1 
HETATM 757 C  C18 . B7I D 3 .  ? -2.734  -15.196 14.639  0.50 24.82 ? 103 B7I A C18 1 
HETATM 758 C  C19 . B7I D 3 .  ? -2.555  -15.994 13.381  0.50 22.99 ? 103 B7I A C19 1 
HETATM 759 C  C20 . B7I D 3 .  ? -2.131  -15.257 12.151  0.50 21.95 ? 103 B7I A C20 1 
HETATM 760 O  O21 . B7I D 3 .  ? -1.111  -14.328 12.259  0.50 21.52 ? 103 B7I A O21 1 
HETATM 761 C  C22 . B7I D 3 .  ? 4.777   -14.491 22.717  0.50 27.34 ? 103 B7I A C22 1 
HETATM 762 C  C23 . B7I D 3 .  ? 2.503   -14.143 7.953   0.50 17.34 ? 103 B7I A C23 1 
HETATM 763 N  N24 . B7I D 3 .  ? 5.947   -15.105 22.948  0.50 27.56 ? 103 B7I A N24 1 
HETATM 764 C  C25 . B7I D 3 .  ? 6.592   -14.415 23.910  0.50 28.69 ? 103 B7I A C25 1 
HETATM 765 C  C26 . B7I D 3 .  ? 5.778   -13.346 24.276  0.50 28.39 ? 103 B7I A C26 1 
HETATM 766 N  N27 . B7I D 3 .  ? 4.667   -13.422 23.517  0.50 29.86 ? 103 B7I A N27 1 
HETATM 767 N  N28 . B7I D 3 .  ? 2.227   -14.626 6.734   0.50 18.53 ? 103 B7I A N28 1 
HETATM 768 C  C29 . B7I D 3 .  ? 3.296   -14.412 5.945   0.50 19.07 ? 103 B7I A C29 1 
HETATM 769 C  C30 . B7I D 3 .  ? 4.263   -13.775 6.720   0.50 16.57 ? 103 B7I A C30 1 
HETATM 770 N  N31 . B7I D 3 .  ? 3.738   -13.622 7.953   0.50 16.44 ? 103 B7I A N31 1 
HETATM 771 O  O   . HOH E 4 .  ? -4.381  10.661  -13.842 1.00 39.23 ? 201 HOH A O   1 
HETATM 772 O  O   . HOH E 4 .  ? -6.123  -4.102  -11.111 1.00 30.43 ? 202 HOH A O   1 
HETATM 773 O  O   . HOH E 4 .  ? -5.418  13.980  6.920   1.00 31.39 ? 203 HOH A O   1 
HETATM 774 O  O   . HOH E 4 .  ? 14.390  6.222   -0.781  1.00 24.03 ? 204 HOH A O   1 
HETATM 775 O  O   . HOH E 4 .  ? 10.462  2.403   -8.349  1.00 22.12 ? 205 HOH A O   1 
HETATM 776 O  O   . HOH E 4 .  ? 6.682   11.507  -4.676  1.00 17.64 ? 206 HOH A O   1 
HETATM 777 O  O   . HOH E 4 .  ? 12.893  -0.844  5.248   1.00 22.24 ? 207 HOH A O   1 
HETATM 778 O  O   . HOH E 4 .  ? -4.942  -7.346  -10.086 1.00 31.89 ? 208 HOH A O   1 
HETATM 779 O  O   . HOH E 4 .  ? 7.777   9.262   -13.298 1.00 31.97 ? 209 HOH A O   1 
HETATM 780 O  O   . HOH E 4 .  ? 13.409  11.148  -4.907  1.00 19.74 ? 210 HOH A O   1 
HETATM 781 O  O   . HOH E 4 .  ? -3.375  1.662   -16.448 1.00 30.10 ? 211 HOH A O   1 
HETATM 782 O  O   . HOH E 4 .  ? -4.283  3.278   -17.732 1.00 34.66 ? 212 HOH A O   1 
HETATM 783 O  O   . HOH E 4 .  ? -14.258 -10.797 16.843  1.00 33.28 ? 213 HOH A O   1 
HETATM 784 O  O   . HOH E 4 .  ? 2.661   10.365  -2.749  1.00 23.83 ? 214 HOH A O   1 
HETATM 785 O  O   . HOH E 4 .  ? -15.109 -8.394  11.680  1.00 33.12 ? 215 HOH A O   1 
HETATM 786 O  O   . HOH E 4 .  ? 12.397  5.384   -5.013  1.00 21.25 ? 216 HOH A O   1 
HETATM 787 O  O   . HOH E 4 .  ? -7.162  -8.663  1.365   1.00 16.26 ? 217 HOH A O   1 
HETATM 788 O  O   . HOH E 4 .  ? 13.681  -9.560  -0.022  1.00 32.42 ? 218 HOH A O   1 
HETATM 789 O  O   . HOH E 4 .  ? -6.608  -9.748  -2.436  1.00 23.76 ? 219 HOH A O   1 
HETATM 790 O  O   . HOH E 4 .  ? 12.491  -1.878  0.366   1.00 15.00 ? 220 HOH A O   1 
HETATM 791 O  O   . HOH E 4 .  ? 14.797  -6.863  -3.594  1.00 24.81 ? 221 HOH A O   1 
HETATM 792 O  O   . HOH E 4 .  ? 9.457   -6.812  3.368   1.00 12.51 ? 222 HOH A O   1 
HETATM 793 O  O   . HOH E 4 .  ? 8.776   4.649   4.943   1.00 17.76 ? 223 HOH A O   1 
HETATM 794 O  O   . HOH E 4 .  ? 11.083  -7.541  -7.524  1.00 16.02 ? 224 HOH A O   1 
HETATM 795 O  O   . HOH E 4 .  ? 16.035  -2.853  0.514   1.00 35.41 ? 225 HOH A O   1 
HETATM 796 O  O   . HOH E 4 .  ? 1.168   -7.354  -10.152 1.00 23.84 ? 226 HOH A O   1 
HETATM 797 O  O   . HOH E 4 .  ? 9.364   6.466   -8.473  1.00 21.08 ? 227 HOH A O   1 
HETATM 798 O  O   . HOH E 4 .  ? 9.191   -0.960  -8.642  1.00 13.13 ? 228 HOH A O   1 
HETATM 799 O  O   . HOH E 4 .  ? 8.125   -10.996 4.136   1.00 27.09 ? 229 HOH A O   1 
HETATM 800 O  O   . HOH E 4 .  ? -6.518  -9.722  -6.584  1.00 29.70 ? 230 HOH A O   1 
HETATM 801 O  O   . HOH E 4 .  ? -8.254  8.099   -11.849 1.00 30.53 ? 231 HOH A O   1 
HETATM 802 O  O   . HOH E 4 .  ? -3.641  -12.204 -4.408  0.50 18.29 ? 232 HOH A O   1 
HETATM 803 O  O   . HOH E 4 .  ? 6.664   1.421   9.352   1.00 21.30 ? 233 HOH A O   1 
HETATM 804 O  O   . HOH E 4 .  ? -4.613  7.531   -5.840  1.00 29.24 ? 234 HOH A O   1 
HETATM 805 O  O   . HOH E 4 .  ? -6.565  -8.505  4.059   1.00 18.34 ? 235 HOH A O   1 
HETATM 806 O  O   . HOH E 4 .  ? -5.299  12.020  12.880  1.00 22.03 ? 236 HOH A O   1 
HETATM 807 O  O   . HOH E 4 .  ? 6.681   4.247   3.309   1.00 13.49 ? 237 HOH A O   1 
HETATM 808 O  O   . HOH E 4 .  ? -0.058  -3.132  -12.390 1.00 19.15 ? 238 HOH A O   1 
HETATM 809 O  O   . HOH E 4 .  ? 14.206  -5.672  -6.022  1.00 24.47 ? 239 HOH A O   1 
HETATM 810 O  O   . HOH E 4 .  ? 8.537   -7.151  -6.329  1.00 13.78 ? 240 HOH A O   1 
HETATM 811 O  O   . HOH E 4 .  ? 4.134   1.413   -17.501 1.00 28.65 ? 241 HOH A O   1 
HETATM 812 O  O   . HOH E 4 .  ? -8.176  -5.862  1.055   1.00 13.65 ? 242 HOH A O   1 
HETATM 813 O  O   . HOH E 4 .  ? -1.046  10.031  12.389  1.00 18.50 ? 243 HOH A O   1 
HETATM 814 O  O   . HOH E 4 .  ? -5.057  -1.719  -11.899 1.00 27.05 ? 244 HOH A O   1 
HETATM 815 O  O   . HOH E 4 .  ? -7.524  -12.325 3.071   1.00 24.63 ? 245 HOH A O   1 
HETATM 816 O  O   . HOH E 4 .  ? -11.274 -6.302  -2.465  1.00 24.80 ? 246 HOH A O   1 
HETATM 817 O  O   . HOH E 4 .  ? -3.854  8.121   -12.532 1.00 25.30 ? 247 HOH A O   1 
HETATM 818 O  O   . HOH E 4 .  ? -1.346  -13.053 2.021   1.00 18.66 ? 248 HOH A O   1 
HETATM 819 O  O   . HOH E 4 .  ? 17.741  4.988   -5.311  1.00 39.98 ? 249 HOH A O   1 
HETATM 820 O  O   . HOH E 4 .  ? 12.031  7.250   -3.021  1.00 17.03 ? 250 HOH A O   1 
HETATM 821 O  O   . HOH E 4 .  ? 0.693   12.809  -13.081 1.00 41.20 ? 251 HOH A O   1 
HETATM 822 O  O   . HOH E 4 .  ? 5.615   -15.940 -4.735  1.00 30.94 ? 252 HOH A O   1 
HETATM 823 O  O   . HOH E 4 .  ? 12.752  1.709   4.276   1.00 17.22 ? 253 HOH A O   1 
HETATM 824 O  O   . HOH E 4 .  ? -11.466 -6.171  12.126  1.00 19.60 ? 254 HOH A O   1 
HETATM 825 O  O   . HOH E 4 .  ? -11.462 -1.453  -2.648  1.00 18.78 ? 255 HOH A O   1 
HETATM 826 O  O   . HOH E 4 .  ? -6.232  1.717   -13.978 1.00 26.51 ? 256 HOH A O   1 
HETATM 827 O  O   . HOH E 4 .  ? 0.706   10.050  -7.296  1.00 25.16 ? 257 HOH A O   1 
HETATM 828 O  O   . HOH E 4 .  ? 9.026   11.977  -0.937  1.00 13.01 ? 258 HOH A O   1 
HETATM 829 O  O   . HOH E 4 .  ? -11.116 6.438   -8.995  1.00 30.74 ? 259 HOH A O   1 
HETATM 830 O  O   . HOH E 4 .  ? -9.012  -9.107  -2.564  1.00 29.47 ? 260 HOH A O   1 
HETATM 831 O  O   . HOH E 4 .  ? 16.491  -6.069  0.762   1.00 36.66 ? 261 HOH A O   1 
HETATM 832 O  O   . HOH E 4 .  ? -4.965  8.873   -10.050 1.00 27.37 ? 262 HOH A O   1 
HETATM 833 O  O   . HOH E 4 .  ? -11.071 -5.763  -5.786  1.00 27.91 ? 263 HOH A O   1 
HETATM 834 O  O   . HOH E 4 .  ? 3.169   7.185   7.845   1.00 15.87 ? 264 HOH A O   1 
HETATM 835 O  O   . HOH E 4 .  ? 0.562   2.535   -15.049 1.00 26.48 ? 265 HOH A O   1 
HETATM 836 O  O   . HOH E 4 .  ? 11.548  -13.588 -3.318  1.00 28.35 ? 266 HOH A O   1 
HETATM 837 O  O   . HOH E 4 .  ? 13.698  -4.717  3.086   1.00 22.27 ? 267 HOH A O   1 
HETATM 838 O  O   . HOH E 4 .  ? 2.483   8.464   -16.964 1.00 28.44 ? 268 HOH A O   1 
HETATM 839 O  O   . HOH E 4 .  ? 17.051  4.840   4.314   1.00 26.66 ? 269 HOH A O   1 
HETATM 840 O  O   . HOH E 4 .  ? -1.946  11.063  6.052   1.00 20.48 ? 270 HOH A O   1 
HETATM 841 O  O   . HOH E 4 .  ? 13.434  -1.262  -8.383  1.00 22.41 ? 271 HOH A O   1 
HETATM 842 O  O   . HOH E 4 .  ? 3.910   -13.068 -0.481  1.00 24.30 ? 272 HOH A O   1 
HETATM 843 O  O   . HOH E 4 .  ? -7.235  13.777  4.817   1.00 28.35 ? 273 HOH A O   1 
HETATM 844 O  O   . HOH E 4 .  ? 6.421   12.766  -0.886  1.00 15.72 ? 274 HOH A O   1 
HETATM 845 O  O   . HOH E 4 .  ? -0.955  -9.278  -10.626 1.00 36.02 ? 275 HOH A O   1 
HETATM 846 O  O   . HOH E 4 .  ? -8.081  3.120   -6.040  1.00 17.07 ? 276 HOH A O   1 
HETATM 847 O  O   . HOH E 4 .  ? -6.852  9.850   -4.006  1.00 30.54 ? 277 HOH A O   1 
HETATM 848 O  O   . HOH E 4 .  ? 15.807  -3.342  -6.071  1.00 29.04 ? 278 HOH A O   1 
HETATM 849 O  O   . HOH E 4 .  ? -11.566 -2.029  -7.868  1.00 29.81 ? 279 HOH A O   1 
HETATM 850 O  O   . HOH E 4 .  ? -14.626 -3.988  12.518  1.00 25.30 ? 280 HOH A O   1 
HETATM 851 O  O   . HOH E 4 .  ? -2.883  14.863  0.372   1.00 31.36 ? 281 HOH A O   1 
HETATM 852 O  O   . HOH E 4 .  ? 3.168   -0.286  -13.207 1.00 18.83 ? 282 HOH A O   1 
HETATM 853 O  O   . HOH E 4 .  ? -3.155  -6.405  -13.610 1.00 38.45 ? 283 HOH A O   1 
HETATM 854 O  O   . HOH E 4 .  ? -13.508 -7.088  19.289  1.00 21.04 ? 284 HOH A O   1 
HETATM 855 O  O   . HOH E 4 .  ? -5.206  -14.641 4.284   1.00 23.48 ? 285 HOH A O   1 
HETATM 856 O  O   . HOH E 4 .  ? 8.855   -18.437 -1.192  1.00 31.89 ? 286 HOH A O   1 
HETATM 857 O  O   . HOH E 4 .  ? 11.983  1.418   -12.154 1.00 23.47 ? 287 HOH A O   1 
HETATM 858 O  O   . HOH E 4 .  ? 3.900   -17.089 24.163  1.00 36.16 ? 288 HOH A O   1 
HETATM 859 O  O   . HOH E 4 .  ? -8.045  13.350  0.620   1.00 33.27 ? 289 HOH A O   1 
HETATM 860 O  O   . HOH E 4 .  ? -9.710  2.069   -8.010  1.00 22.64 ? 290 HOH A O   1 
HETATM 861 O  O   . HOH E 4 .  ? -2.117  14.620  10.043  1.00 35.91 ? 291 HOH A O   1 
HETATM 862 O  O   . HOH E 4 .  ? 1.416   2.138   10.992  0.50 23.30 ? 292 HOH A O   1 
HETATM 863 O  O   . HOH E 4 .  ? -13.317 -13.820 16.158  1.00 34.02 ? 293 HOH A O   1 
HETATM 864 O  O   . HOH E 4 .  ? -16.047 6.554   -1.742  0.50 30.09 ? 294 HOH A O   1 
HETATM 865 O  O   . HOH E 4 .  ? 18.961  0.132   -2.079  1.00 33.00 ? 295 HOH A O   1 
HETATM 866 O  O   . HOH E 4 .  ? 14.852  3.409   5.158   1.00 27.20 ? 296 HOH A O   1 
HETATM 867 O  O   . HOH E 4 .  ? 11.119  2.701   6.238   1.00 23.64 ? 297 HOH A O   1 
HETATM 868 O  O   . HOH E 4 .  ? -10.210 -7.251  9.924   1.00 27.20 ? 298 HOH A O   1 
HETATM 869 O  O   . HOH E 4 .  ? 11.984  -14.527 -5.641  1.00 35.44 ? 299 HOH A O   1 
HETATM 870 O  O   . HOH E 4 .  ? 6.215   8.604   3.513   1.00 21.38 ? 300 HOH A O   1 
HETATM 871 O  O   . HOH E 4 .  ? -12.860 -3.789  -2.950  1.00 25.00 ? 301 HOH A O   1 
HETATM 872 O  O   . HOH E 4 .  ? -7.793  -10.492 5.262   1.00 21.30 ? 302 HOH A O   1 
HETATM 873 O  O   . HOH E 4 .  ? 12.816  0.776   -9.723  1.00 27.72 ? 303 HOH A O   1 
HETATM 874 O  O   . HOH E 4 .  ? 1.131   8.646   9.014   1.00 17.45 ? 304 HOH A O   1 
HETATM 875 O  O   . HOH E 4 .  ? 9.959   5.276   -10.822 1.00 26.93 ? 305 HOH A O   1 
HETATM 876 O  O   . HOH E 4 .  ? 0.882   8.330   11.517  1.00 24.29 ? 306 HOH A O   1 
HETATM 877 O  O   . HOH E 4 .  ? 8.001   10.414  -9.254  1.00 29.83 ? 307 HOH A O   1 
HETATM 878 O  O   . HOH E 4 .  ? -0.138  0.485   -17.938 1.00 32.04 ? 308 HOH A O   1 
HETATM 879 O  O   . HOH E 4 .  ? 19.368  5.179   -1.377  1.00 29.56 ? 309 HOH A O   1 
HETATM 880 O  O   . HOH E 4 .  ? 4.669   3.084   10.477  1.00 26.58 ? 310 HOH A O   1 
HETATM 881 O  O   . HOH E 4 .  ? 9.288   -5.002  8.733   1.00 18.03 ? 311 HOH A O   1 
HETATM 882 O  O   . HOH E 4 .  ? -5.225  12.492  1.875   1.00 35.95 ? 312 HOH A O   1 
HETATM 883 O  O   . HOH E 4 .  ? -4.056  -9.231  -12.087 1.00 41.73 ? 313 HOH A O   1 
HETATM 884 O  O   . HOH E 4 .  ? 10.304  4.828   -6.977  1.00 23.87 ? 314 HOH A O   1 
HETATM 885 O  O   . HOH E 4 .  ? 6.631   11.655  -11.511 1.00 38.13 ? 315 HOH A O   1 
HETATM 886 O  O   . HOH E 4 .  ? -4.250  9.188   -7.829  1.00 33.35 ? 316 HOH A O   1 
HETATM 887 O  O   . HOH E 4 .  ? -3.412  13.233  6.254   1.00 30.63 ? 317 HOH A O   1 
HETATM 888 O  O   . HOH E 4 .  ? 0.347   -5.997  -12.855 1.00 27.77 ? 318 HOH A O   1 
HETATM 889 O  O   . HOH E 4 .  ? 12.182  -6.991  2.520   1.00 20.40 ? 319 HOH A O   1 
HETATM 890 O  O   . HOH E 4 .  ? -9.481  -9.635  0.610   1.00 23.60 ? 320 HOH A O   1 
HETATM 891 O  O   . HOH E 4 .  ? -6.766  12.695  16.944  1.00 23.87 ? 321 HOH A O   1 
HETATM 892 O  O   . HOH E 4 .  ? 8.404   6.526   6.912   1.00 26.02 ? 322 HOH A O   1 
HETATM 893 O  O   . HOH E 4 .  ? 0.375   10.930  7.784   1.00 21.73 ? 323 HOH A O   1 
HETATM 894 O  O   . HOH E 4 .  ? 15.015  7.642   -2.996  1.00 26.00 ? 324 HOH A O   1 
HETATM 895 O  O   . HOH E 4 .  ? 17.269  -8.041  -3.532  1.00 38.67 ? 325 HOH A O   1 
HETATM 896 O  O   . HOH E 4 .  ? 4.573   5.935   9.850   1.00 22.51 ? 326 HOH A O   1 
HETATM 897 O  O   . HOH E 4 .  ? 0.546   -10.966 -11.464 1.00 36.00 ? 327 HOH A O   1 
HETATM 898 O  O   . HOH E 4 .  ? 1.695   -2.364  -14.373 1.00 24.29 ? 328 HOH A O   1 
HETATM 899 O  O   . HOH E 4 .  ? -2.489  7.228   -4.760  1.00 28.65 ? 329 HOH A O   1 
HETATM 900 O  O   . HOH E 4 .  ? -2.108  9.341   -6.029  1.00 30.30 ? 330 HOH A O   1 
HETATM 901 O  O   . HOH E 4 .  ? 7.335   6.015   9.371   1.00 28.01 ? 331 HOH A O   1 
HETATM 902 O  O   . HOH E 4 .  ? -1.049  8.213   -2.481  1.00 31.24 ? 332 HOH A O   1 
# 
loop_
_pdbx_poly_seq_scheme.asym_id 
_pdbx_poly_seq_scheme.entity_id 
_pdbx_poly_seq_scheme.seq_id 
_pdbx_poly_seq_scheme.mon_id 
_pdbx_poly_seq_scheme.ndb_seq_num 
_pdbx_poly_seq_scheme.pdb_seq_num 
_pdbx_poly_seq_scheme.auth_seq_num 
_pdbx_poly_seq_scheme.pdb_mon_id 
_pdbx_poly_seq_scheme.auth_mon_id 
_pdbx_poly_seq_scheme.pdb_strand_id 
_pdbx_poly_seq_scheme.pdb_ins_code 
_pdbx_poly_seq_scheme.hetero 
A 1 1  MET 1  0  0  MET MET A . n 
A 1 2  SER 2  1  1  SER SER A . n 
A 1 3  GLU 3  2  2  GLU GLU A . n 
A 1 4  LEU 4  3  3  LEU LEU A . n 
A 1 5  GLU 5  4  4  GLU GLU A . n 
A 1 6  LYS 6  5  5  LYS LYS A . n 
A 1 7  ALA 7  6  6  ALA ALA A . n 
A 1 8  VAL 8  7  7  VAL VAL A . n 
A 1 9  VAL 9  8  8  VAL VAL A . n 
A 1 10 ALA 10 9  9  ALA ALA A . n 
A 1 11 LEU 11 10 10 LEU LEU A . n 
A 1 12 ILE 12 11 11 ILE ILE A . n 
A 1 13 ASP 13 12 12 ASP ASP A . n 
A 1 14 VAL 14 13 13 VAL VAL A . n 
A 1 15 PHE 15 14 14 PHE PHE A . n 
A 1 16 HIS 16 15 15 HIS HIS A . n 
A 1 17 GLN 17 16 16 GLN GLN A . n 
A 1 18 TYR 18 17 17 TYR TYR A . n 
A 1 19 SER 19 18 18 SER SER A . n 
A 1 20 GLY 20 19 19 GLY GLY A . n 
A 1 21 ARG 21 20 20 ARG ARG A . n 
A 1 22 GLU 22 21 21 GLU GLU A . n 
A 1 23 GLY 23 22 22 GLY GLY A . n 
A 1 24 ASP 24 23 23 ASP ASP A . n 
A 1 25 LYS 25 24 24 LYS LYS A . n 
A 1 26 HIS 26 25 25 HIS HIS A . n 
A 1 27 LYS 27 26 26 LYS LYS A . n 
A 1 28 LEU 28 27 27 LEU LEU A . n 
A 1 29 LYS 29 28 28 LYS LYS A . n 
A 1 30 LYS 30 29 29 LYS LYS A . n 
A 1 31 SER 31 30 30 SER SER A . n 
A 1 32 GLU 32 31 31 GLU GLU A . n 
A 1 33 LEU 33 32 32 LEU LEU A . n 
A 1 34 LYS 34 33 33 LYS LYS A . n 
A 1 35 GLU 35 34 34 GLU GLU A . n 
A 1 36 LEU 36 35 35 LEU LEU A . n 
A 1 37 ILE 37 36 36 ILE ILE A . n 
A 1 38 ASN 38 37 37 ASN ASN A . n 
A 1 39 ASN 39 38 38 ASN ASN A . n 
A 1 40 GLU 40 39 39 GLU GLU A . n 
A 1 41 LEU 41 40 40 LEU LEU A . n 
A 1 42 SER 42 41 41 SER SER A . n 
A 1 43 HIS 43 42 42 HIS HIS A . n 
A 1 44 PHE 44 43 43 PHE PHE A . n 
A 1 45 LEU 45 44 44 LEU LEU A . n 
A 1 46 GLU 46 45 45 GLU GLU A . n 
A 1 47 GLU 47 46 46 GLU GLU A . n 
A 1 48 ILE 48 47 47 ILE ILE A . n 
A 1 49 LYS 49 48 48 LYS LYS A . n 
A 1 50 GLU 50 49 49 GLU GLU A . n 
A 1 51 GLN 51 50 50 GLN GLN A . n 
A 1 52 GLU 52 51 51 GLU GLU A . n 
A 1 53 VAL 53 52 52 VAL VAL A . n 
A 1 54 VAL 54 53 53 VAL VAL A . n 
A 1 55 ASP 55 54 54 ASP ASP A . n 
A 1 56 LYS 56 55 55 LYS LYS A . n 
A 1 57 VAL 57 56 56 VAL VAL A . n 
A 1 58 MET 58 57 57 MET MET A . n 
A 1 59 GLU 59 58 58 GLU GLU A . n 
A 1 60 THR 60 59 59 THR THR A . n 
A 1 61 LEU 61 60 60 LEU LEU A . n 
A 1 62 ASP 62 61 61 ASP ASP A . n 
A 1 63 SER 63 62 62 SER SER A . n 
A 1 64 ASP 64 63 63 ASP ASP A . n 
A 1 65 GLY 65 64 64 GLY GLY A . n 
A 1 66 ASP 66 65 65 ASP ASP A . n 
A 1 67 GLY 67 66 66 GLY GLY A . n 
A 1 68 GLU 68 67 67 GLU GLU A . n 
A 1 69 CYS 69 68 68 CYS CYS A . n 
A 1 70 ASP 70 69 69 ASP ASP A . n 
A 1 71 PHE 71 70 70 PHE PHE A . n 
A 1 72 GLN 72 71 71 GLN GLN A . n 
A 1 73 GLU 73 72 72 GLU GLU A . n 
A 1 74 PHE 74 73 73 PHE PHE A . n 
A 1 75 MET 75 74 74 MET MET A . n 
A 1 76 ALA 76 75 75 ALA ALA A . n 
A 1 77 PHE 77 76 76 PHE PHE A . n 
A 1 78 VAL 78 77 77 VAL VAL A . n 
A 1 79 ALA 79 78 78 ALA ALA A . n 
A 1 80 MET 80 79 79 MET MET A . n 
A 1 81 ILE 81 80 80 ILE ILE A . n 
A 1 82 THR 82 81 81 THR THR A . n 
A 1 83 THR 83 82 82 THR THR A . n 
A 1 84 ALA 84 83 83 ALA ALA A . n 
A 1 85 CYS 85 84 84 CYS CYS A . n 
A 1 86 HIS 86 85 85 HIS HIS A . n 
A 1 87 GLU 87 86 86 GLU GLU A . n 
A 1 88 PHE 88 87 87 PHE PHE A . n 
A 1 89 PHE 89 88 88 PHE PHE A . n 
A 1 90 GLU 90 89 89 GLU GLU A . n 
A 1 91 HIS 91 90 90 HIS HIS A . n 
A 1 92 GLU 92 91 ?  ?   ?   A . n 
# 
loop_
_pdbx_nonpoly_scheme.asym_id 
_pdbx_nonpoly_scheme.entity_id 
_pdbx_nonpoly_scheme.mon_id 
_pdbx_nonpoly_scheme.ndb_seq_num 
_pdbx_nonpoly_scheme.pdb_seq_num 
_pdbx_nonpoly_scheme.auth_seq_num 
_pdbx_nonpoly_scheme.pdb_mon_id 
_pdbx_nonpoly_scheme.auth_mon_id 
_pdbx_nonpoly_scheme.pdb_strand_id 
_pdbx_nonpoly_scheme.pdb_ins_code 
B 2 CA  1   101 1   CA  CA  A . 
C 2 CA  1   102 1   CA  CA  A . 
D 3 B7I 1   103 1   B7I B7I A . 
E 4 HOH 1   201 174 HOH HOH A . 
E 4 HOH 2   202 144 HOH HOH A . 
E 4 HOH 3   203 168 HOH HOH A . 
E 4 HOH 4   204 46  HOH HOH A . 
E 4 HOH 5   205 113 HOH HOH A . 
E 4 HOH 6   206 9   HOH HOH A . 
E 4 HOH 7   207 49  HOH HOH A . 
E 4 HOH 8   208 120 HOH HOH A . 
E 4 HOH 9   209 121 HOH HOH A . 
E 4 HOH 10  210 42  HOH HOH A . 
E 4 HOH 11  211 130 HOH HOH A . 
E 4 HOH 12  212 162 HOH HOH A . 
E 4 HOH 13  213 125 HOH HOH A . 
E 4 HOH 14  214 51  HOH HOH A . 
E 4 HOH 15  215 30  HOH HOH A . 
E 4 HOH 16  216 39  HOH HOH A . 
E 4 HOH 17  217 43  HOH HOH A . 
E 4 HOH 18  218 118 HOH HOH A . 
E 4 HOH 19  219 69  HOH HOH A . 
E 4 HOH 20  220 80  HOH HOH A . 
E 4 HOH 21  221 52  HOH HOH A . 
E 4 HOH 22  222 1   HOH HOH A . 
E 4 HOH 23  223 15  HOH HOH A . 
E 4 HOH 24  224 23  HOH HOH A . 
E 4 HOH 25  225 148 HOH HOH A . 
E 4 HOH 26  226 29  HOH HOH A . 
E 4 HOH 27  227 32  HOH HOH A . 
E 4 HOH 28  228 11  HOH HOH A . 
E 4 HOH 29  229 27  HOH HOH A . 
E 4 HOH 30  230 152 HOH HOH A . 
E 4 HOH 31  231 85  HOH HOH A . 
E 4 HOH 32  232 122 HOH HOH A . 
E 4 HOH 33  233 19  HOH HOH A . 
E 4 HOH 34  234 82  HOH HOH A . 
E 4 HOH 35  235 36  HOH HOH A . 
E 4 HOH 36  236 38  HOH HOH A . 
E 4 HOH 37  237 24  HOH HOH A . 
E 4 HOH 38  238 8   HOH HOH A . 
E 4 HOH 39  239 62  HOH HOH A . 
E 4 HOH 40  240 18  HOH HOH A . 
E 4 HOH 41  241 63  HOH HOH A . 
E 4 HOH 42  242 17  HOH HOH A . 
E 4 HOH 43  243 47  HOH HOH A . 
E 4 HOH 44  244 59  HOH HOH A . 
E 4 HOH 45  245 50  HOH HOH A . 
E 4 HOH 46  246 58  HOH HOH A . 
E 4 HOH 47  247 96  HOH HOH A . 
E 4 HOH 48  248 110 HOH HOH A . 
E 4 HOH 49  249 149 HOH HOH A . 
E 4 HOH 50  250 33  HOH HOH A . 
E 4 HOH 51  251 150 HOH HOH A . 
E 4 HOH 52  252 56  HOH HOH A . 
E 4 HOH 53  253 7   HOH HOH A . 
E 4 HOH 54  254 13  HOH HOH A . 
E 4 HOH 55  255 57  HOH HOH A . 
E 4 HOH 56  256 55  HOH HOH A . 
E 4 HOH 57  257 68  HOH HOH A . 
E 4 HOH 58  258 4   HOH HOH A . 
E 4 HOH 59  259 126 HOH HOH A . 
E 4 HOH 60  260 115 HOH HOH A . 
E 4 HOH 61  261 98  HOH HOH A . 
E 4 HOH 62  262 93  HOH HOH A . 
E 4 HOH 63  263 155 HOH HOH A . 
E 4 HOH 64  264 2   HOH HOH A . 
E 4 HOH 65  265 90  HOH HOH A . 
E 4 HOH 66  266 101 HOH HOH A . 
E 4 HOH 67  267 41  HOH HOH A . 
E 4 HOH 68  268 60  HOH HOH A . 
E 4 HOH 69  269 103 HOH HOH A . 
E 4 HOH 70  270 3   HOH HOH A . 
E 4 HOH 71  271 16  HOH HOH A . 
E 4 HOH 72  272 48  HOH HOH A . 
E 4 HOH 73  273 169 HOH HOH A . 
E 4 HOH 74  274 5   HOH HOH A . 
E 4 HOH 75  275 136 HOH HOH A . 
E 4 HOH 76  276 25  HOH HOH A . 
E 4 HOH 77  277 89  HOH HOH A . 
E 4 HOH 78  278 61  HOH HOH A . 
E 4 HOH 79  279 104 HOH HOH A . 
E 4 HOH 80  280 35  HOH HOH A . 
E 4 HOH 81  281 99  HOH HOH A . 
E 4 HOH 82  282 6   HOH HOH A . 
E 4 HOH 83  283 159 HOH HOH A . 
E 4 HOH 84  284 37  HOH HOH A . 
E 4 HOH 85  285 65  HOH HOH A . 
E 4 HOH 86  286 139 HOH HOH A . 
E 4 HOH 87  287 79  HOH HOH A . 
E 4 HOH 88  288 128 HOH HOH A . 
E 4 HOH 89  289 106 HOH HOH A . 
E 4 HOH 90  290 53  HOH HOH A . 
E 4 HOH 91  291 164 HOH HOH A . 
E 4 HOH 92  292 135 HOH HOH A . 
E 4 HOH 93  293 161 HOH HOH A . 
E 4 HOH 94  294 157 HOH HOH A . 
E 4 HOH 95  295 154 HOH HOH A . 
E 4 HOH 96  296 64  HOH HOH A . 
E 4 HOH 97  297 117 HOH HOH A . 
E 4 HOH 98  298 124 HOH HOH A . 
E 4 HOH 99  299 146 HOH HOH A . 
E 4 HOH 100 300 34  HOH HOH A . 
E 4 HOH 101 301 97  HOH HOH A . 
E 4 HOH 102 302 26  HOH HOH A . 
E 4 HOH 103 303 71  HOH HOH A . 
E 4 HOH 104 304 21  HOH HOH A . 
E 4 HOH 105 305 119 HOH HOH A . 
E 4 HOH 106 306 112 HOH HOH A . 
E 4 HOH 107 307 134 HOH HOH A . 
E 4 HOH 108 308 140 HOH HOH A . 
E 4 HOH 109 309 132 HOH HOH A . 
E 4 HOH 110 310 137 HOH HOH A . 
E 4 HOH 111 311 54  HOH HOH A . 
E 4 HOH 112 312 165 HOH HOH A . 
E 4 HOH 113 313 156 HOH HOH A . 
E 4 HOH 114 314 84  HOH HOH A . 
E 4 HOH 115 315 158 HOH HOH A . 
E 4 HOH 116 316 172 HOH HOH A . 
E 4 HOH 117 317 94  HOH HOH A . 
E 4 HOH 118 318 28  HOH HOH A . 
E 4 HOH 119 319 12  HOH HOH A . 
E 4 HOH 120 320 114 HOH HOH A . 
E 4 HOH 121 321 111 HOH HOH A . 
E 4 HOH 122 322 141 HOH HOH A . 
E 4 HOH 123 323 14  HOH HOH A . 
E 4 HOH 124 324 116 HOH HOH A . 
E 4 HOH 125 325 74  HOH HOH A . 
E 4 HOH 126 326 22  HOH HOH A . 
E 4 HOH 127 327 138 HOH HOH A . 
E 4 HOH 128 328 40  HOH HOH A . 
E 4 HOH 129 329 142 HOH HOH A . 
E 4 HOH 130 330 171 HOH HOH A . 
E 4 HOH 131 331 170 HOH HOH A . 
E 4 HOH 132 332 173 HOH HOH A . 
# 
_pdbx_struct_assembly.id                   1 
_pdbx_struct_assembly.details              author_and_software_defined_assembly 
_pdbx_struct_assembly.method_details       PISA 
_pdbx_struct_assembly.oligomeric_details   dimeric 
_pdbx_struct_assembly.oligomeric_count     2 
# 
_pdbx_struct_assembly_gen.assembly_id       1 
_pdbx_struct_assembly_gen.oper_expression   1,2 
_pdbx_struct_assembly_gen.asym_id_list      A,B,C,D,E 
# 
loop_
_pdbx_struct_assembly_prop.biol_id 
_pdbx_struct_assembly_prop.type 
_pdbx_struct_assembly_prop.value 
_pdbx_struct_assembly_prop.details 
1 'ABSA (A^2)' 3560  ? 
1 MORE         -82   ? 
1 'SSA (A^2)'  10290 ? 
# 
loop_
_pdbx_struct_oper_list.id 
_pdbx_struct_oper_list.type 
_pdbx_struct_oper_list.name 
_pdbx_struct_oper_list.symmetry_operation 
_pdbx_struct_oper_list.matrix[1][1] 
_pdbx_struct_oper_list.matrix[1][2] 
_pdbx_struct_oper_list.matrix[1][3] 
_pdbx_struct_oper_list.vector[1] 
_pdbx_struct_oper_list.matrix[2][1] 
_pdbx_struct_oper_list.matrix[2][2] 
_pdbx_struct_oper_list.matrix[2][3] 
_pdbx_struct_oper_list.vector[2] 
_pdbx_struct_oper_list.matrix[3][1] 
_pdbx_struct_oper_list.matrix[3][2] 
_pdbx_struct_oper_list.matrix[3][3] 
_pdbx_struct_oper_list.vector[3] 
1 'identity operation'         1_555 x,y,z            1.0000000000 0.0000000000 0.0000000000 0.0000000000  0.0000000000 1.0000000000  0.0000000000 0.0000000000 0.0000000000 0.0000000000 1.0000000000  0.0000000000  
2 'crystal symmetry operation' 8_667 -y+1,-x+1,-z+5/2 0.3580604080 0.9245431486 0.1304327817 -2.5060632667 0.9245431486 -0.3705876199 0.0887962965 0.6515528037 0.1304327817 0.0887962965 -0.9874727881 21.4746368576 
# 
loop_
_pdbx_struct_special_symmetry.id 
_pdbx_struct_special_symmetry.PDB_model_num 
_pdbx_struct_special_symmetry.auth_asym_id 
_pdbx_struct_special_symmetry.auth_comp_id 
_pdbx_struct_special_symmetry.auth_seq_id 
_pdbx_struct_special_symmetry.PDB_ins_code 
_pdbx_struct_special_symmetry.label_asym_id 
_pdbx_struct_special_symmetry.label_comp_id 
_pdbx_struct_special_symmetry.label_seq_id 
1 1 A B7I 103 ? D B7I . 
2 1 A HOH 292 ? E HOH . 
3 1 A HOH 294 ? E HOH . 
# 
loop_
_pdbx_struct_conn_angle.id 
_pdbx_struct_conn_angle.ptnr1_label_atom_id 
_pdbx_struct_conn_angle.ptnr1_label_alt_id 
_pdbx_struct_conn_angle.ptnr1_label_asym_id 
_pdbx_struct_conn_angle.ptnr1_label_comp_id 
_pdbx_struct_conn_angle.ptnr1_label_seq_id 
_pdbx_struct_conn_angle.ptnr1_auth_atom_id 
_pdbx_struct_conn_angle.ptnr1_auth_asym_id 
_pdbx_struct_conn_angle.ptnr1_auth_comp_id 
_pdbx_struct_conn_angle.ptnr1_auth_seq_id 
_pdbx_struct_conn_angle.ptnr1_PDB_ins_code 
_pdbx_struct_conn_angle.ptnr1_symmetry 
_pdbx_struct_conn_angle.ptnr2_label_atom_id 
_pdbx_struct_conn_angle.ptnr2_label_alt_id 
_pdbx_struct_conn_angle.ptnr2_label_asym_id 
_pdbx_struct_conn_angle.ptnr2_label_comp_id 
_pdbx_struct_conn_angle.ptnr2_label_seq_id 
_pdbx_struct_conn_angle.ptnr2_auth_atom_id 
_pdbx_struct_conn_angle.ptnr2_auth_asym_id 
_pdbx_struct_conn_angle.ptnr2_auth_comp_id 
_pdbx_struct_conn_angle.ptnr2_auth_seq_id 
_pdbx_struct_conn_angle.ptnr2_PDB_ins_code 
_pdbx_struct_conn_angle.ptnr2_symmetry 
_pdbx_struct_conn_angle.ptnr3_label_atom_id 
_pdbx_struct_conn_angle.ptnr3_label_alt_id 
_pdbx_struct_conn_angle.ptnr3_label_asym_id 
_pdbx_struct_conn_angle.ptnr3_label_comp_id 
_pdbx_struct_conn_angle.ptnr3_label_seq_id 
_pdbx_struct_conn_angle.ptnr3_auth_atom_id 
_pdbx_struct_conn_angle.ptnr3_auth_asym_id 
_pdbx_struct_conn_angle.ptnr3_auth_comp_id 
_pdbx_struct_conn_angle.ptnr3_auth_seq_id 
_pdbx_struct_conn_angle.ptnr3_PDB_ins_code 
_pdbx_struct_conn_angle.ptnr3_symmetry 
_pdbx_struct_conn_angle.value 
_pdbx_struct_conn_angle.value_esd 
1  O   ? A SER 19 ? A SER 18 ? 1_555 CA ? B CA . ? A CA 101 ? 1_555 O   ? A GLU 22 ? A GLU 21  ? 1_555 101.2 ? 
2  O   ? A SER 19 ? A SER 18 ? 1_555 CA ? B CA . ? A CA 101 ? 1_555 O   ? A ASP 24 ? A ASP 23  ? 1_555 79.7  ? 
3  O   ? A GLU 22 ? A GLU 21 ? 1_555 CA ? B CA . ? A CA 101 ? 1_555 O   ? A ASP 24 ? A ASP 23  ? 1_555 85.9  ? 
4  O   ? A SER 19 ? A SER 18 ? 1_555 CA ? B CA . ? A CA 101 ? 1_555 O   ? A LYS 27 ? A LYS 26  ? 1_555 88.4  ? 
5  O   ? A GLU 22 ? A GLU 21 ? 1_555 CA ? B CA . ? A CA 101 ? 1_555 O   ? A LYS 27 ? A LYS 26  ? 1_555 164.1 ? 
6  O   ? A ASP 24 ? A ASP 23 ? 1_555 CA ? B CA . ? A CA 101 ? 1_555 O   ? A LYS 27 ? A LYS 26  ? 1_555 83.4  ? 
7  O   ? A SER 19 ? A SER 18 ? 1_555 CA ? B CA . ? A CA 101 ? 1_555 OE1 ? A GLU 32 ? A GLU 31  ? 1_555 103.9 ? 
8  O   ? A GLU 22 ? A GLU 21 ? 1_555 CA ? B CA . ? A CA 101 ? 1_555 OE1 ? A GLU 32 ? A GLU 31  ? 1_555 112.9 ? 
9  O   ? A ASP 24 ? A ASP 23 ? 1_555 CA ? B CA . ? A CA 101 ? 1_555 OE1 ? A GLU 32 ? A GLU 31  ? 1_555 159.2 ? 
10 O   ? A LYS 27 ? A LYS 26 ? 1_555 CA ? B CA . ? A CA 101 ? 1_555 OE1 ? A GLU 32 ? A GLU 31  ? 1_555 76.3  ? 
11 O   ? A SER 19 ? A SER 18 ? 1_555 CA ? B CA . ? A CA 101 ? 1_555 OE2 ? A GLU 32 ? A GLU 31  ? 1_555 78.3  ? 
12 O   ? A GLU 22 ? A GLU 21 ? 1_555 CA ? B CA . ? A CA 101 ? 1_555 OE2 ? A GLU 32 ? A GLU 31  ? 1_555 75.0  ? 
13 O   ? A ASP 24 ? A ASP 23 ? 1_555 CA ? B CA . ? A CA 101 ? 1_555 OE2 ? A GLU 32 ? A GLU 31  ? 1_555 147.3 ? 
14 O   ? A LYS 27 ? A LYS 26 ? 1_555 CA ? B CA . ? A CA 101 ? 1_555 OE2 ? A GLU 32 ? A GLU 31  ? 1_555 119.7 ? 
15 OE1 ? A GLU 32 ? A GLU 31 ? 1_555 CA ? B CA . ? A CA 101 ? 1_555 OE2 ? A GLU 32 ? A GLU 31  ? 1_555 51.8  ? 
16 O   ? A SER 19 ? A SER 18 ? 1_555 CA ? B CA . ? A CA 101 ? 1_555 O   ? E HOH .  ? A HOH 240 ? 1_555 169.7 ? 
17 O   ? A GLU 22 ? A GLU 21 ? 1_555 CA ? B CA . ? A CA 101 ? 1_555 O   ? E HOH .  ? A HOH 240 ? 1_555 83.1  ? 
18 O   ? A ASP 24 ? A ASP 23 ? 1_555 CA ? B CA . ? A CA 101 ? 1_555 O   ? E HOH .  ? A HOH 240 ? 1_555 91.3  ? 
19 O   ? A LYS 27 ? A LYS 26 ? 1_555 CA ? B CA . ? A CA 101 ? 1_555 O   ? E HOH .  ? A HOH 240 ? 1_555 85.5  ? 
20 OE1 ? A GLU 32 ? A GLU 31 ? 1_555 CA ? B CA . ? A CA 101 ? 1_555 O   ? E HOH .  ? A HOH 240 ? 1_555 82.7  ? 
21 OE2 ? A GLU 32 ? A GLU 31 ? 1_555 CA ? B CA . ? A CA 101 ? 1_555 O   ? E HOH .  ? A HOH 240 ? 1_555 111.9 ? 
22 OD1 ? A ASP 62 ? A ASP 61 ? 1_555 CA ? C CA . ? A CA 102 ? 1_555 OD1 ? A ASP 64 ? A ASP 63  ? 1_555 83.2  ? 
23 OD1 ? A ASP 62 ? A ASP 61 ? 1_555 CA ? C CA . ? A CA 102 ? 1_555 OD1 ? A ASP 66 ? A ASP 65  ? 1_555 84.3  ? 
24 OD1 ? A ASP 64 ? A ASP 63 ? 1_555 CA ? C CA . ? A CA 102 ? 1_555 OD1 ? A ASP 66 ? A ASP 65  ? 1_555 83.5  ? 
25 OD1 ? A ASP 62 ? A ASP 61 ? 1_555 CA ? C CA . ? A CA 102 ? 1_555 O   ? A GLU 68 ? A GLU 67  ? 1_555 86.6  ? 
26 OD1 ? A ASP 64 ? A ASP 63 ? 1_555 CA ? C CA . ? A CA 102 ? 1_555 O   ? A GLU 68 ? A GLU 67  ? 1_555 160.7 ? 
27 OD1 ? A ASP 66 ? A ASP 65 ? 1_555 CA ? C CA . ? A CA 102 ? 1_555 O   ? A GLU 68 ? A GLU 67  ? 1_555 79.2  ? 
28 OD1 ? A ASP 62 ? A ASP 61 ? 1_555 CA ? C CA . ? A CA 102 ? 1_555 OE1 ? A GLU 73 ? A GLU 72  ? 1_555 115.9 ? 
29 OD1 ? A ASP 64 ? A ASP 63 ? 1_555 CA ? C CA . ? A CA 102 ? 1_555 OE1 ? A GLU 73 ? A GLU 72  ? 1_555 123.8 ? 
30 OD1 ? A ASP 66 ? A ASP 65 ? 1_555 CA ? C CA . ? A CA 102 ? 1_555 OE1 ? A GLU 73 ? A GLU 72  ? 1_555 146.1 ? 
31 O   ? A GLU 68 ? A GLU 67 ? 1_555 CA ? C CA . ? A CA 102 ? 1_555 OE1 ? A GLU 73 ? A GLU 72  ? 1_555 75.5  ? 
32 OD1 ? A ASP 62 ? A ASP 61 ? 1_555 CA ? C CA . ? A CA 102 ? 1_555 OE2 ? A GLU 73 ? A GLU 72  ? 1_555 88.4  ? 
33 OD1 ? A ASP 64 ? A ASP 63 ? 1_555 CA ? C CA . ? A CA 102 ? 1_555 OE2 ? A GLU 73 ? A GLU 72  ? 1_555 78.6  ? 
34 OD1 ? A ASP 66 ? A ASP 65 ? 1_555 CA ? C CA . ? A CA 102 ? 1_555 OE2 ? A GLU 73 ? A GLU 72  ? 1_555 161.3 ? 
35 O   ? A GLU 68 ? A GLU 67 ? 1_555 CA ? C CA . ? A CA 102 ? 1_555 OE2 ? A GLU 73 ? A GLU 72  ? 1_555 117.5 ? 
36 OE1 ? A GLU 73 ? A GLU 72 ? 1_555 CA ? C CA . ? A CA 102 ? 1_555 OE2 ? A GLU 73 ? A GLU 72  ? 1_555 52.0  ? 
37 OD1 ? A ASP 62 ? A ASP 61 ? 1_555 CA ? C CA . ? A CA 102 ? 1_555 O   ? E HOH .  ? A HOH 220 ? 1_555 160.4 ? 
38 OD1 ? A ASP 64 ? A ASP 63 ? 1_555 CA ? C CA . ? A CA 102 ? 1_555 O   ? E HOH .  ? A HOH 220 ? 1_555 83.5  ? 
39 OD1 ? A ASP 66 ? A ASP 65 ? 1_555 CA ? C CA . ? A CA 102 ? 1_555 O   ? E HOH .  ? A HOH 220 ? 1_555 80.0  ? 
40 O   ? A GLU 68 ? A GLU 67 ? 1_555 CA ? C CA . ? A CA 102 ? 1_555 O   ? E HOH .  ? A HOH 220 ? 1_555 101.8 ? 
41 OE1 ? A GLU 73 ? A GLU 72 ? 1_555 CA ? C CA . ? A CA 102 ? 1_555 O   ? E HOH .  ? A HOH 220 ? 1_555 83.5  ? 
42 OE2 ? A GLU 73 ? A GLU 72 ? 1_555 CA ? C CA . ? A CA 102 ? 1_555 O   ? E HOH .  ? A HOH 220 ? 1_555 103.0 ? 
# 
loop_
_pdbx_audit_revision_history.ordinal 
_pdbx_audit_revision_history.data_content_type 
_pdbx_audit_revision_history.major_revision 
_pdbx_audit_revision_history.minor_revision 
_pdbx_audit_revision_history.revision_date 
1 'Structure model' 1 0 2016-01-20 
2 'Structure model' 1 1 2016-02-10 
3 'Structure model' 1 2 2017-09-27 
4 'Structure model' 1 3 2019-12-04 
5 'Structure model' 1 4 2023-09-27 
# 
_pdbx_audit_revision_details.ordinal             1 
_pdbx_audit_revision_details.revision_ordinal    1 
_pdbx_audit_revision_details.data_content_type   'Structure model' 
_pdbx_audit_revision_details.provider            repository 
_pdbx_audit_revision_details.type                'Initial release' 
_pdbx_audit_revision_details.description         ? 
_pdbx_audit_revision_details.details             ? 
# 
loop_
_pdbx_audit_revision_group.ordinal 
_pdbx_audit_revision_group.revision_ordinal 
_pdbx_audit_revision_group.data_content_type 
_pdbx_audit_revision_group.group 
1  2 'Structure model' 'Database references'        
2  3 'Structure model' 'Author supporting evidence' 
3  3 'Structure model' 'Database references'        
4  3 'Structure model' 'Derived calculations'       
5  3 'Structure model' 'Refinement description'     
6  4 'Structure model' 'Author supporting evidence' 
7  4 'Structure model' 'Derived calculations'       
8  5 'Structure model' 'Data collection'            
9  5 'Structure model' 'Database references'        
10 5 'Structure model' 'Refinement description'     
# 
loop_
_pdbx_audit_revision_category.ordinal 
_pdbx_audit_revision_category.revision_ordinal 
_pdbx_audit_revision_category.data_content_type 
_pdbx_audit_revision_category.category 
1  3 'Structure model' citation                      
2  3 'Structure model' pdbx_audit_support            
3  3 'Structure model' pdbx_struct_oper_list         
4  3 'Structure model' software                      
5  4 'Structure model' pdbx_audit_support            
6  4 'Structure model' pdbx_struct_special_symmetry  
7  5 'Structure model' chem_comp_atom                
8  5 'Structure model' chem_comp_bond                
9  5 'Structure model' database_2                    
10 5 'Structure model' pdbx_initial_refinement_model 
# 
loop_
_pdbx_audit_revision_item.ordinal 
_pdbx_audit_revision_item.revision_ordinal 
_pdbx_audit_revision_item.data_content_type 
_pdbx_audit_revision_item.item 
1 3 'Structure model' '_citation.journal_id_CSD'                  
2 3 'Structure model' '_pdbx_audit_support.funding_organization'  
3 3 'Structure model' '_pdbx_struct_oper_list.symmetry_operation' 
4 3 'Structure model' '_software.classification'                  
5 4 'Structure model' '_pdbx_audit_support.funding_organization'  
6 5 'Structure model' '_database_2.pdbx_DOI'                      
7 5 'Structure model' '_database_2.pdbx_database_accession'       
# 
loop_
_software.citation_id 
_software.classification 
_software.compiler_name 
_software.compiler_version 
_software.contact_author 
_software.contact_author_email 
_software.date 
_software.description 
_software.dependencies 
_software.hardware 
_software.language 
_software.location 
_software.mods 
_software.name 
_software.os 
_software.os_version 
_software.type 
_software.version 
_software.pdbx_ordinal 
? 'data scaling'    ? ? ? ? ? ? ? ? ? ? ? SCALA       ? ? ? 3.3.20 1 
? refinement        ? ? ? ? ? ? ? ? ? ? ? PHENIX      ? ? ? .      2 
? 'data extraction' ? ? ? ? ? ? ? ? ? ? ? PDB_EXTRACT ? ? ? 3.15   3 
? 'data scaling'    ? ? ? ? ? ? ? ? ? ? ? XDS         ? ? ? .      4 
? phasing           ? ? ? ? ? ? ? ? ? ? ? PHENIX      ? ? ? .      5 
# 
_pdbx_validate_close_contact.id               1 
_pdbx_validate_close_contact.PDB_model_num    1 
_pdbx_validate_close_contact.auth_atom_id_1   OE1 
_pdbx_validate_close_contact.auth_asym_id_1   A 
_pdbx_validate_close_contact.auth_comp_id_1   GLU 
_pdbx_validate_close_contact.auth_seq_id_1    49 
_pdbx_validate_close_contact.PDB_ins_code_1   ? 
_pdbx_validate_close_contact.label_alt_id_1   ? 
_pdbx_validate_close_contact.auth_atom_id_2   O 
_pdbx_validate_close_contact.auth_asym_id_2   A 
_pdbx_validate_close_contact.auth_comp_id_2   HOH 
_pdbx_validate_close_contact.auth_seq_id_2    201 
_pdbx_validate_close_contact.PDB_ins_code_2   ? 
_pdbx_validate_close_contact.label_alt_id_2   ? 
_pdbx_validate_close_contact.dist             2.15 
# 
_pdbx_distant_solvent_atoms.id                                1 
_pdbx_distant_solvent_atoms.PDB_model_num                     1 
_pdbx_distant_solvent_atoms.auth_atom_id                      O 
_pdbx_distant_solvent_atoms.label_alt_id                      ? 
_pdbx_distant_solvent_atoms.auth_asym_id                      A 
_pdbx_distant_solvent_atoms.auth_comp_id                      HOH 
_pdbx_distant_solvent_atoms.auth_seq_id                       332 
_pdbx_distant_solvent_atoms.PDB_ins_code                      ? 
_pdbx_distant_solvent_atoms.neighbor_macromolecule_distance   6.02 
_pdbx_distant_solvent_atoms.neighbor_ligand_distance          . 
# 
_pdbx_unobs_or_zero_occ_residues.id               1 
_pdbx_unobs_or_zero_occ_residues.PDB_model_num    1 
_pdbx_unobs_or_zero_occ_residues.polymer_flag     Y 
_pdbx_unobs_or_zero_occ_residues.occupancy_flag   1 
_pdbx_unobs_or_zero_occ_residues.auth_asym_id     A 
_pdbx_unobs_or_zero_occ_residues.auth_comp_id     GLU 
_pdbx_unobs_or_zero_occ_residues.auth_seq_id      91 
_pdbx_unobs_or_zero_occ_residues.PDB_ins_code     ? 
_pdbx_unobs_or_zero_occ_residues.label_asym_id    A 
_pdbx_unobs_or_zero_occ_residues.label_comp_id    GLU 
_pdbx_unobs_or_zero_occ_residues.label_seq_id     92 
# 
loop_
_chem_comp_atom.comp_id 
_chem_comp_atom.atom_id 
_chem_comp_atom.type_symbol 
_chem_comp_atom.pdbx_aromatic_flag 
_chem_comp_atom.pdbx_stereo_config 
_chem_comp_atom.pdbx_ordinal 
ALA N    N  N N 1   
ALA CA   C  N S 2   
ALA C    C  N N 3   
ALA O    O  N N 4   
ALA CB   C  N N 5   
ALA OXT  O  N N 6   
ALA H    H  N N 7   
ALA H2   H  N N 8   
ALA HA   H  N N 9   
ALA HB1  H  N N 10  
ALA HB2  H  N N 11  
ALA HB3  H  N N 12  
ALA HXT  H  N N 13  
ARG N    N  N N 14  
ARG CA   C  N S 15  
ARG C    C  N N 16  
ARG O    O  N N 17  
ARG CB   C  N N 18  
ARG CG   C  N N 19  
ARG CD   C  N N 20  
ARG NE   N  N N 21  
ARG CZ   C  N N 22  
ARG NH1  N  N N 23  
ARG NH2  N  N N 24  
ARG OXT  O  N N 25  
ARG H    H  N N 26  
ARG H2   H  N N 27  
ARG HA   H  N N 28  
ARG HB2  H  N N 29  
ARG HB3  H  N N 30  
ARG HG2  H  N N 31  
ARG HG3  H  N N 32  
ARG HD2  H  N N 33  
ARG HD3  H  N N 34  
ARG HE   H  N N 35  
ARG HH11 H  N N 36  
ARG HH12 H  N N 37  
ARG HH21 H  N N 38  
ARG HH22 H  N N 39  
ARG HXT  H  N N 40  
ASN N    N  N N 41  
ASN CA   C  N S 42  
ASN C    C  N N 43  
ASN O    O  N N 44  
ASN CB   C  N N 45  
ASN CG   C  N N 46  
ASN OD1  O  N N 47  
ASN ND2  N  N N 48  
ASN OXT  O  N N 49  
ASN H    H  N N 50  
ASN H2   H  N N 51  
ASN HA   H  N N 52  
ASN HB2  H  N N 53  
ASN HB3  H  N N 54  
ASN HD21 H  N N 55  
ASN HD22 H  N N 56  
ASN HXT  H  N N 57  
ASP N    N  N N 58  
ASP CA   C  N S 59  
ASP C    C  N N 60  
ASP O    O  N N 61  
ASP CB   C  N N 62  
ASP CG   C  N N 63  
ASP OD1  O  N N 64  
ASP OD2  O  N N 65  
ASP OXT  O  N N 66  
ASP H    H  N N 67  
ASP H2   H  N N 68  
ASP HA   H  N N 69  
ASP HB2  H  N N 70  
ASP HB3  H  N N 71  
ASP HD2  H  N N 72  
ASP HXT  H  N N 73  
B7I C01  C  Y N 74  
B7I C02  C  Y N 75  
B7I C03  C  Y N 76  
B7I C04  C  Y N 77  
B7I C05  C  Y N 78  
B7I C06  C  Y N 79  
B7I C07  C  Y N 80  
B7I C08  C  Y N 81  
B7I C09  C  Y N 82  
B7I C10  C  Y N 83  
B7I C11  C  Y N 84  
B7I C12  C  Y N 85  
B7I O13  O  N N 86  
B7I C14  C  N N 87  
B7I C15  C  N N 88  
B7I C16  C  N N 89  
B7I C17  C  N N 90  
B7I C18  C  N N 91  
B7I C19  C  N N 92  
B7I C20  C  N N 93  
B7I O21  O  N N 94  
B7I C22  C  Y N 95  
B7I C23  C  Y N 96  
B7I N24  N  Y N 97  
B7I C25  C  Y N 98  
B7I C26  C  Y N 99  
B7I N27  N  Y N 100 
B7I N28  N  Y N 101 
B7I C29  C  Y N 102 
B7I C30  C  Y N 103 
B7I N31  N  Y N 104 
B7I H1   H  N N 105 
B7I H2   H  N N 106 
B7I H3   H  N N 107 
B7I H4   H  N N 108 
B7I H5   H  N N 109 
B7I H6   H  N N 110 
B7I H7   H  N N 111 
B7I H8   H  N N 112 
B7I H9   H  N N 113 
B7I H10  H  N N 114 
B7I H11  H  N N 115 
B7I H12  H  N N 116 
B7I H13  H  N N 117 
B7I H14  H  N N 118 
B7I H15  H  N N 119 
B7I H16  H  N N 120 
B7I H17  H  N N 121 
B7I H18  H  N N 122 
B7I H19  H  N N 123 
B7I H20  H  N N 124 
B7I H21  H  N N 125 
B7I H22  H  N N 126 
B7I H23  H  N N 127 
B7I H24  H  N N 128 
B7I H25  H  N N 129 
B7I H27  H  N N 130 
B7I H28  H  N N 131 
B7I H29  H  N N 132 
CA  CA   CA N N 133 
CYS N    N  N N 134 
CYS CA   C  N R 135 
CYS C    C  N N 136 
CYS O    O  N N 137 
CYS CB   C  N N 138 
CYS SG   S  N N 139 
CYS OXT  O  N N 140 
CYS H    H  N N 141 
CYS H2   H  N N 142 
CYS HA   H  N N 143 
CYS HB2  H  N N 144 
CYS HB3  H  N N 145 
CYS HG   H  N N 146 
CYS HXT  H  N N 147 
GLN N    N  N N 148 
GLN CA   C  N S 149 
GLN C    C  N N 150 
GLN O    O  N N 151 
GLN CB   C  N N 152 
GLN CG   C  N N 153 
GLN CD   C  N N 154 
GLN OE1  O  N N 155 
GLN NE2  N  N N 156 
GLN OXT  O  N N 157 
GLN H    H  N N 158 
GLN H2   H  N N 159 
GLN HA   H  N N 160 
GLN HB2  H  N N 161 
GLN HB3  H  N N 162 
GLN HG2  H  N N 163 
GLN HG3  H  N N 164 
GLN HE21 H  N N 165 
GLN HE22 H  N N 166 
GLN HXT  H  N N 167 
GLU N    N  N N 168 
GLU CA   C  N S 169 
GLU C    C  N N 170 
GLU O    O  N N 171 
GLU CB   C  N N 172 
GLU CG   C  N N 173 
GLU CD   C  N N 174 
GLU OE1  O  N N 175 
GLU OE2  O  N N 176 
GLU OXT  O  N N 177 
GLU H    H  N N 178 
GLU H2   H  N N 179 
GLU HA   H  N N 180 
GLU HB2  H  N N 181 
GLU HB3  H  N N 182 
GLU HG2  H  N N 183 
GLU HG3  H  N N 184 
GLU HE2  H  N N 185 
GLU HXT  H  N N 186 
GLY N    N  N N 187 
GLY CA   C  N N 188 
GLY C    C  N N 189 
GLY O    O  N N 190 
GLY OXT  O  N N 191 
GLY H    H  N N 192 
GLY H2   H  N N 193 
GLY HA2  H  N N 194 
GLY HA3  H  N N 195 
GLY HXT  H  N N 196 
HIS N    N  N N 197 
HIS CA   C  N S 198 
HIS C    C  N N 199 
HIS O    O  N N 200 
HIS CB   C  N N 201 
HIS CG   C  Y N 202 
HIS ND1  N  Y N 203 
HIS CD2  C  Y N 204 
HIS CE1  C  Y N 205 
HIS NE2  N  Y N 206 
HIS OXT  O  N N 207 
HIS H    H  N N 208 
HIS H2   H  N N 209 
HIS HA   H  N N 210 
HIS HB2  H  N N 211 
HIS HB3  H  N N 212 
HIS HD1  H  N N 213 
HIS HD2  H  N N 214 
HIS HE1  H  N N 215 
HIS HE2  H  N N 216 
HIS HXT  H  N N 217 
HOH O    O  N N 218 
HOH H1   H  N N 219 
HOH H2   H  N N 220 
ILE N    N  N N 221 
ILE CA   C  N S 222 
ILE C    C  N N 223 
ILE O    O  N N 224 
ILE CB   C  N S 225 
ILE CG1  C  N N 226 
ILE CG2  C  N N 227 
ILE CD1  C  N N 228 
ILE OXT  O  N N 229 
ILE H    H  N N 230 
ILE H2   H  N N 231 
ILE HA   H  N N 232 
ILE HB   H  N N 233 
ILE HG12 H  N N 234 
ILE HG13 H  N N 235 
ILE HG21 H  N N 236 
ILE HG22 H  N N 237 
ILE HG23 H  N N 238 
ILE HD11 H  N N 239 
ILE HD12 H  N N 240 
ILE HD13 H  N N 241 
ILE HXT  H  N N 242 
LEU N    N  N N 243 
LEU CA   C  N S 244 
LEU C    C  N N 245 
LEU O    O  N N 246 
LEU CB   C  N N 247 
LEU CG   C  N N 248 
LEU CD1  C  N N 249 
LEU CD2  C  N N 250 
LEU OXT  O  N N 251 
LEU H    H  N N 252 
LEU H2   H  N N 253 
LEU HA   H  N N 254 
LEU HB2  H  N N 255 
LEU HB3  H  N N 256 
LEU HG   H  N N 257 
LEU HD11 H  N N 258 
LEU HD12 H  N N 259 
LEU HD13 H  N N 260 
LEU HD21 H  N N 261 
LEU HD22 H  N N 262 
LEU HD23 H  N N 263 
LEU HXT  H  N N 264 
LYS N    N  N N 265 
LYS CA   C  N S 266 
LYS C    C  N N 267 
LYS O    O  N N 268 
LYS CB   C  N N 269 
LYS CG   C  N N 270 
LYS CD   C  N N 271 
LYS CE   C  N N 272 
LYS NZ   N  N N 273 
LYS OXT  O  N N 274 
LYS H    H  N N 275 
LYS H2   H  N N 276 
LYS HA   H  N N 277 
LYS HB2  H  N N 278 
LYS HB3  H  N N 279 
LYS HG2  H  N N 280 
LYS HG3  H  N N 281 
LYS HD2  H  N N 282 
LYS HD3  H  N N 283 
LYS HE2  H  N N 284 
LYS HE3  H  N N 285 
LYS HZ1  H  N N 286 
LYS HZ2  H  N N 287 
LYS HZ3  H  N N 288 
LYS HXT  H  N N 289 
MET N    N  N N 290 
MET CA   C  N S 291 
MET C    C  N N 292 
MET O    O  N N 293 
MET CB   C  N N 294 
MET CG   C  N N 295 
MET SD   S  N N 296 
MET CE   C  N N 297 
MET OXT  O  N N 298 
MET H    H  N N 299 
MET H2   H  N N 300 
MET HA   H  N N 301 
MET HB2  H  N N 302 
MET HB3  H  N N 303 
MET HG2  H  N N 304 
MET HG3  H  N N 305 
MET HE1  H  N N 306 
MET HE2  H  N N 307 
MET HE3  H  N N 308 
MET HXT  H  N N 309 
PHE N    N  N N 310 
PHE CA   C  N S 311 
PHE C    C  N N 312 
PHE O    O  N N 313 
PHE CB   C  N N 314 
PHE CG   C  Y N 315 
PHE CD1  C  Y N 316 
PHE CD2  C  Y N 317 
PHE CE1  C  Y N 318 
PHE CE2  C  Y N 319 
PHE CZ   C  Y N 320 
PHE OXT  O  N N 321 
PHE H    H  N N 322 
PHE H2   H  N N 323 
PHE HA   H  N N 324 
PHE HB2  H  N N 325 
PHE HB3  H  N N 326 
PHE HD1  H  N N 327 
PHE HD2  H  N N 328 
PHE HE1  H  N N 329 
PHE HE2  H  N N 330 
PHE HZ   H  N N 331 
PHE HXT  H  N N 332 
SER N    N  N N 333 
SER CA   C  N S 334 
SER C    C  N N 335 
SER O    O  N N 336 
SER CB   C  N N 337 
SER OG   O  N N 338 
SER OXT  O  N N 339 
SER H    H  N N 340 
SER H2   H  N N 341 
SER HA   H  N N 342 
SER HB2  H  N N 343 
SER HB3  H  N N 344 
SER HG   H  N N 345 
SER HXT  H  N N 346 
THR N    N  N N 347 
THR CA   C  N S 348 
THR C    C  N N 349 
THR O    O  N N 350 
THR CB   C  N R 351 
THR OG1  O  N N 352 
THR CG2  C  N N 353 
THR OXT  O  N N 354 
THR H    H  N N 355 
THR H2   H  N N 356 
THR HA   H  N N 357 
THR HB   H  N N 358 
THR HG1  H  N N 359 
THR HG21 H  N N 360 
THR HG22 H  N N 361 
THR HG23 H  N N 362 
THR HXT  H  N N 363 
TYR N    N  N N 364 
TYR CA   C  N S 365 
TYR C    C  N N 366 
TYR O    O  N N 367 
TYR CB   C  N N 368 
TYR CG   C  Y N 369 
TYR CD1  C  Y N 370 
TYR CD2  C  Y N 371 
TYR CE1  C  Y N 372 
TYR CE2  C  Y N 373 
TYR CZ   C  Y N 374 
TYR OH   O  N N 375 
TYR OXT  O  N N 376 
TYR H    H  N N 377 
TYR H2   H  N N 378 
TYR HA   H  N N 379 
TYR HB2  H  N N 380 
TYR HB3  H  N N 381 
TYR HD1  H  N N 382 
TYR HD2  H  N N 383 
TYR HE1  H  N N 384 
TYR HE2  H  N N 385 
TYR HH   H  N N 386 
TYR HXT  H  N N 387 
VAL N    N  N N 388 
VAL CA   C  N S 389 
VAL C    C  N N 390 
VAL O    O  N N 391 
VAL CB   C  N N 392 
VAL CG1  C  N N 393 
VAL CG2  C  N N 394 
VAL OXT  O  N N 395 
VAL H    H  N N 396 
VAL H2   H  N N 397 
VAL HA   H  N N 398 
VAL HB   H  N N 399 
VAL HG11 H  N N 400 
VAL HG12 H  N N 401 
VAL HG13 H  N N 402 
VAL HG21 H  N N 403 
VAL HG22 H  N N 404 
VAL HG23 H  N N 405 
VAL HXT  H  N N 406 
# 
loop_
_chem_comp_bond.comp_id 
_chem_comp_bond.atom_id_1 
_chem_comp_bond.atom_id_2 
_chem_comp_bond.value_order 
_chem_comp_bond.pdbx_aromatic_flag 
_chem_comp_bond.pdbx_stereo_config 
_chem_comp_bond.pdbx_ordinal 
ALA N   CA   sing N N 1   
ALA N   H    sing N N 2   
ALA N   H2   sing N N 3   
ALA CA  C    sing N N 4   
ALA CA  CB   sing N N 5   
ALA CA  HA   sing N N 6   
ALA C   O    doub N N 7   
ALA C   OXT  sing N N 8   
ALA CB  HB1  sing N N 9   
ALA CB  HB2  sing N N 10  
ALA CB  HB3  sing N N 11  
ALA OXT HXT  sing N N 12  
ARG N   CA   sing N N 13  
ARG N   H    sing N N 14  
ARG N   H2   sing N N 15  
ARG CA  C    sing N N 16  
ARG CA  CB   sing N N 17  
ARG CA  HA   sing N N 18  
ARG C   O    doub N N 19  
ARG C   OXT  sing N N 20  
ARG CB  CG   sing N N 21  
ARG CB  HB2  sing N N 22  
ARG CB  HB3  sing N N 23  
ARG CG  CD   sing N N 24  
ARG CG  HG2  sing N N 25  
ARG CG  HG3  sing N N 26  
ARG CD  NE   sing N N 27  
ARG CD  HD2  sing N N 28  
ARG CD  HD3  sing N N 29  
ARG NE  CZ   sing N N 30  
ARG NE  HE   sing N N 31  
ARG CZ  NH1  sing N N 32  
ARG CZ  NH2  doub N N 33  
ARG NH1 HH11 sing N N 34  
ARG NH1 HH12 sing N N 35  
ARG NH2 HH21 sing N N 36  
ARG NH2 HH22 sing N N 37  
ARG OXT HXT  sing N N 38  
ASN N   CA   sing N N 39  
ASN N   H    sing N N 40  
ASN N   H2   sing N N 41  
ASN CA  C    sing N N 42  
ASN CA  CB   sing N N 43  
ASN CA  HA   sing N N 44  
ASN C   O    doub N N 45  
ASN C   OXT  sing N N 46  
ASN CB  CG   sing N N 47  
ASN CB  HB2  sing N N 48  
ASN CB  HB3  sing N N 49  
ASN CG  OD1  doub N N 50  
ASN CG  ND2  sing N N 51  
ASN ND2 HD21 sing N N 52  
ASN ND2 HD22 sing N N 53  
ASN OXT HXT  sing N N 54  
ASP N   CA   sing N N 55  
ASP N   H    sing N N 56  
ASP N   H2   sing N N 57  
ASP CA  C    sing N N 58  
ASP CA  CB   sing N N 59  
ASP CA  HA   sing N N 60  
ASP C   O    doub N N 61  
ASP C   OXT  sing N N 62  
ASP CB  CG   sing N N 63  
ASP CB  HB2  sing N N 64  
ASP CB  HB3  sing N N 65  
ASP CG  OD1  doub N N 66  
ASP CG  OD2  sing N N 67  
ASP OD2 HD2  sing N N 68  
ASP OXT HXT  sing N N 69  
B7I C29 C30  doub Y N 70  
B7I C29 N28  sing Y N 71  
B7I N24 C25  sing Y N 72  
B7I N24 C22  sing Y N 73  
B7I C30 N31  sing Y N 74  
B7I C03 C04  doub Y N 75  
B7I C03 C02  sing Y N 76  
B7I C04 C05  sing Y N 77  
B7I C25 C26  doub Y N 78  
B7I N28 C23  sing Y N 79  
B7I N31 C23  doub Y N 80  
B7I C23 C10  sing N N 81  
B7I C22 C02  sing N N 82  
B7I C22 N27  doub Y N 83  
B7I C02 C01  doub Y N 84  
B7I C09 C10  doub Y N 85  
B7I C09 C08  sing Y N 86  
B7I C05 O13  sing N N 87  
B7I C05 C06  doub Y N 88  
B7I O13 C14  sing N N 89  
B7I C10 C11  sing Y N 90  
B7I C26 N27  sing Y N 91  
B7I C08 C07  doub Y N 92  
B7I C11 C12  doub Y N 93  
B7I C01 C06  sing Y N 94  
B7I C16 C15  sing N N 95  
B7I C16 C17  sing N N 96  
B7I C14 C15  sing N N 97  
B7I C07 C12  sing Y N 98  
B7I C07 O21  sing N N 99  
B7I C19 C20  sing N N 100 
B7I C19 C18  sing N N 101 
B7I C20 O21  sing N N 102 
B7I C17 C18  sing N N 103 
B7I C01 H1   sing N N 104 
B7I C03 H2   sing N N 105 
B7I C04 H3   sing N N 106 
B7I C06 H4   sing N N 107 
B7I C08 H5   sing N N 108 
B7I C09 H6   sing N N 109 
B7I C11 H7   sing N N 110 
B7I C12 H8   sing N N 111 
B7I C14 H9   sing N N 112 
B7I C14 H10  sing N N 113 
B7I C15 H11  sing N N 114 
B7I C15 H12  sing N N 115 
B7I C16 H13  sing N N 116 
B7I C16 H14  sing N N 117 
B7I C17 H15  sing N N 118 
B7I C17 H16  sing N N 119 
B7I C18 H17  sing N N 120 
B7I C18 H18  sing N N 121 
B7I C19 H19  sing N N 122 
B7I C19 H20  sing N N 123 
B7I C20 H21  sing N N 124 
B7I C20 H22  sing N N 125 
B7I N24 H23  sing N N 126 
B7I C25 H24  sing N N 127 
B7I C26 H25  sing N N 128 
B7I N28 H27  sing N N 129 
B7I C29 H28  sing N N 130 
B7I C30 H29  sing N N 131 
CYS N   CA   sing N N 132 
CYS N   H    sing N N 133 
CYS N   H2   sing N N 134 
CYS CA  C    sing N N 135 
CYS CA  CB   sing N N 136 
CYS CA  HA   sing N N 137 
CYS C   O    doub N N 138 
CYS C   OXT  sing N N 139 
CYS CB  SG   sing N N 140 
CYS CB  HB2  sing N N 141 
CYS CB  HB3  sing N N 142 
CYS SG  HG   sing N N 143 
CYS OXT HXT  sing N N 144 
GLN N   CA   sing N N 145 
GLN N   H    sing N N 146 
GLN N   H2   sing N N 147 
GLN CA  C    sing N N 148 
GLN CA  CB   sing N N 149 
GLN CA  HA   sing N N 150 
GLN C   O    doub N N 151 
GLN C   OXT  sing N N 152 
GLN CB  CG   sing N N 153 
GLN CB  HB2  sing N N 154 
GLN CB  HB3  sing N N 155 
GLN CG  CD   sing N N 156 
GLN CG  HG2  sing N N 157 
GLN CG  HG3  sing N N 158 
GLN CD  OE1  doub N N 159 
GLN CD  NE2  sing N N 160 
GLN NE2 HE21 sing N N 161 
GLN NE2 HE22 sing N N 162 
GLN OXT HXT  sing N N 163 
GLU N   CA   sing N N 164 
GLU N   H    sing N N 165 
GLU N   H2   sing N N 166 
GLU CA  C    sing N N 167 
GLU CA  CB   sing N N 168 
GLU CA  HA   sing N N 169 
GLU C   O    doub N N 170 
GLU C   OXT  sing N N 171 
GLU CB  CG   sing N N 172 
GLU CB  HB2  sing N N 173 
GLU CB  HB3  sing N N 174 
GLU CG  CD   sing N N 175 
GLU CG  HG2  sing N N 176 
GLU CG  HG3  sing N N 177 
GLU CD  OE1  doub N N 178 
GLU CD  OE2  sing N N 179 
GLU OE2 HE2  sing N N 180 
GLU OXT HXT  sing N N 181 
GLY N   CA   sing N N 182 
GLY N   H    sing N N 183 
GLY N   H2   sing N N 184 
GLY CA  C    sing N N 185 
GLY CA  HA2  sing N N 186 
GLY CA  HA3  sing N N 187 
GLY C   O    doub N N 188 
GLY C   OXT  sing N N 189 
GLY OXT HXT  sing N N 190 
HIS N   CA   sing N N 191 
HIS N   H    sing N N 192 
HIS N   H2   sing N N 193 
HIS CA  C    sing N N 194 
HIS CA  CB   sing N N 195 
HIS CA  HA   sing N N 196 
HIS C   O    doub N N 197 
HIS C   OXT  sing N N 198 
HIS CB  CG   sing N N 199 
HIS CB  HB2  sing N N 200 
HIS CB  HB3  sing N N 201 
HIS CG  ND1  sing Y N 202 
HIS CG  CD2  doub Y N 203 
HIS ND1 CE1  doub Y N 204 
HIS ND1 HD1  sing N N 205 
HIS CD2 NE2  sing Y N 206 
HIS CD2 HD2  sing N N 207 
HIS CE1 NE2  sing Y N 208 
HIS CE1 HE1  sing N N 209 
HIS NE2 HE2  sing N N 210 
HIS OXT HXT  sing N N 211 
HOH O   H1   sing N N 212 
HOH O   H2   sing N N 213 
ILE N   CA   sing N N 214 
ILE N   H    sing N N 215 
ILE N   H2   sing N N 216 
ILE CA  C    sing N N 217 
ILE CA  CB   sing N N 218 
ILE CA  HA   sing N N 219 
ILE C   O    doub N N 220 
ILE C   OXT  sing N N 221 
ILE CB  CG1  sing N N 222 
ILE CB  CG2  sing N N 223 
ILE CB  HB   sing N N 224 
ILE CG1 CD1  sing N N 225 
ILE CG1 HG12 sing N N 226 
ILE CG1 HG13 sing N N 227 
ILE CG2 HG21 sing N N 228 
ILE CG2 HG22 sing N N 229 
ILE CG2 HG23 sing N N 230 
ILE CD1 HD11 sing N N 231 
ILE CD1 HD12 sing N N 232 
ILE CD1 HD13 sing N N 233 
ILE OXT HXT  sing N N 234 
LEU N   CA   sing N N 235 
LEU N   H    sing N N 236 
LEU N   H2   sing N N 237 
LEU CA  C    sing N N 238 
LEU CA  CB   sing N N 239 
LEU CA  HA   sing N N 240 
LEU C   O    doub N N 241 
LEU C   OXT  sing N N 242 
LEU CB  CG   sing N N 243 
LEU CB  HB2  sing N N 244 
LEU CB  HB3  sing N N 245 
LEU CG  CD1  sing N N 246 
LEU CG  CD2  sing N N 247 
LEU CG  HG   sing N N 248 
LEU CD1 HD11 sing N N 249 
LEU CD1 HD12 sing N N 250 
LEU CD1 HD13 sing N N 251 
LEU CD2 HD21 sing N N 252 
LEU CD2 HD22 sing N N 253 
LEU CD2 HD23 sing N N 254 
LEU OXT HXT  sing N N 255 
LYS N   CA   sing N N 256 
LYS N   H    sing N N 257 
LYS N   H2   sing N N 258 
LYS CA  C    sing N N 259 
LYS CA  CB   sing N N 260 
LYS CA  HA   sing N N 261 
LYS C   O    doub N N 262 
LYS C   OXT  sing N N 263 
LYS CB  CG   sing N N 264 
LYS CB  HB2  sing N N 265 
LYS CB  HB3  sing N N 266 
LYS CG  CD   sing N N 267 
LYS CG  HG2  sing N N 268 
LYS CG  HG3  sing N N 269 
LYS CD  CE   sing N N 270 
LYS CD  HD2  sing N N 271 
LYS CD  HD3  sing N N 272 
LYS CE  NZ   sing N N 273 
LYS CE  HE2  sing N N 274 
LYS CE  HE3  sing N N 275 
LYS NZ  HZ1  sing N N 276 
LYS NZ  HZ2  sing N N 277 
LYS NZ  HZ3  sing N N 278 
LYS OXT HXT  sing N N 279 
MET N   CA   sing N N 280 
MET N   H    sing N N 281 
MET N   H2   sing N N 282 
MET CA  C    sing N N 283 
MET CA  CB   sing N N 284 
MET CA  HA   sing N N 285 
MET C   O    doub N N 286 
MET C   OXT  sing N N 287 
MET CB  CG   sing N N 288 
MET CB  HB2  sing N N 289 
MET CB  HB3  sing N N 290 
MET CG  SD   sing N N 291 
MET CG  HG2  sing N N 292 
MET CG  HG3  sing N N 293 
MET SD  CE   sing N N 294 
MET CE  HE1  sing N N 295 
MET CE  HE2  sing N N 296 
MET CE  HE3  sing N N 297 
MET OXT HXT  sing N N 298 
PHE N   CA   sing N N 299 
PHE N   H    sing N N 300 
PHE N   H2   sing N N 301 
PHE CA  C    sing N N 302 
PHE CA  CB   sing N N 303 
PHE CA  HA   sing N N 304 
PHE C   O    doub N N 305 
PHE C   OXT  sing N N 306 
PHE CB  CG   sing N N 307 
PHE CB  HB2  sing N N 308 
PHE CB  HB3  sing N N 309 
PHE CG  CD1  doub Y N 310 
PHE CG  CD2  sing Y N 311 
PHE CD1 CE1  sing Y N 312 
PHE CD1 HD1  sing N N 313 
PHE CD2 CE2  doub Y N 314 
PHE CD2 HD2  sing N N 315 
PHE CE1 CZ   doub Y N 316 
PHE CE1 HE1  sing N N 317 
PHE CE2 CZ   sing Y N 318 
PHE CE2 HE2  sing N N 319 
PHE CZ  HZ   sing N N 320 
PHE OXT HXT  sing N N 321 
SER N   CA   sing N N 322 
SER N   H    sing N N 323 
SER N   H2   sing N N 324 
SER CA  C    sing N N 325 
SER CA  CB   sing N N 326 
SER CA  HA   sing N N 327 
SER C   O    doub N N 328 
SER C   OXT  sing N N 329 
SER CB  OG   sing N N 330 
SER CB  HB2  sing N N 331 
SER CB  HB3  sing N N 332 
SER OG  HG   sing N N 333 
SER OXT HXT  sing N N 334 
THR N   CA   sing N N 335 
THR N   H    sing N N 336 
THR N   H2   sing N N 337 
THR CA  C    sing N N 338 
THR CA  CB   sing N N 339 
THR CA  HA   sing N N 340 
THR C   O    doub N N 341 
THR C   OXT  sing N N 342 
THR CB  OG1  sing N N 343 
THR CB  CG2  sing N N 344 
THR CB  HB   sing N N 345 
THR OG1 HG1  sing N N 346 
THR CG2 HG21 sing N N 347 
THR CG2 HG22 sing N N 348 
THR CG2 HG23 sing N N 349 
THR OXT HXT  sing N N 350 
TYR N   CA   sing N N 351 
TYR N   H    sing N N 352 
TYR N   H2   sing N N 353 
TYR CA  C    sing N N 354 
TYR CA  CB   sing N N 355 
TYR CA  HA   sing N N 356 
TYR C   O    doub N N 357 
TYR C   OXT  sing N N 358 
TYR CB  CG   sing N N 359 
TYR CB  HB2  sing N N 360 
TYR CB  HB3  sing N N 361 
TYR CG  CD1  doub Y N 362 
TYR CG  CD2  sing Y N 363 
TYR CD1 CE1  sing Y N 364 
TYR CD1 HD1  sing N N 365 
TYR CD2 CE2  doub Y N 366 
TYR CD2 HD2  sing N N 367 
TYR CE1 CZ   doub Y N 368 
TYR CE1 HE1  sing N N 369 
TYR CE2 CZ   sing Y N 370 
TYR CE2 HE2  sing N N 371 
TYR CZ  OH   sing N N 372 
TYR OH  HH   sing N N 373 
TYR OXT HXT  sing N N 374 
VAL N   CA   sing N N 375 
VAL N   H    sing N N 376 
VAL N   H2   sing N N 377 
VAL CA  C    sing N N 378 
VAL CA  CB   sing N N 379 
VAL CA  HA   sing N N 380 
VAL C   O    doub N N 381 
VAL C   OXT  sing N N 382 
VAL CB  CG1  sing N N 383 
VAL CB  CG2  sing N N 384 
VAL CB  HB   sing N N 385 
VAL CG1 HG11 sing N N 386 
VAL CG1 HG12 sing N N 387 
VAL CG1 HG13 sing N N 388 
VAL CG2 HG21 sing N N 389 
VAL CG2 HG22 sing N N 390 
VAL CG2 HG23 sing N N 391 
VAL OXT HXT  sing N N 392 
# 
loop_
_pdbx_audit_support.funding_organization 
_pdbx_audit_support.country 
_pdbx_audit_support.grant_number 
_pdbx_audit_support.ordinal 
'National Institutes of Health/National Cancer Institute (NIH/NCI)'                        'United States' CA154274 1 
'National Institutes of Health/National Institute of General Medical Sciences (NIH/NIGMS)' 'United States' GM58888  2 
'National Institutes of Health/National Cancer Institute (NIH/NCI)'                        'United States' CA107331 3 
# 
loop_
_pdbx_entity_nonpoly.entity_id 
_pdbx_entity_nonpoly.name 
_pdbx_entity_nonpoly.comp_id 
2 'CALCIUM ION'                                                      CA  
3 "2,2'-[heptane-1,7-diylbis(oxybenzene-4,1-diyl)]bis(1H-imidazole)" B7I 
4 water                                                              HOH 
# 
_pdbx_initial_refinement_model.id               1 
_pdbx_initial_refinement_model.entity_id_list   ? 
_pdbx_initial_refinement_model.type             'experimental model' 
_pdbx_initial_refinement_model.source_name      PDB 
_pdbx_initial_refinement_model.accession_code   1MHO 
_pdbx_initial_refinement_model.details          ? 
# 
